data_5ENS
#
_entry.id   5ENS
#
_cell.length_a   108.652
_cell.length_b   145.245
_cell.length_c   174.148
_cell.angle_alpha   90.00
_cell.angle_beta   90.00
_cell.angle_gamma   90.00
#
_symmetry.space_group_name_H-M   'P 21 21 21'
#
loop_
_entity.id
_entity.type
_entity.pdbx_description
1 polymer 'Multidrug efflux pump subunit AcrB,Multidrug efflux pump subunit AcrB'
2 polymer DARPin
3 non-polymer 'RHODAMINE 6G'
4 water water
#
loop_
_entity_poly.entity_id
_entity_poly.type
_entity_poly.pdbx_seq_one_letter_code
_entity_poly.pdbx_strand_id
1 'polypeptide(L)'
;APPAVTISASYPGADAKTVQDTVTQVIEQNMNGIDNLMYMSSNSDSTGTVQITLTFESGTDADIAQVQVQNKLQLAMPLL
PQEVQQQGVSVEKSSSSFLMVVGVINTDGTMTQEDISDYVAANMKDAISRTSGVGDVQLFGSQYAMRIWMNPNELNKFQL
TPVDVITAIKAQNAQVAAGQLGGTPPVKGQQLNASIIAQTRLTSTEEFGKILLKVNQDGSRVLLRDVAKIELGGENYDII
AEFNGQPASGLGIKLATGANALDTAAAIRAELAKMEPFFPSGLKIVYPYDTGGSGGSGGSSSFLPDEDQGVFMTMVQLPA
GATQERTQKVLNEVTHYYLTKEKNNVESVFAVNGFGFAGRGQNTGIAFVSLKDWADRPGEENKVEAITMRATRAFSQIKD
AMVFAFNLPAIVELGTATGFDFELIDQAGLGHEKLTQARNQLLAEAAKHPDMLTSVRPNGLEDTPQFKIDIDQEKAQALG
VSINDINTTLGAAWGGSYVNDFIDRGRVKKVYVMSEAKYRMLPDDIGDWYVRAADGQMVPFSAFSSSRWEYGSPRLERYN
GLPSMEILGQAAPGKSTGEAMELMEQLASKLPTGVGYDWTGMSYQERLS
;
A,B,C
2 'polypeptide(L)'
;MRGSHHHHHHGSDLGKKLLEAARAGRDDEVRILMANGADVNAADVVGWTPLHLAAYWGHLEIVEVLLKNGADVNAYDTLG
STPLHLAAHFGHLEIVEVLLKNGADVNAKDDNGITPLHLAANRGHLEIVEVLLKYGADVNAQDKFGKTAFDISINNGNED
LAEILQKLN
;
D,E,F
#
# COMPACT_ATOMS: atom_id res chain seq x y z
N ALA A 1 -26.06 20.91 13.55
CA ALA A 1 -25.96 19.72 14.45
C ALA A 1 -24.46 19.49 14.86
N PRO A 2 -24.09 18.29 15.38
CA PRO A 2 -22.67 18.11 15.72
C PRO A 2 -21.84 17.74 14.47
N PRO A 3 -20.53 18.04 14.46
CA PRO A 3 -19.70 17.70 13.31
C PRO A 3 -19.46 16.17 13.14
N ALA A 4 -19.44 15.73 11.89
CA ALA A 4 -19.32 14.34 11.52
C ALA A 4 -18.27 14.13 10.45
N VAL A 5 -17.38 13.16 10.70
CA VAL A 5 -16.49 12.62 9.70
C VAL A 5 -17.06 11.29 9.21
N THR A 6 -16.92 11.04 7.90
CA THR A 6 -17.52 9.91 7.19
C THR A 6 -16.45 9.22 6.36
N ILE A 7 -16.26 7.94 6.65
CA ILE A 7 -15.36 7.08 5.88
C ILE A 7 -16.26 6.34 4.96
N SER A 8 -15.93 6.33 3.69
CA SER A 8 -16.73 5.67 2.67
C SER A 8 -15.83 4.80 1.84
N ALA A 9 -16.19 3.53 1.70
CA ALA A 9 -15.43 2.59 0.87
C ALA A 9 -16.35 1.83 -0.02
N SER A 10 -15.82 1.21 -1.06
CA SER A 10 -16.67 0.50 -2.03
C SER A 10 -15.96 -0.76 -2.44
N TYR A 11 -16.73 -1.85 -2.51
CA TYR A 11 -16.23 -3.19 -2.85
C TYR A 11 -17.14 -3.83 -3.90
N PRO A 12 -16.85 -3.64 -5.20
CA PRO A 12 -17.79 -4.06 -6.25
C PRO A 12 -18.03 -5.56 -6.28
N GLY A 13 -19.29 -5.95 -6.26
CA GLY A 13 -19.67 -7.36 -6.33
C GLY A 13 -19.82 -7.98 -4.96
N ALA A 14 -19.71 -7.18 -3.91
CA ALA A 14 -19.75 -7.70 -2.55
C ALA A 14 -21.14 -7.55 -1.92
N ASP A 15 -21.52 -8.61 -1.21
CA ASP A 15 -22.68 -8.66 -0.33
C ASP A 15 -22.38 -7.98 1.00
N ALA A 16 -23.47 -7.68 1.74
CA ALA A 16 -23.36 -6.90 2.96
C ALA A 16 -22.44 -7.55 3.95
N LYS A 17 -22.52 -8.88 4.07
CA LYS A 17 -21.72 -9.58 5.09
C LYS A 17 -20.20 -9.58 4.81
N THR A 18 -19.87 -9.81 3.54
CA THR A 18 -18.52 -9.75 3.06
C THR A 18 -17.98 -8.36 3.25
N VAL A 19 -18.79 -7.37 2.95
CA VAL A 19 -18.36 -5.99 3.14
C VAL A 19 -17.97 -5.75 4.61
N GLN A 20 -18.91 -6.08 5.50
CA GLN A 20 -18.77 -5.89 6.96
C GLN A 20 -17.52 -6.54 7.53
N ASP A 21 -17.33 -7.81 7.19
CA ASP A 21 -16.31 -8.63 7.83
C ASP A 21 -14.90 -8.49 7.22
N THR A 22 -14.84 -7.86 6.06
CA THR A 22 -13.63 -7.71 5.27
C THR A 22 -13.16 -6.25 5.22
N VAL A 23 -14.06 -5.30 5.50
CA VAL A 23 -13.78 -3.86 5.34
C VAL A 23 -14.20 -3.10 6.56
N THR A 24 -15.49 -3.12 6.88
CA THR A 24 -16.00 -2.37 8.01
C THR A 24 -15.37 -2.71 9.37
N GLN A 25 -15.41 -3.98 9.75
CA GLN A 25 -14.90 -4.39 11.06
C GLN A 25 -13.45 -4.01 11.25
N VAL A 26 -12.64 -4.29 10.24
CA VAL A 26 -11.22 -3.98 10.29
C VAL A 26 -10.98 -2.47 10.49
N ILE A 27 -11.69 -1.62 9.75
CA ILE A 27 -11.56 -0.18 9.95
C ILE A 27 -11.97 0.20 11.37
N GLU A 28 -13.21 -0.16 11.72
CA GLU A 28 -13.79 0.10 13.06
C GLU A 28 -12.84 -0.17 14.20
N GLN A 29 -12.23 -1.34 14.23
CA GLN A 29 -11.34 -1.73 15.35
C GLN A 29 -10.19 -0.76 15.64
N ASN A 30 -9.84 0.08 14.68
CA ASN A 30 -8.80 1.04 14.85
C ASN A 30 -9.32 2.43 15.20
N MET A 31 -10.65 2.60 15.23
CA MET A 31 -11.28 3.91 15.52
C MET A 31 -11.39 4.17 17.05
N ASN A 32 -10.26 4.39 17.69
CA ASN A 32 -10.18 4.73 19.13
C ASN A 32 -8.91 5.54 19.32
N GLY A 33 -8.84 6.27 20.43
CA GLY A 33 -7.82 7.31 20.59
C GLY A 33 -8.05 8.48 19.63
N ILE A 34 -9.34 8.76 19.42
CA ILE A 34 -9.81 9.88 18.63
C ILE A 34 -10.49 10.79 19.64
N ASP A 35 -9.98 12.01 19.76
CA ASP A 35 -10.47 12.97 20.75
C ASP A 35 -11.87 13.47 20.37
N ASN A 36 -12.66 13.77 21.41
CA ASN A 36 -14.02 14.32 21.31
C ASN A 36 -15.05 13.46 20.55
N LEU A 37 -14.86 12.16 20.52
CA LEU A 37 -15.79 11.27 19.81
C LEU A 37 -17.03 10.94 20.65
N MET A 38 -18.20 11.35 20.19
CA MET A 38 -19.42 11.03 20.88
C MET A 38 -19.81 9.62 20.58
N TYR A 39 -19.93 9.29 19.28
CA TYR A 39 -20.28 7.94 18.85
C TYR A 39 -19.94 7.67 17.39
N MET A 40 -20.05 6.39 17.04
CA MET A 40 -19.71 5.89 15.75
C MET A 40 -20.77 4.93 15.29
N SER A 41 -21.23 5.07 14.06
CA SER A 41 -22.18 4.13 13.46
C SER A 41 -21.74 3.74 12.07
N SER A 42 -22.25 2.61 11.54
CA SER A 42 -21.90 2.24 10.18
C SER A 42 -22.92 1.32 9.50
N ASN A 43 -23.14 1.49 8.19
CA ASN A 43 -23.84 0.48 7.38
C ASN A 43 -22.94 -0.23 6.38
N SER A 44 -23.14 -1.53 6.25
CA SER A 44 -22.55 -2.33 5.20
C SER A 44 -23.63 -2.90 4.29
N ASP A 45 -23.67 -2.48 3.03
CA ASP A 45 -24.74 -2.82 2.04
C ASP A 45 -24.37 -3.96 1.09
N SER A 46 -25.37 -4.55 0.44
CA SER A 46 -25.14 -5.57 -0.59
C SER A 46 -24.96 -4.94 -1.97
N THR A 47 -25.03 -3.61 -2.01
CA THR A 47 -24.49 -2.80 -3.11
C THR A 47 -22.98 -2.71 -3.08
N GLY A 48 -22.36 -3.35 -2.09
CA GLY A 48 -20.92 -3.39 -1.97
C GLY A 48 -20.33 -2.14 -1.36
N THR A 49 -21.01 -1.50 -0.40
CA THR A 49 -20.61 -0.19 0.11
C THR A 49 -20.61 -0.14 1.63
N VAL A 50 -19.65 0.60 2.20
CA VAL A 50 -19.59 0.90 3.64
C VAL A 50 -19.61 2.38 3.80
N GLN A 51 -20.22 2.81 4.90
CA GLN A 51 -20.27 4.19 5.28
C GLN A 51 -20.18 4.21 6.80
N ILE A 52 -19.00 4.55 7.30
CA ILE A 52 -18.78 4.69 8.73
C ILE A 52 -18.91 6.16 9.02
N THR A 53 -19.82 6.51 9.93
CA THR A 53 -20.01 7.89 10.33
C THR A 53 -19.49 8.03 11.74
N LEU A 54 -18.59 9.00 11.95
CA LEU A 54 -18.08 9.32 13.30
C LEU A 54 -18.53 10.71 13.66
N THR A 55 -19.27 10.83 14.76
CA THR A 55 -19.95 12.05 15.15
C THR A 55 -19.26 12.61 16.39
N PHE A 56 -18.98 13.91 16.39
CA PHE A 56 -18.17 14.54 17.44
C PHE A 56 -18.90 15.59 18.30
N GLU A 57 -18.26 16.01 19.40
CA GLU A 57 -18.79 17.07 20.27
C GLU A 57 -18.94 18.35 19.44
N SER A 58 -19.87 19.22 19.84
CA SER A 58 -19.98 20.56 19.27
C SER A 58 -18.79 21.37 19.73
N GLY A 59 -18.31 22.22 18.83
CA GLY A 59 -17.07 22.97 19.04
C GLY A 59 -15.80 22.20 18.72
N THR A 60 -15.91 20.93 18.28
CA THR A 60 -14.75 20.14 17.87
C THR A 60 -14.20 20.64 16.53
N ASP A 61 -12.88 20.84 16.47
CA ASP A 61 -12.25 21.31 15.23
C ASP A 61 -12.37 20.25 14.11
N ALA A 62 -13.22 20.49 13.11
CA ALA A 62 -13.49 19.48 12.08
C ALA A 62 -12.25 19.03 11.29
N ASP A 63 -11.32 19.96 11.01
CA ASP A 63 -10.05 19.63 10.33
C ASP A 63 -9.23 18.60 11.12
N ILE A 64 -9.13 18.80 12.45
CA ILE A 64 -8.43 17.90 13.41
C ILE A 64 -9.13 16.53 13.53
N ALA A 65 -10.46 16.54 13.57
CA ALA A 65 -11.22 15.31 13.63
C ALA A 65 -10.98 14.47 12.40
N GLN A 66 -10.96 15.11 11.23
CA GLN A 66 -10.72 14.40 9.98
C GLN A 66 -9.33 13.81 9.94
N VAL A 67 -8.35 14.55 10.46
CA VAL A 67 -6.98 14.05 10.53
C VAL A 67 -6.90 12.86 11.50
N GLN A 68 -7.46 12.99 12.69
CA GLN A 68 -7.47 11.88 13.64
C GLN A 68 -8.15 10.61 13.13
N VAL A 69 -9.23 10.78 12.35
CA VAL A 69 -9.99 9.66 11.82
C VAL A 69 -9.17 8.99 10.75
N GLN A 70 -8.52 9.80 9.91
CA GLN A 70 -7.76 9.26 8.81
C GLN A 70 -6.46 8.61 9.26
N ASN A 71 -5.75 9.28 10.16
CA ASN A 71 -4.59 8.70 10.84
C ASN A 71 -4.88 7.29 11.39
N LYS A 72 -6.09 7.05 11.87
CA LYS A 72 -6.48 5.72 12.35
C LYS A 72 -6.91 4.79 11.24
N LEU A 73 -7.60 5.34 10.25
CA LEU A 73 -7.94 4.56 9.06
C LEU A 73 -6.67 3.96 8.44
N GLN A 74 -5.56 4.72 8.40
CA GLN A 74 -4.31 4.22 7.78
C GLN A 74 -3.77 2.94 8.42
N LEU A 75 -4.06 2.73 9.68
CA LEU A 75 -3.70 1.49 10.33
C LEU A 75 -4.34 0.26 9.66
N ALA A 76 -5.51 0.44 9.04
CA ALA A 76 -6.25 -0.68 8.45
C ALA A 76 -6.13 -0.81 6.92
N MET A 77 -5.82 0.29 6.25
CA MET A 77 -5.66 0.33 4.78
C MET A 77 -4.90 -0.87 4.23
N PRO A 78 -3.72 -1.23 4.80
CA PRO A 78 -3.03 -2.44 4.30
C PRO A 78 -3.74 -3.78 4.54
N LEU A 79 -4.74 -3.84 5.40
CA LEU A 79 -5.46 -5.09 5.65
C LEU A 79 -6.74 -5.19 4.86
N LEU A 80 -7.10 -4.14 4.13
CA LEU A 80 -8.30 -4.13 3.33
C LEU A 80 -8.02 -4.84 2.03
N PRO A 81 -9.05 -5.46 1.44
CA PRO A 81 -8.80 -6.11 0.15
C PRO A 81 -8.30 -5.14 -0.89
N GLN A 82 -7.47 -5.64 -1.81
CA GLN A 82 -6.82 -4.78 -2.78
C GLN A 82 -7.92 -4.14 -3.61
N GLU A 83 -8.97 -4.90 -3.91
CA GLU A 83 -10.12 -4.41 -4.68
C GLU A 83 -10.81 -3.15 -4.11
N VAL A 84 -10.73 -2.99 -2.79
CA VAL A 84 -11.29 -1.84 -2.06
C VAL A 84 -10.32 -0.68 -2.12
N GLN A 85 -9.07 -0.96 -1.84
CA GLN A 85 -8.04 0.08 -1.89
C GLN A 85 -8.03 0.88 -3.20
N GLN A 86 -8.18 0.13 -4.30
CA GLN A 86 -8.14 0.64 -5.66
C GLN A 86 -9.32 1.52 -6.05
N GLN A 87 -10.48 1.27 -5.44
CA GLN A 87 -11.65 2.13 -5.66
C GLN A 87 -11.48 3.49 -5.03
N GLY A 88 -10.60 3.59 -4.05
CA GLY A 88 -10.27 4.85 -3.42
C GLY A 88 -11.19 4.99 -2.25
N VAL A 89 -10.64 4.88 -1.05
CA VAL A 89 -11.39 5.06 0.16
C VAL A 89 -11.40 6.57 0.36
N SER A 90 -12.49 7.11 0.90
CA SER A 90 -12.58 8.55 1.05
C SER A 90 -12.89 8.91 2.51
N VAL A 91 -12.33 10.03 2.97
CA VAL A 91 -12.64 10.59 4.28
C VAL A 91 -13.07 12.03 4.08
N GLU A 92 -14.28 12.35 4.51
CA GLU A 92 -14.92 13.62 4.19
C GLU A 92 -15.54 14.15 5.43
N LYS A 93 -15.72 15.46 5.46
CA LYS A 93 -16.18 16.16 6.66
C LYS A 93 -17.24 17.15 6.22
N SER A 94 -18.47 16.67 6.10
CA SER A 94 -19.55 17.47 5.53
C SER A 94 -20.79 17.29 6.35
N SER A 95 -21.75 18.18 6.14
CA SER A 95 -23.08 17.98 6.66
C SER A 95 -23.71 16.83 5.91
N SER A 96 -24.68 16.20 6.55
CA SER A 96 -25.34 15.00 6.01
C SER A 96 -26.23 15.31 4.81
N SER A 97 -26.82 16.51 4.77
CA SER A 97 -27.74 16.92 3.69
C SER A 97 -27.08 17.81 2.62
N PHE A 98 -27.80 17.96 1.51
CA PHE A 98 -27.30 18.74 0.37
C PHE A 98 -27.48 20.24 0.64
N LEU A 99 -26.53 21.02 0.16
CA LEU A 99 -26.60 22.48 0.08
C LEU A 99 -27.32 22.90 -1.22
N MET A 100 -27.04 22.18 -2.30
CA MET A 100 -27.65 22.45 -3.60
C MET A 100 -27.50 21.25 -4.53
N VAL A 101 -28.28 21.25 -5.61
CA VAL A 101 -28.14 20.27 -6.69
C VAL A 101 -27.95 21.07 -7.96
N VAL A 102 -26.94 20.64 -8.71
CA VAL A 102 -26.63 21.19 -10.01
C VAL A 102 -27.09 20.11 -10.98
N GLY A 103 -28.06 20.46 -11.81
CA GLY A 103 -28.64 19.53 -12.76
C GLY A 103 -28.13 19.78 -14.15
N VAL A 104 -28.11 18.74 -14.99
CA VAL A 104 -27.62 18.88 -16.34
C VAL A 104 -28.51 18.11 -17.29
N ILE A 105 -28.95 18.77 -18.35
CA ILE A 105 -29.84 18.17 -19.33
C ILE A 105 -29.25 18.39 -20.72
N ASN A 106 -29.95 17.90 -21.76
CA ASN A 106 -29.61 18.25 -23.11
C ASN A 106 -30.84 18.65 -23.88
N THR A 107 -31.00 19.95 -24.08
CA THR A 107 -32.16 20.52 -24.77
C THR A 107 -32.31 20.09 -26.23
N ASP A 108 -31.27 19.60 -26.87
CA ASP A 108 -31.42 19.01 -28.21
C ASP A 108 -31.63 17.49 -28.16
N GLY A 109 -31.95 16.90 -26.98
CA GLY A 109 -32.06 15.43 -26.83
C GLY A 109 -31.07 14.51 -27.56
N THR A 110 -29.86 15.03 -27.90
CA THR A 110 -28.83 14.31 -28.68
C THR A 110 -27.89 13.47 -27.82
N MET A 111 -28.08 13.52 -26.50
CA MET A 111 -27.25 12.84 -25.50
C MET A 111 -28.15 12.11 -24.52
N THR A 112 -27.98 10.79 -24.43
CA THR A 112 -28.64 10.04 -23.38
C THR A 112 -28.12 10.44 -22.02
N GLN A 113 -28.87 10.02 -21.04
CA GLN A 113 -28.48 10.01 -19.64
C GLN A 113 -27.07 9.50 -19.33
N GLU A 114 -26.72 8.36 -19.93
CA GLU A 114 -25.41 7.76 -19.76
C GLU A 114 -24.32 8.72 -20.19
N ASP A 115 -24.47 9.27 -21.41
CA ASP A 115 -23.64 10.37 -21.96
C ASP A 115 -23.54 11.58 -21.04
N ILE A 116 -24.68 12.12 -20.64
CA ILE A 116 -24.72 13.32 -19.80
C ILE A 116 -23.97 13.07 -18.50
N SER A 117 -24.17 11.89 -17.92
CA SER A 117 -23.51 11.51 -16.69
C SER A 117 -21.99 11.38 -16.90
N ASP A 118 -21.57 10.86 -18.05
CA ASP A 118 -20.13 10.84 -18.40
C ASP A 118 -19.53 12.21 -18.68
N TYR A 119 -20.32 13.13 -19.22
CA TYR A 119 -19.78 14.45 -19.43
C TYR A 119 -19.61 15.13 -18.08
N VAL A 120 -20.61 15.06 -17.21
CA VAL A 120 -20.50 15.75 -15.91
C VAL A 120 -19.34 15.17 -15.09
N ALA A 121 -19.18 13.84 -15.14
CA ALA A 121 -18.16 13.14 -14.37
C ALA A 121 -16.73 13.48 -14.76
N ALA A 122 -16.52 13.68 -16.06
CA ALA A 122 -15.17 13.82 -16.63
C ALA A 122 -14.73 15.26 -16.88
N ASN A 123 -15.69 16.15 -17.07
CA ASN A 123 -15.42 17.56 -17.36
C ASN A 123 -15.84 18.53 -16.28
N MET A 124 -16.73 18.13 -15.37
CA MET A 124 -17.26 19.05 -14.34
C MET A 124 -17.05 18.66 -12.88
N LYS A 125 -17.13 17.37 -12.55
CA LYS A 125 -17.18 16.89 -11.13
C LYS A 125 -15.97 17.24 -10.26
N ASP A 126 -14.78 17.05 -10.85
CA ASP A 126 -13.52 17.23 -10.14
C ASP A 126 -13.29 18.67 -9.72
N ALA A 127 -13.39 19.56 -10.69
CA ALA A 127 -13.23 20.99 -10.44
C ALA A 127 -14.16 21.46 -9.29
N ILE A 128 -15.40 21.02 -9.32
CA ILE A 128 -16.35 21.30 -8.27
C ILE A 128 -15.91 20.71 -6.94
N SER A 129 -15.51 19.43 -6.94
CA SER A 129 -15.00 18.77 -5.74
C SER A 129 -13.77 19.46 -5.12
N ARG A 130 -12.99 20.16 -5.93
CA ARG A 130 -11.81 20.87 -5.44
C ARG A 130 -12.13 22.24 -4.89
N THR A 131 -13.29 22.78 -5.27
CA THR A 131 -13.74 24.09 -4.80
C THR A 131 -13.82 24.09 -3.30
N SER A 132 -13.33 25.14 -2.66
CA SER A 132 -13.31 25.21 -1.20
C SER A 132 -14.72 25.39 -0.66
N GLY A 133 -14.98 24.75 0.48
CA GLY A 133 -16.32 24.70 1.09
C GLY A 133 -17.13 23.47 0.68
N VAL A 134 -16.70 22.79 -0.38
CA VAL A 134 -17.39 21.65 -0.88
C VAL A 134 -16.90 20.45 -0.06
N GLY A 135 -17.76 19.98 0.84
CA GLY A 135 -17.47 18.83 1.70
C GLY A 135 -17.50 17.50 0.96
N ASP A 136 -18.63 17.21 0.31
CA ASP A 136 -18.91 15.95 -0.38
C ASP A 136 -19.66 16.23 -1.70
N VAL A 137 -19.37 15.46 -2.74
CA VAL A 137 -20.03 15.63 -4.02
C VAL A 137 -20.46 14.25 -4.53
N GLN A 138 -21.73 14.15 -4.89
CA GLN A 138 -22.35 12.91 -5.26
C GLN A 138 -22.85 13.05 -6.71
N LEU A 139 -22.27 12.27 -7.60
CA LEU A 139 -22.69 12.24 -8.99
C LEU A 139 -23.96 11.41 -9.11
N PHE A 140 -25.00 12.01 -9.66
CA PHE A 140 -26.24 11.30 -9.96
C PHE A 140 -26.10 10.60 -11.34
N GLY A 141 -25.38 9.48 -11.34
CA GLY A 141 -25.02 8.78 -12.56
C GLY A 141 -23.67 8.14 -12.35
N SER A 142 -23.01 7.82 -13.46
CA SER A 142 -21.69 7.21 -13.40
C SER A 142 -20.86 7.49 -14.62
N GLN A 143 -19.60 7.84 -14.37
CA GLN A 143 -18.60 8.02 -15.40
C GLN A 143 -18.48 6.79 -16.25
N TYR A 144 -18.18 6.98 -17.51
CA TYR A 144 -17.96 5.84 -18.38
C TYR A 144 -16.77 4.99 -17.89
N ALA A 145 -16.84 3.73 -18.23
CA ALA A 145 -15.75 2.83 -18.18
C ALA A 145 -15.73 2.08 -19.51
N MET A 146 -14.65 1.35 -19.76
CA MET A 146 -14.64 0.49 -20.91
C MET A 146 -15.32 -0.76 -20.41
N ARG A 147 -16.47 -1.09 -20.99
CA ARG A 147 -17.22 -2.30 -20.59
C ARG A 147 -16.93 -3.43 -21.55
N ILE A 148 -16.30 -4.49 -21.03
CA ILE A 148 -16.18 -5.76 -21.73
C ILE A 148 -17.33 -6.60 -21.20
N TRP A 149 -18.39 -6.73 -22.00
CA TRP A 149 -19.52 -7.60 -21.67
C TRP A 149 -19.28 -9.01 -22.24
N MET A 150 -18.77 -9.92 -21.43
CA MET A 150 -18.46 -11.28 -21.88
C MET A 150 -19.69 -12.12 -22.19
N ASN A 151 -19.51 -13.03 -23.15
CA ASN A 151 -20.49 -14.04 -23.54
C ASN A 151 -19.89 -15.39 -23.17
N PRO A 152 -20.50 -16.15 -22.27
CA PRO A 152 -19.92 -17.41 -21.85
C PRO A 152 -19.93 -18.53 -22.88
N ASN A 153 -20.81 -18.45 -23.88
CA ASN A 153 -20.84 -19.50 -24.90
C ASN A 153 -19.58 -19.37 -25.74
N GLU A 154 -19.39 -18.18 -26.31
CA GLU A 154 -18.18 -17.84 -27.06
C GLU A 154 -16.87 -18.13 -26.28
N LEU A 155 -16.82 -17.88 -24.98
CA LEU A 155 -15.60 -18.16 -24.23
C LEU A 155 -15.32 -19.66 -24.13
N ASN A 156 -16.37 -20.45 -23.96
CA ASN A 156 -16.23 -21.91 -23.90
C ASN A 156 -15.81 -22.46 -25.26
N LYS A 157 -16.38 -21.88 -26.32
CA LYS A 157 -16.10 -22.30 -27.70
C LYS A 157 -14.60 -22.25 -28.03
N PHE A 158 -13.82 -21.40 -27.36
CA PHE A 158 -12.39 -21.25 -27.66
C PHE A 158 -11.53 -21.63 -26.47
N GLN A 159 -12.02 -22.44 -25.55
CA GLN A 159 -11.24 -22.85 -24.35
C GLN A 159 -10.70 -21.68 -23.50
N LEU A 160 -11.51 -20.63 -23.36
CA LEU A 160 -11.14 -19.42 -22.61
C LEU A 160 -11.97 -19.22 -21.34
N THR A 161 -11.43 -18.46 -20.41
CA THR A 161 -12.15 -18.04 -19.22
C THR A 161 -12.10 -16.53 -19.15
N PRO A 162 -12.94 -15.92 -18.29
CA PRO A 162 -12.72 -14.51 -17.89
C PRO A 162 -11.30 -14.24 -17.35
N VAL A 163 -10.70 -15.23 -16.67
CA VAL A 163 -9.32 -15.09 -16.20
C VAL A 163 -8.46 -14.81 -17.41
N ASP A 164 -8.60 -15.59 -18.46
CA ASP A 164 -7.84 -15.33 -19.69
C ASP A 164 -8.10 -13.94 -20.18
N VAL A 165 -9.38 -13.58 -20.25
CA VAL A 165 -9.75 -12.23 -20.67
C VAL A 165 -8.98 -11.19 -19.85
N ILE A 166 -9.03 -11.31 -18.53
CA ILE A 166 -8.44 -10.31 -17.64
C ILE A 166 -6.92 -10.24 -17.84
N THR A 167 -6.31 -11.39 -18.08
CA THR A 167 -4.85 -11.50 -18.24
C THR A 167 -4.45 -10.77 -19.52
N ALA A 168 -5.15 -11.09 -20.61
CA ALA A 168 -4.96 -10.42 -21.89
C ALA A 168 -5.15 -8.92 -21.80
N ILE A 169 -6.12 -8.44 -21.01
CA ILE A 169 -6.34 -7.00 -20.89
C ILE A 169 -5.23 -6.29 -20.11
N LYS A 170 -4.68 -6.94 -19.07
CA LYS A 170 -3.52 -6.37 -18.33
C LYS A 170 -2.22 -6.31 -19.17
N ALA A 171 -2.02 -7.31 -20.02
CA ALA A 171 -0.90 -7.34 -20.97
C ALA A 171 -1.02 -6.37 -22.17
N GLN A 172 -2.23 -6.13 -22.67
CA GLN A 172 -2.41 -5.41 -23.92
C GLN A 172 -3.07 -4.06 -23.79
N ASN A 173 -3.61 -3.74 -22.62
CA ASN A 173 -3.85 -2.36 -22.23
C ASN A 173 -2.92 -1.95 -21.09
N ALA A 174 -1.63 -1.99 -21.42
CA ALA A 174 -0.52 -1.61 -20.57
C ALA A 174 0.03 -0.23 -20.95
N GLN A 175 0.72 0.42 -20.02
CA GLN A 175 1.44 1.70 -20.26
C GLN A 175 2.86 1.55 -19.74
N VAL A 176 3.81 1.29 -20.62
CA VAL A 176 5.15 0.76 -20.27
C VAL A 176 6.26 1.81 -20.18
N ALA A 177 7.02 1.76 -19.10
CA ALA A 177 8.26 2.55 -19.00
C ALA A 177 9.38 1.76 -19.63
N ALA A 178 9.86 2.25 -20.78
CA ALA A 178 10.84 1.52 -21.57
C ALA A 178 12.19 2.18 -21.65
N GLY A 179 12.37 3.31 -20.96
CA GLY A 179 13.66 3.97 -20.92
C GLY A 179 14.00 4.81 -22.13
N GLN A 180 15.28 4.86 -22.48
CA GLN A 180 15.78 5.74 -23.53
C GLN A 180 16.89 5.09 -24.33
N LEU A 181 17.18 5.67 -25.50
CA LEU A 181 18.45 5.52 -26.16
C LEU A 181 19.29 6.71 -25.77
N GLY A 182 20.56 6.49 -25.48
CA GLY A 182 21.44 7.59 -25.11
C GLY A 182 21.15 8.17 -23.74
N GLY A 183 20.59 7.32 -22.88
CA GLY A 183 20.30 7.73 -21.52
C GLY A 183 21.56 7.70 -20.71
N THR A 184 21.57 8.42 -19.60
CA THR A 184 22.74 8.49 -18.73
C THR A 184 22.86 7.22 -17.86
N PRO A 185 24.07 6.75 -17.54
CA PRO A 185 25.35 7.27 -18.04
C PRO A 185 25.58 6.87 -19.48
N PRO A 186 25.85 7.85 -20.38
CA PRO A 186 26.06 7.47 -21.77
C PRO A 186 27.49 7.02 -21.98
N VAL A 187 27.75 6.37 -23.12
CA VAL A 187 29.10 6.26 -23.67
C VAL A 187 29.55 7.64 -24.20
N LYS A 188 30.67 8.14 -23.71
CA LYS A 188 31.13 9.45 -24.09
C LYS A 188 31.13 9.61 -25.59
N GLY A 189 30.57 10.74 -26.04
CA GLY A 189 30.49 11.09 -27.44
C GLY A 189 29.12 10.88 -28.05
N GLN A 190 28.22 10.21 -27.32
CA GLN A 190 26.85 9.94 -27.79
C GLN A 190 26.10 11.21 -28.11
N GLN A 191 25.54 11.23 -29.30
CA GLN A 191 24.81 12.36 -29.82
C GLN A 191 23.29 12.17 -29.64
N LEU A 192 22.81 10.98 -30.00
CA LEU A 192 21.38 10.62 -29.95
C LEU A 192 20.84 10.51 -28.52
N ASN A 193 19.69 11.13 -28.28
CA ASN A 193 19.01 10.96 -27.01
C ASN A 193 17.52 11.06 -27.27
N ALA A 194 16.86 9.91 -27.19
CA ALA A 194 15.44 9.76 -27.47
C ALA A 194 14.77 8.81 -26.47
N SER A 195 13.57 9.19 -26.01
CA SER A 195 12.77 8.28 -25.17
C SER A 195 12.32 7.05 -25.94
N ILE A 196 12.20 5.91 -25.27
CA ILE A 196 11.61 4.71 -25.90
C ILE A 196 10.14 4.57 -25.51
N ILE A 197 9.27 4.67 -26.51
CA ILE A 197 7.83 4.56 -26.33
C ILE A 197 7.45 3.16 -26.78
N ALA A 198 6.94 2.38 -25.82
CA ALA A 198 6.43 1.04 -26.08
C ALA A 198 4.89 1.08 -25.97
N GLN A 199 4.25 0.03 -25.46
CA GLN A 199 2.81 0.08 -25.32
C GLN A 199 2.34 1.25 -24.48
N THR A 200 1.19 1.77 -24.88
CA THR A 200 0.54 2.90 -24.25
C THR A 200 -0.93 2.52 -23.99
N ARG A 201 -1.62 3.26 -23.13
CA ARG A 201 -3.00 2.87 -22.80
C ARG A 201 -3.87 2.96 -24.03
N LEU A 202 -4.82 2.04 -24.11
CA LEU A 202 -5.76 2.02 -25.21
C LEU A 202 -6.77 3.14 -24.99
N THR A 203 -7.40 3.62 -26.06
CA THR A 203 -8.26 4.78 -26.00
C THR A 203 -9.67 4.64 -26.54
N SER A 204 -9.98 3.50 -27.14
CA SER A 204 -11.19 3.30 -27.92
C SER A 204 -11.76 1.89 -27.77
N THR A 205 -13.07 1.76 -27.98
CA THR A 205 -13.70 0.43 -28.05
C THR A 205 -13.01 -0.44 -29.12
N GLU A 206 -12.61 0.17 -30.24
CA GLU A 206 -11.92 -0.53 -31.35
C GLU A 206 -10.60 -1.18 -30.92
N GLU A 207 -9.79 -0.44 -30.18
CA GLU A 207 -8.50 -0.95 -29.71
C GLU A 207 -8.68 -2.15 -28.76
N PHE A 208 -9.72 -2.12 -27.92
CA PHE A 208 -10.02 -3.25 -27.04
C PHE A 208 -10.56 -4.41 -27.85
N GLY A 209 -11.36 -4.08 -28.86
CA GLY A 209 -11.87 -5.05 -29.83
C GLY A 209 -10.84 -6.02 -30.34
N LYS A 210 -9.68 -5.49 -30.72
CA LYS A 210 -8.63 -6.29 -31.35
C LYS A 210 -7.60 -6.93 -30.41
N ILE A 211 -7.64 -6.62 -29.12
CA ILE A 211 -6.82 -7.36 -28.15
C ILE A 211 -6.79 -8.86 -28.48
N LEU A 212 -5.59 -9.44 -28.57
CA LEU A 212 -5.39 -10.84 -28.99
C LEU A 212 -5.41 -11.77 -27.82
N LEU A 213 -6.35 -12.72 -27.82
CA LEU A 213 -6.52 -13.64 -26.71
C LEU A 213 -5.79 -14.95 -26.98
N LYS A 214 -5.93 -15.49 -28.19
CA LYS A 214 -5.13 -16.66 -28.60
C LYS A 214 -4.95 -16.79 -30.12
N VAL A 215 -3.82 -17.41 -30.48
CA VAL A 215 -3.58 -17.90 -31.83
C VAL A 215 -4.03 -19.36 -31.73
N ASN A 216 -4.95 -19.79 -32.59
CA ASN A 216 -5.33 -21.21 -32.64
C ASN A 216 -4.21 -22.00 -33.34
N GLN A 217 -4.13 -23.32 -33.09
CA GLN A 217 -3.16 -24.17 -33.81
C GLN A 217 -3.32 -24.18 -35.34
N ASP A 218 -4.54 -23.99 -35.85
CA ASP A 218 -4.80 -23.84 -37.30
C ASP A 218 -4.52 -22.43 -37.88
N GLY A 219 -3.98 -21.51 -37.07
CA GLY A 219 -3.59 -20.17 -37.50
C GLY A 219 -4.64 -19.05 -37.44
N SER A 220 -5.91 -19.37 -37.14
CA SER A 220 -6.95 -18.34 -36.98
C SER A 220 -6.79 -17.61 -35.64
N ARG A 221 -7.35 -16.41 -35.59
CA ARG A 221 -7.22 -15.50 -34.44
C ARG A 221 -8.51 -15.40 -33.59
N VAL A 222 -8.35 -15.36 -32.28
CA VAL A 222 -9.45 -15.11 -31.38
C VAL A 222 -9.20 -13.76 -30.73
N LEU A 223 -9.99 -12.76 -31.13
CA LEU A 223 -9.90 -11.39 -30.54
C LEU A 223 -10.92 -11.20 -29.42
N LEU A 224 -10.72 -10.20 -28.56
CA LEU A 224 -11.69 -9.91 -27.51
C LEU A 224 -13.10 -9.67 -28.05
N ARG A 225 -13.25 -9.00 -29.19
CA ARG A 225 -14.60 -8.80 -29.75
C ARG A 225 -15.29 -10.12 -30.17
N ASP A 226 -14.53 -11.14 -30.54
CA ASP A 226 -15.11 -12.48 -30.74
C ASP A 226 -15.71 -13.17 -29.48
N VAL A 227 -15.45 -12.66 -28.26
CA VAL A 227 -16.02 -13.24 -27.03
C VAL A 227 -16.69 -12.22 -26.11
N ALA A 228 -16.82 -10.97 -26.53
CA ALA A 228 -17.52 -9.98 -25.72
C ALA A 228 -18.04 -8.86 -26.57
N LYS A 229 -19.07 -8.19 -26.08
CA LYS A 229 -19.48 -6.89 -26.60
C LYS A 229 -18.61 -5.88 -25.90
N ILE A 230 -18.32 -4.78 -26.56
CA ILE A 230 -17.35 -3.84 -26.10
C ILE A 230 -17.87 -2.44 -26.34
N GLU A 231 -17.93 -1.62 -25.30
CA GLU A 231 -18.56 -0.28 -25.39
C GLU A 231 -18.26 0.55 -24.17
N LEU A 232 -18.34 1.86 -24.33
CA LEU A 232 -18.31 2.72 -23.14
C LEU A 232 -19.61 2.49 -22.40
N GLY A 233 -19.55 2.52 -21.09
CA GLY A 233 -20.76 2.47 -20.30
C GLY A 233 -20.41 2.69 -18.88
N GLY A 234 -21.37 3.05 -18.04
CA GLY A 234 -21.09 3.37 -16.64
C GLY A 234 -20.21 2.42 -15.85
N GLU A 235 -19.41 2.97 -14.91
CA GLU A 235 -18.69 2.16 -13.91
C GLU A 235 -19.70 1.24 -13.21
N ASN A 236 -20.88 1.79 -12.93
CA ASN A 236 -22.06 1.04 -12.51
C ASN A 236 -23.37 1.68 -13.06
N TYR A 237 -24.44 0.87 -13.05
CA TYR A 237 -25.74 1.23 -13.62
C TYR A 237 -26.85 1.40 -12.56
N ASP A 238 -26.47 1.86 -11.39
CA ASP A 238 -27.38 1.86 -10.27
C ASP A 238 -28.10 3.18 -10.13
N ILE A 239 -27.53 4.28 -10.64
CA ILE A 239 -28.11 5.62 -10.39
C ILE A 239 -28.56 6.32 -11.68
N ILE A 240 -29.86 6.60 -11.74
CA ILE A 240 -30.56 7.21 -12.87
C ILE A 240 -31.36 8.47 -12.44
N ALA A 241 -30.96 9.66 -12.89
CA ALA A 241 -31.75 10.88 -12.70
C ALA A 241 -32.66 11.32 -13.89
N GLU A 242 -33.71 12.08 -13.57
CA GLU A 242 -34.58 12.77 -14.54
C GLU A 242 -34.84 14.19 -14.09
N PHE A 243 -34.91 15.12 -15.03
CA PHE A 243 -35.32 16.51 -14.72
C PHE A 243 -36.60 16.85 -15.48
N ASN A 244 -37.73 17.00 -14.77
CA ASN A 244 -39.07 17.23 -15.43
C ASN A 244 -39.38 16.18 -16.50
N GLY A 245 -39.13 14.93 -16.16
CA GLY A 245 -39.39 13.84 -17.06
C GLY A 245 -38.38 13.63 -18.16
N GLN A 246 -37.45 14.56 -18.42
CA GLN A 246 -36.38 14.36 -19.44
C GLN A 246 -35.08 13.73 -18.86
N PRO A 247 -34.27 13.05 -19.71
CA PRO A 247 -33.02 12.49 -19.21
C PRO A 247 -32.08 13.55 -18.68
N ALA A 248 -31.49 13.25 -17.53
CA ALA A 248 -30.60 14.19 -16.85
C ALA A 248 -29.50 13.47 -16.07
N SER A 249 -28.49 14.24 -15.69
CA SER A 249 -27.58 13.88 -14.63
C SER A 249 -27.45 15.10 -13.72
N GLY A 250 -26.50 15.06 -12.79
CA GLY A 250 -26.21 16.22 -11.95
C GLY A 250 -25.30 15.96 -10.77
N LEU A 251 -25.04 17.00 -9.98
CA LEU A 251 -24.16 16.90 -8.83
C LEU A 251 -24.91 17.29 -7.58
N GLY A 252 -25.01 16.36 -6.65
CA GLY A 252 -25.44 16.70 -5.30
C GLY A 252 -24.26 17.21 -4.48
N ILE A 253 -24.32 18.46 -4.05
CA ILE A 253 -23.20 19.11 -3.39
C ILE A 253 -23.54 19.36 -1.95
N LYS A 254 -22.80 18.71 -1.04
CA LYS A 254 -22.92 18.93 0.43
C LYS A 254 -21.88 19.92 0.91
N LEU A 255 -22.26 20.72 1.91
CA LEU A 255 -21.39 21.76 2.44
C LEU A 255 -20.38 21.16 3.41
N ALA A 256 -19.14 21.65 3.38
CA ALA A 256 -18.12 21.21 4.36
C ALA A 256 -18.47 21.72 5.75
N THR A 257 -18.18 20.91 6.78
CA THR A 257 -18.46 21.34 8.17
C THR A 257 -17.75 22.68 8.43
N GLY A 258 -18.54 23.68 8.84
CA GLY A 258 -18.04 24.99 9.21
C GLY A 258 -18.00 26.02 8.09
N ALA A 259 -18.11 25.59 6.84
CA ALA A 259 -17.96 26.52 5.71
C ALA A 259 -19.16 27.47 5.55
N ASN A 260 -18.93 28.55 4.80
CA ASN A 260 -19.96 29.54 4.49
C ASN A 260 -20.85 29.14 3.28
N ALA A 261 -22.12 28.81 3.57
CA ALA A 261 -23.08 28.33 2.57
C ALA A 261 -23.24 29.24 1.34
N LEU A 262 -23.20 30.56 1.55
CA LEU A 262 -23.39 31.54 0.47
C LEU A 262 -22.14 31.73 -0.39
N ASP A 263 -20.96 31.61 0.22
CA ASP A 263 -19.67 31.84 -0.45
C ASP A 263 -19.36 30.62 -1.32
N THR A 264 -19.68 29.46 -0.75
CA THR A 264 -19.48 28.16 -1.36
C THR A 264 -20.38 27.98 -2.57
N ALA A 265 -21.63 28.40 -2.44
CA ALA A 265 -22.57 28.49 -3.57
C ALA A 265 -22.12 29.50 -4.65
N ALA A 266 -21.53 30.61 -4.21
CA ALA A 266 -20.94 31.58 -5.12
C ALA A 266 -19.80 30.97 -5.95
N ALA A 267 -18.84 30.35 -5.24
CA ALA A 267 -17.68 29.71 -5.88
C ALA A 267 -18.06 28.59 -6.85
N ILE A 268 -19.13 27.87 -6.56
CA ILE A 268 -19.64 26.83 -7.46
C ILE A 268 -20.18 27.47 -8.73
N ARG A 269 -20.96 28.55 -8.61
CA ARG A 269 -21.49 29.26 -9.78
C ARG A 269 -20.36 29.92 -10.61
N ALA A 270 -19.33 30.43 -9.93
CA ALA A 270 -18.10 30.90 -10.58
C ALA A 270 -17.43 29.78 -11.40
N GLU A 271 -17.16 28.65 -10.75
CA GLU A 271 -16.55 27.49 -11.40
C GLU A 271 -17.43 26.84 -12.51
N LEU A 272 -18.76 26.87 -12.33
CA LEU A 272 -19.71 26.46 -13.39
C LEU A 272 -19.67 27.43 -14.60
N ALA A 273 -19.49 28.72 -14.32
CA ALA A 273 -19.34 29.75 -15.39
C ALA A 273 -18.08 29.57 -16.28
N LYS A 274 -17.00 29.00 -15.71
CA LYS A 274 -15.79 28.70 -16.49
C LYS A 274 -15.99 27.54 -17.43
N MET A 275 -16.97 26.67 -17.14
CA MET A 275 -17.18 25.43 -17.90
C MET A 275 -18.12 25.62 -19.08
N GLU A 276 -19.21 26.37 -18.85
CA GLU A 276 -20.30 26.54 -19.82
C GLU A 276 -19.84 26.83 -21.26
N PRO A 277 -18.90 27.76 -21.48
CA PRO A 277 -18.50 28.06 -22.86
C PRO A 277 -18.02 26.87 -23.71
N PHE A 278 -17.55 25.79 -23.06
CA PHE A 278 -16.94 24.66 -23.77
C PHE A 278 -17.84 23.41 -23.85
N PHE A 279 -19.13 23.59 -23.61
CA PHE A 279 -20.09 22.47 -23.61
C PHE A 279 -20.35 21.95 -25.02
N PRO A 280 -20.72 20.66 -25.18
CA PRO A 280 -21.22 20.24 -26.49
C PRO A 280 -22.59 20.88 -26.73
N SER A 281 -22.95 21.10 -27.99
CA SER A 281 -24.22 21.74 -28.29
C SER A 281 -25.32 20.91 -27.64
N GLY A 282 -26.31 21.58 -27.07
CA GLY A 282 -27.45 20.90 -26.46
C GLY A 282 -27.40 20.87 -24.95
N LEU A 283 -26.22 21.03 -24.35
CA LEU A 283 -26.09 20.79 -22.94
C LEU A 283 -26.45 22.06 -22.20
N LYS A 284 -27.04 21.90 -21.02
CA LYS A 284 -27.48 23.02 -20.24
C LYS A 284 -27.46 22.67 -18.78
N ILE A 285 -27.04 23.63 -17.96
CA ILE A 285 -27.15 23.51 -16.51
C ILE A 285 -28.54 23.98 -16.11
N VAL A 286 -29.08 23.41 -15.02
CA VAL A 286 -30.34 23.81 -14.40
C VAL A 286 -30.20 23.66 -12.90
N TYR A 287 -31.03 24.38 -12.15
CA TYR A 287 -30.86 24.54 -10.71
C TYR A 287 -32.12 24.13 -9.91
N PRO A 288 -32.37 22.81 -9.85
CA PRO A 288 -33.56 22.24 -9.23
C PRO A 288 -33.65 22.23 -7.68
N TYR A 289 -32.62 22.69 -6.97
CA TYR A 289 -32.57 22.65 -5.49
C TYR A 289 -31.50 23.60 -5.00
N ASP A 290 -31.90 24.62 -4.24
CA ASP A 290 -30.99 25.61 -3.63
C ASP A 290 -31.52 25.83 -2.21
N THR A 291 -30.66 26.24 -1.28
CA THR A 291 -31.06 26.29 0.14
C THR A 291 -30.52 27.53 0.84
N GLN A 309 -40.08 28.86 1.90
CA GLN A 309 -38.79 28.16 1.91
C GLN A 309 -38.34 27.74 0.52
N GLY A 310 -39.29 27.56 -0.40
CA GLY A 310 -38.99 27.48 -1.84
C GLY A 310 -38.65 26.10 -2.39
N VAL A 311 -38.27 25.15 -1.51
CA VAL A 311 -37.88 23.80 -1.93
C VAL A 311 -38.26 22.72 -0.92
N PHE A 312 -38.25 21.48 -1.38
CA PHE A 312 -38.55 20.33 -0.54
C PHE A 312 -38.16 19.04 -1.25
N MET A 313 -37.97 17.97 -0.49
CA MET A 313 -37.59 16.66 -1.04
C MET A 313 -38.72 15.64 -0.92
N THR A 314 -38.57 14.50 -1.60
CA THR A 314 -39.50 13.41 -1.39
C THR A 314 -38.72 12.13 -1.31
N MET A 315 -38.84 11.45 -0.19
CA MET A 315 -38.12 10.22 0.07
C MET A 315 -38.98 9.10 -0.52
N VAL A 316 -38.32 8.13 -1.15
CA VAL A 316 -38.99 7.00 -1.76
C VAL A 316 -38.22 5.76 -1.39
N GLN A 317 -38.85 4.87 -0.64
CA GLN A 317 -38.18 3.67 -0.14
C GLN A 317 -39.12 2.49 -0.35
N LEU A 318 -38.72 1.55 -1.18
CA LEU A 318 -39.44 0.30 -1.37
C LEU A 318 -38.79 -0.75 -0.49
N PRO A 319 -39.40 -1.96 -0.34
CA PRO A 319 -38.76 -2.96 0.51
C PRO A 319 -37.62 -3.60 -0.23
N ALA A 320 -36.62 -4.08 0.51
CA ALA A 320 -35.44 -4.68 -0.10
C ALA A 320 -35.87 -5.85 -1.00
N GLY A 321 -35.08 -6.10 -2.02
CA GLY A 321 -35.43 -7.06 -3.06
C GLY A 321 -36.13 -6.42 -4.25
N ALA A 322 -36.62 -5.20 -4.08
CA ALA A 322 -37.34 -4.49 -5.13
C ALA A 322 -36.39 -4.05 -6.22
N THR A 323 -36.80 -4.28 -7.46
CA THR A 323 -36.03 -3.92 -8.64
C THR A 323 -35.98 -2.40 -8.92
N GLN A 324 -35.10 -2.03 -9.85
CA GLN A 324 -34.96 -0.66 -10.39
C GLN A 324 -36.25 -0.22 -11.06
N GLU A 325 -36.82 -1.09 -11.88
CA GLU A 325 -38.08 -0.83 -12.62
C GLU A 325 -39.23 -0.43 -11.65
N ARG A 326 -39.41 -1.21 -10.59
CA ARG A 326 -40.46 -1.00 -9.59
C ARG A 326 -40.31 0.32 -8.84
N THR A 327 -39.07 0.74 -8.64
CA THR A 327 -38.77 2.04 -8.01
C THR A 327 -39.06 3.16 -9.02
N GLN A 328 -38.74 2.90 -10.28
CA GLN A 328 -39.02 3.84 -11.36
C GLN A 328 -40.53 4.13 -11.54
N LYS A 329 -41.38 3.12 -11.34
CA LYS A 329 -42.83 3.32 -11.39
C LYS A 329 -43.29 4.22 -10.29
N VAL A 330 -42.74 4.05 -9.08
CA VAL A 330 -43.11 4.89 -7.96
C VAL A 330 -42.61 6.31 -8.21
N LEU A 331 -41.38 6.46 -8.68
CA LEU A 331 -40.84 7.79 -8.99
C LEU A 331 -41.65 8.49 -10.08
N ASN A 332 -42.15 7.70 -11.04
CA ASN A 332 -43.11 8.14 -12.06
C ASN A 332 -44.42 8.64 -11.48
N GLU A 333 -45.00 7.90 -10.56
CA GLU A 333 -46.23 8.30 -9.91
C GLU A 333 -46.04 9.60 -9.07
N VAL A 334 -44.87 9.73 -8.46
CA VAL A 334 -44.53 10.88 -7.62
C VAL A 334 -44.28 12.10 -8.46
N THR A 335 -43.56 11.91 -9.57
CA THR A 335 -43.27 13.00 -10.52
C THR A 335 -44.53 13.46 -11.21
N HIS A 336 -45.37 12.50 -11.60
CA HIS A 336 -46.73 12.74 -12.12
C HIS A 336 -47.59 13.61 -11.18
N TYR A 337 -47.66 13.26 -9.89
CA TYR A 337 -48.43 14.09 -8.95
C TYR A 337 -47.93 15.55 -8.96
N TYR A 338 -46.62 15.79 -8.88
CA TYR A 338 -46.14 17.18 -8.91
C TYR A 338 -46.34 17.90 -10.23
N LEU A 339 -46.19 17.17 -11.33
CA LEU A 339 -46.33 17.75 -12.68
C LEU A 339 -47.73 17.95 -13.15
N THR A 340 -48.70 17.19 -12.67
CA THR A 340 -50.10 17.36 -13.06
C THR A 340 -50.83 18.11 -11.98
N LYS A 341 -50.95 17.50 -10.81
CA LYS A 341 -51.73 18.04 -9.69
C LYS A 341 -51.20 19.35 -9.03
N GLU A 342 -49.88 19.56 -8.99
CA GLU A 342 -49.28 20.78 -8.38
C GLU A 342 -48.58 21.76 -9.38
N LYS A 343 -48.95 21.69 -10.66
CA LYS A 343 -48.43 22.54 -11.77
C LYS A 343 -48.31 24.00 -11.45
N ASN A 344 -49.31 24.52 -10.76
CA ASN A 344 -49.38 25.94 -10.44
C ASN A 344 -48.37 26.40 -9.39
N ASN A 345 -47.92 25.47 -8.54
CA ASN A 345 -46.84 25.72 -7.58
C ASN A 345 -45.45 25.20 -7.99
N VAL A 346 -45.39 23.96 -8.47
CA VAL A 346 -44.11 23.29 -8.77
C VAL A 346 -43.46 23.79 -10.05
N GLU A 347 -42.24 24.29 -9.92
CA GLU A 347 -41.45 24.81 -11.03
C GLU A 347 -40.70 23.63 -11.73
N SER A 348 -39.96 22.84 -10.93
CA SER A 348 -39.22 21.68 -11.45
C SER A 348 -39.24 20.51 -10.47
N VAL A 349 -38.98 19.32 -10.99
CA VAL A 349 -38.81 18.10 -10.20
C VAL A 349 -37.52 17.44 -10.71
N PHE A 350 -36.61 17.12 -9.79
CA PHE A 350 -35.36 16.43 -10.11
C PHE A 350 -35.32 15.07 -9.41
N ALA A 351 -35.69 14.02 -10.13
CA ALA A 351 -35.92 12.71 -9.51
C ALA A 351 -34.75 11.77 -9.76
N VAL A 352 -34.35 11.02 -8.74
CA VAL A 352 -33.16 10.17 -8.84
C VAL A 352 -33.53 8.77 -8.38
N ASN A 353 -33.38 7.79 -9.26
CA ASN A 353 -33.65 6.39 -8.93
C ASN A 353 -32.33 5.73 -8.52
N GLY A 354 -32.35 5.00 -7.41
CA GLY A 354 -31.16 4.28 -6.97
C GLY A 354 -30.30 4.95 -5.92
N PHE A 355 -30.61 6.19 -5.60
CA PHE A 355 -29.93 6.91 -4.55
C PHE A 355 -31.00 7.55 -3.72
N GLY A 356 -30.91 7.44 -2.41
CA GLY A 356 -31.89 8.04 -1.50
C GLY A 356 -31.19 8.73 -0.38
N PHE A 357 -31.97 9.14 0.62
CA PHE A 357 -31.41 9.74 1.84
C PHE A 357 -30.29 8.89 2.43
N ALA A 358 -30.63 7.68 2.91
CA ALA A 358 -29.72 6.82 3.65
C ALA A 358 -28.87 5.99 2.69
N GLY A 359 -27.96 6.66 1.99
CA GLY A 359 -27.11 6.02 1.00
C GLY A 359 -27.87 5.51 -0.22
N ARG A 360 -27.49 4.31 -0.66
CA ARG A 360 -27.83 3.78 -1.98
C ARG A 360 -28.48 2.38 -1.93
N GLY A 361 -29.28 2.10 -2.96
CA GLY A 361 -29.82 0.78 -3.25
C GLY A 361 -30.47 0.75 -4.62
N GLN A 362 -31.07 -0.38 -4.97
CA GLN A 362 -31.95 -0.49 -6.15
C GLN A 362 -33.40 -0.10 -5.80
N ASN A 363 -33.66 0.01 -4.50
CA ASN A 363 -35.00 0.00 -3.92
C ASN A 363 -35.35 1.36 -3.34
N THR A 364 -34.67 2.39 -3.79
CA THR A 364 -34.64 3.65 -3.07
C THR A 364 -34.60 4.77 -4.10
N GLY A 365 -34.99 5.97 -3.70
CA GLY A 365 -35.11 7.04 -4.67
C GLY A 365 -35.40 8.33 -3.96
N ILE A 366 -35.34 9.41 -4.71
CA ILE A 366 -35.47 10.73 -4.11
C ILE A 366 -35.82 11.76 -5.19
N ALA A 367 -36.55 12.78 -4.79
CA ALA A 367 -36.96 13.82 -5.69
C ALA A 367 -36.69 15.14 -5.03
N PHE A 368 -35.99 16.00 -5.73
CA PHE A 368 -35.77 17.35 -5.28
C PHE A 368 -36.81 18.18 -6.03
N VAL A 369 -37.61 18.92 -5.27
CA VAL A 369 -38.73 19.73 -5.79
C VAL A 369 -38.53 21.21 -5.50
N SER A 370 -38.69 21.99 -6.55
CA SER A 370 -38.52 23.41 -6.47
C SER A 370 -39.82 24.03 -6.88
N LEU A 371 -40.22 25.02 -6.10
CA LEU A 371 -41.42 25.78 -6.31
C LEU A 371 -41.14 27.03 -7.13
N LYS A 372 -42.21 27.65 -7.59
CA LYS A 372 -42.13 28.96 -8.23
C LYS A 372 -41.91 30.05 -7.19
N ASP A 373 -41.62 31.24 -7.71
CA ASP A 373 -41.62 32.51 -6.97
C ASP A 373 -42.65 32.54 -5.79
N TRP A 374 -42.21 32.95 -4.59
CA TRP A 374 -43.09 33.22 -3.41
C TRP A 374 -44.37 33.96 -3.87
N ALA A 375 -44.19 35.02 -4.63
CA ALA A 375 -45.26 35.92 -5.04
C ALA A 375 -46.17 35.41 -6.19
N ASP A 376 -45.86 34.26 -6.78
CA ASP A 376 -46.78 33.55 -7.70
C ASP A 376 -47.61 32.46 -6.99
N ARG A 377 -47.60 32.41 -5.66
CA ARG A 377 -48.25 31.31 -4.93
C ARG A 377 -49.05 31.75 -3.70
N PRO A 378 -50.03 32.67 -3.88
CA PRO A 378 -50.73 33.21 -2.72
C PRO A 378 -51.69 32.20 -2.06
N GLY A 379 -51.73 32.21 -0.73
CA GLY A 379 -52.57 31.31 0.04
C GLY A 379 -51.71 30.39 0.88
N GLU A 380 -52.20 30.05 2.08
CA GLU A 380 -51.52 29.12 3.01
C GLU A 380 -51.51 27.67 2.51
N GLU A 381 -52.60 27.30 1.83
CA GLU A 381 -52.71 26.02 1.11
C GLU A 381 -51.74 25.91 -0.10
N ASN A 382 -51.06 27.00 -0.46
CA ASN A 382 -50.01 26.98 -1.49
C ASN A 382 -48.57 27.16 -1.01
N LYS A 383 -48.34 27.20 0.30
CA LYS A 383 -46.97 27.26 0.81
C LYS A 383 -46.43 25.85 1.07
N VAL A 384 -45.12 25.77 1.22
CA VAL A 384 -44.39 24.51 1.40
C VAL A 384 -45.08 23.49 2.32
N GLU A 385 -45.55 23.91 3.50
CA GLU A 385 -46.18 22.97 4.47
C GLU A 385 -47.41 22.26 3.94
N ALA A 386 -48.40 23.07 3.52
CA ALA A 386 -49.63 22.52 2.99
C ALA A 386 -49.36 21.60 1.79
N ILE A 387 -48.46 22.02 0.88
CA ILE A 387 -48.09 21.25 -0.31
C ILE A 387 -47.53 19.90 0.05
N THR A 388 -46.51 19.90 0.91
CA THR A 388 -45.86 18.68 1.39
C THR A 388 -46.86 17.79 2.10
N MET A 389 -47.73 18.41 2.89
CA MET A 389 -48.76 17.64 3.58
C MET A 389 -49.63 16.91 2.57
N ARG A 390 -50.16 17.66 1.59
CA ARG A 390 -51.02 17.12 0.53
C ARG A 390 -50.36 16.01 -0.25
N ALA A 391 -49.11 16.26 -0.67
CA ALA A 391 -48.31 15.27 -1.40
C ALA A 391 -48.13 13.97 -0.60
N THR A 392 -47.60 14.12 0.62
CA THR A 392 -47.44 13.03 1.59
C THR A 392 -48.74 12.27 1.77
N ARG A 393 -49.83 13.02 1.94
CA ARG A 393 -51.15 12.46 2.13
C ARG A 393 -51.49 11.64 0.89
N ALA A 394 -51.37 12.24 -0.30
CA ALA A 394 -51.72 11.58 -1.58
C ALA A 394 -50.86 10.37 -1.87
N PHE A 395 -49.60 10.44 -1.47
CA PHE A 395 -48.69 9.32 -1.69
C PHE A 395 -48.90 8.18 -0.70
N SER A 396 -49.54 8.46 0.45
CA SER A 396 -49.76 7.40 1.47
C SER A 396 -50.54 6.20 0.93
N GLN A 397 -51.44 6.46 -0.02
CA GLN A 397 -52.18 5.40 -0.68
C GLN A 397 -51.38 4.58 -1.71
N ILE A 398 -50.11 4.93 -1.97
CA ILE A 398 -49.25 4.16 -2.88
C ILE A 398 -48.86 2.84 -2.21
N LYS A 399 -48.98 1.77 -2.97
CA LYS A 399 -48.81 0.40 -2.48
C LYS A 399 -47.39 -0.11 -2.72
N ASP A 400 -46.90 -0.90 -1.75
CA ASP A 400 -45.54 -1.47 -1.72
C ASP A 400 -44.42 -0.41 -1.77
N ALA A 401 -44.62 0.66 -1.01
CA ALA A 401 -43.71 1.81 -1.00
C ALA A 401 -43.98 2.73 0.19
N MET A 402 -42.91 3.34 0.69
CA MET A 402 -42.96 4.22 1.84
C MET A 402 -42.53 5.63 1.37
N VAL A 403 -43.42 6.29 0.65
CA VAL A 403 -43.18 7.62 0.09
C VAL A 403 -43.67 8.72 1.02
N PHE A 404 -42.84 9.74 1.27
CA PHE A 404 -43.31 10.98 1.92
C PHE A 404 -42.48 12.23 1.56
N ALA A 405 -43.15 13.38 1.61
CA ALA A 405 -42.59 14.64 1.19
C ALA A 405 -42.55 15.59 2.33
N PHE A 406 -41.48 16.37 2.39
CA PHE A 406 -41.14 17.15 3.57
C PHE A 406 -39.99 18.12 3.24
N ASN A 407 -39.99 19.23 3.95
CA ASN A 407 -38.92 20.21 3.86
C ASN A 407 -37.97 19.97 5.04
N LEU A 408 -36.68 19.71 4.75
CA LEU A 408 -35.52 19.77 5.72
C LEU A 408 -34.82 18.40 5.71
N ALA A 417 -39.07 16.02 14.84
CA ALA A 417 -38.39 17.01 15.67
C ALA A 417 -38.38 16.56 17.18
N THR A 418 -39.47 15.91 17.61
CA THR A 418 -39.64 15.29 18.98
C THR A 418 -40.00 13.77 18.93
N GLY A 419 -39.12 13.04 18.27
CA GLY A 419 -39.10 11.60 18.33
C GLY A 419 -37.86 11.17 19.10
N PHE A 420 -37.49 9.92 18.91
CA PHE A 420 -36.30 9.38 19.54
C PHE A 420 -35.48 8.51 18.55
N ASP A 421 -34.21 8.26 18.92
CA ASP A 421 -33.30 7.50 18.08
C ASP A 421 -32.64 6.38 18.88
N PHE A 422 -33.18 5.18 18.70
CA PHE A 422 -32.88 4.03 19.53
C PHE A 422 -31.99 3.08 18.74
N GLU A 423 -30.89 2.64 19.36
CA GLU A 423 -30.04 1.61 18.80
C GLU A 423 -30.19 0.35 19.64
N LEU A 424 -30.53 -0.75 18.98
CA LEU A 424 -30.57 -2.07 19.61
C LEU A 424 -29.28 -2.83 19.31
N ILE A 425 -28.50 -3.10 20.34
CA ILE A 425 -27.14 -3.62 20.20
C ILE A 425 -27.01 -5.10 20.58
N ASP A 426 -26.28 -5.86 19.76
CA ASP A 426 -25.85 -7.24 20.08
C ASP A 426 -24.52 -7.20 20.84
N GLN A 427 -24.56 -7.54 22.14
CA GLN A 427 -23.40 -7.39 23.07
C GLN A 427 -22.87 -8.73 23.62
N ALA A 428 -23.24 -9.84 22.98
CA ALA A 428 -22.78 -11.16 23.41
C ALA A 428 -22.61 -12.13 22.23
N GLY A 429 -22.17 -11.59 21.09
CA GLY A 429 -21.97 -12.36 19.87
C GLY A 429 -23.18 -13.21 19.49
N LEU A 430 -24.38 -12.71 19.70
CA LEU A 430 -25.60 -13.45 19.41
C LEU A 430 -25.78 -13.72 17.93
N GLY A 431 -25.40 -12.76 17.10
CA GLY A 431 -25.54 -12.85 15.64
C GLY A 431 -26.69 -12.03 15.12
N HIS A 432 -26.77 -11.92 13.81
CA HIS A 432 -27.76 -11.08 13.16
C HIS A 432 -29.18 -11.64 13.32
N GLU A 433 -29.34 -12.98 13.26
CA GLU A 433 -30.69 -13.62 13.27
C GLU A 433 -31.40 -13.43 14.60
N LYS A 434 -30.68 -13.67 15.70
CA LYS A 434 -31.19 -13.45 17.07
C LYS A 434 -31.49 -11.99 17.37
N LEU A 435 -30.65 -11.11 16.85
CA LEU A 435 -30.88 -9.67 17.00
C LEU A 435 -32.14 -9.23 16.26
N THR A 436 -32.41 -9.79 15.08
CA THR A 436 -33.70 -9.57 14.38
C THR A 436 -34.91 -10.01 15.26
N GLN A 437 -34.83 -11.23 15.79
CA GLN A 437 -35.82 -11.77 16.72
C GLN A 437 -36.03 -10.82 17.89
N ALA A 438 -34.96 -10.39 18.53
CA ALA A 438 -35.05 -9.47 19.70
C ALA A 438 -35.53 -8.06 19.34
N ARG A 439 -35.29 -7.64 18.10
CA ARG A 439 -35.88 -6.43 17.58
C ARG A 439 -37.41 -6.56 17.54
N ASN A 440 -37.93 -7.68 17.03
CA ASN A 440 -39.37 -7.83 16.75
C ASN A 440 -40.19 -7.96 18.00
N GLN A 441 -39.69 -8.75 18.94
CA GLN A 441 -40.18 -8.73 20.31
C GLN A 441 -40.34 -7.27 20.82
N LEU A 442 -39.30 -6.45 20.68
CA LEU A 442 -39.39 -5.05 21.14
C LEU A 442 -40.42 -4.20 20.39
N LEU A 443 -40.62 -4.46 19.09
CA LEU A 443 -41.56 -3.69 18.26
C LEU A 443 -43.00 -4.08 18.53
N ALA A 444 -43.24 -5.39 18.65
CA ALA A 444 -44.56 -5.94 18.96
C ALA A 444 -45.03 -5.58 20.38
N GLU A 445 -44.09 -5.44 21.31
CA GLU A 445 -44.42 -4.94 22.65
C GLU A 445 -44.73 -3.44 22.60
N ALA A 446 -43.95 -2.66 21.86
CA ALA A 446 -44.21 -1.22 21.71
C ALA A 446 -45.51 -0.95 20.92
N ALA A 447 -45.93 -1.95 20.13
CA ALA A 447 -47.25 -1.95 19.49
C ALA A 447 -48.43 -1.93 20.48
N LYS A 448 -48.24 -2.43 21.70
CA LYS A 448 -49.27 -2.44 22.73
C LYS A 448 -49.17 -1.25 23.68
N HIS A 449 -48.74 -0.07 23.20
CA HIS A 449 -48.65 1.13 24.06
C HIS A 449 -48.94 2.46 23.34
N PRO A 450 -50.08 2.55 22.61
CA PRO A 450 -50.39 3.77 21.83
C PRO A 450 -50.38 5.09 22.63
N ASP A 451 -50.83 5.02 23.89
CA ASP A 451 -50.76 6.14 24.86
C ASP A 451 -49.42 6.90 24.95
N MET A 452 -48.31 6.15 24.86
CA MET A 452 -46.94 6.67 25.01
C MET A 452 -46.12 6.67 23.70
N LEU A 453 -46.26 5.61 22.91
CA LEU A 453 -45.45 5.42 21.69
C LEU A 453 -46.29 5.38 20.42
N THR A 454 -45.93 6.22 19.46
CA THR A 454 -46.54 6.17 18.14
C THR A 454 -45.47 5.93 17.02
N SER A 455 -45.68 4.88 16.23
CA SER A 455 -44.85 4.50 15.09
C SER A 455 -43.41 4.18 15.47
N VAL A 456 -43.23 3.06 16.18
CA VAL A 456 -41.91 2.50 16.47
C VAL A 456 -41.56 1.61 15.29
N ARG A 457 -40.52 1.96 14.56
CA ARG A 457 -40.21 1.32 13.27
C ARG A 457 -38.69 1.16 13.14
N PRO A 458 -38.25 0.06 12.49
CA PRO A 458 -36.85 -0.09 12.24
C PRO A 458 -36.43 0.85 11.11
N ASN A 459 -35.27 1.47 11.27
CA ASN A 459 -34.71 2.36 10.23
C ASN A 459 -34.02 1.67 9.08
N GLY A 460 -33.69 0.39 9.22
CA GLY A 460 -33.00 -0.40 8.21
C GLY A 460 -33.92 -1.32 7.40
N LEU A 461 -33.32 -2.32 6.76
CA LEU A 461 -33.99 -3.18 5.78
C LEU A 461 -34.15 -4.61 6.28
N GLU A 462 -35.12 -5.34 5.73
CA GLU A 462 -35.35 -6.73 6.12
C GLU A 462 -34.48 -7.65 5.29
N ASP A 463 -34.24 -8.85 5.82
CA ASP A 463 -33.53 -9.94 5.09
C ASP A 463 -34.26 -10.29 3.79
N THR A 464 -33.52 -10.67 2.76
CA THR A 464 -34.11 -11.10 1.50
C THR A 464 -33.44 -12.38 0.99
N PRO A 465 -34.05 -13.04 0.01
CA PRO A 465 -33.43 -14.29 -0.47
C PRO A 465 -32.08 -14.07 -1.14
N GLN A 466 -31.12 -14.90 -0.80
CA GLN A 466 -29.82 -14.85 -1.41
C GLN A 466 -29.44 -16.26 -1.83
N PHE A 467 -28.56 -16.32 -2.82
CA PHE A 467 -28.19 -17.55 -3.53
C PHE A 467 -26.89 -18.01 -2.93
N LYS A 468 -26.94 -18.97 -2.02
CA LYS A 468 -25.73 -19.51 -1.41
C LYS A 468 -25.20 -20.59 -2.30
N ILE A 469 -23.92 -20.51 -2.61
CA ILE A 469 -23.25 -21.49 -3.47
C ILE A 469 -22.03 -22.03 -2.72
N ASP A 470 -21.82 -23.35 -2.78
CA ASP A 470 -20.73 -24.02 -2.06
C ASP A 470 -19.78 -24.70 -3.05
N ILE A 471 -18.56 -24.22 -3.10
CA ILE A 471 -17.51 -24.87 -3.89
C ILE A 471 -17.05 -26.15 -3.20
N ASP A 472 -17.27 -27.30 -3.84
CA ASP A 472 -16.67 -28.53 -3.36
C ASP A 472 -15.16 -28.57 -3.66
N GLN A 473 -14.38 -28.37 -2.60
CA GLN A 473 -12.91 -28.38 -2.63
C GLN A 473 -12.33 -29.66 -3.18
N GLU A 474 -12.96 -30.78 -2.82
CA GLU A 474 -12.41 -32.10 -3.14
C GLU A 474 -12.52 -32.43 -4.62
N LYS A 475 -13.66 -32.06 -5.19
CA LYS A 475 -13.91 -32.23 -6.61
C LYS A 475 -13.11 -31.22 -7.43
N ALA A 476 -12.99 -30.00 -6.93
CA ALA A 476 -12.11 -28.99 -7.52
C ALA A 476 -10.66 -29.44 -7.56
N GLN A 477 -10.18 -30.06 -6.48
CA GLN A 477 -8.80 -30.59 -6.44
C GLN A 477 -8.66 -31.78 -7.39
N ALA A 478 -9.65 -32.66 -7.38
CA ALA A 478 -9.64 -33.84 -8.22
C ALA A 478 -9.61 -33.47 -9.70
N LEU A 479 -10.41 -32.49 -10.08
CA LEU A 479 -10.48 -32.05 -11.48
C LEU A 479 -9.29 -31.16 -11.88
N GLY A 480 -8.52 -30.71 -10.90
CA GLY A 480 -7.36 -29.89 -11.14
C GLY A 480 -7.66 -28.44 -11.48
N VAL A 481 -8.74 -27.88 -10.93
CA VAL A 481 -9.11 -26.47 -11.15
C VAL A 481 -8.86 -25.68 -9.84
N SER A 482 -8.24 -24.49 -9.94
CA SER A 482 -7.86 -23.74 -8.74
C SER A 482 -9.03 -22.91 -8.23
N ILE A 483 -9.01 -22.65 -6.93
CA ILE A 483 -10.04 -21.85 -6.31
C ILE A 483 -9.96 -20.39 -6.72
N ASN A 484 -8.76 -19.89 -6.97
CA ASN A 484 -8.59 -18.51 -7.45
C ASN A 484 -9.27 -18.30 -8.81
N ASP A 485 -9.11 -19.30 -9.67
CA ASP A 485 -9.74 -19.33 -10.97
C ASP A 485 -11.25 -19.49 -10.89
N ILE A 486 -11.74 -20.34 -9.99
CA ILE A 486 -13.19 -20.44 -9.75
C ILE A 486 -13.71 -19.09 -9.27
N ASN A 487 -13.16 -18.58 -8.17
CA ASN A 487 -13.67 -17.35 -7.57
C ASN A 487 -13.48 -16.11 -8.43
N THR A 488 -12.42 -16.02 -9.22
CA THR A 488 -12.34 -14.92 -10.21
C THR A 488 -13.40 -15.13 -11.28
N THR A 489 -13.59 -16.35 -11.78
CA THR A 489 -14.58 -16.55 -12.83
C THR A 489 -15.98 -16.17 -12.34
N LEU A 490 -16.32 -16.53 -11.11
CA LEU A 490 -17.65 -16.24 -10.53
C LEU A 490 -17.86 -14.77 -10.26
N GLY A 491 -16.91 -14.15 -9.58
CA GLY A 491 -17.03 -12.74 -9.27
C GLY A 491 -16.97 -11.89 -10.50
N ALA A 492 -16.05 -12.18 -11.39
CA ALA A 492 -15.94 -11.35 -12.57
C ALA A 492 -17.19 -11.40 -13.43
N ALA A 493 -17.80 -12.58 -13.58
CA ALA A 493 -18.96 -12.70 -14.46
C ALA A 493 -20.18 -12.07 -13.84
N TRP A 494 -20.47 -12.37 -12.57
CA TRP A 494 -21.76 -11.99 -11.95
C TRP A 494 -21.69 -10.65 -11.23
N GLY A 495 -20.47 -10.24 -10.86
CA GLY A 495 -20.22 -8.99 -10.11
C GLY A 495 -19.41 -7.92 -10.81
N GLY A 496 -18.58 -8.31 -11.77
CA GLY A 496 -17.73 -7.34 -12.46
C GLY A 496 -16.40 -7.27 -11.76
N SER A 497 -15.41 -6.81 -12.50
CA SER A 497 -14.04 -6.71 -12.03
C SER A 497 -13.43 -5.51 -12.70
N TYR A 498 -12.77 -4.70 -11.88
CA TYR A 498 -12.02 -3.55 -12.33
C TYR A 498 -10.64 -4.15 -12.67
N VAL A 499 -10.26 -4.15 -13.94
CA VAL A 499 -9.04 -4.79 -14.43
C VAL A 499 -7.86 -3.82 -14.34
N ASN A 500 -7.97 -2.69 -15.03
CA ASN A 500 -6.97 -1.62 -15.04
C ASN A 500 -7.57 -0.32 -15.56
N ASP A 501 -6.77 0.72 -15.78
CA ASP A 501 -7.26 1.97 -16.39
C ASP A 501 -6.99 2.05 -17.89
N PHE A 502 -7.68 2.97 -18.56
CA PHE A 502 -7.46 3.27 -19.98
C PHE A 502 -7.68 4.75 -20.15
N ILE A 503 -7.57 5.31 -21.36
CA ILE A 503 -7.69 6.78 -21.53
C ILE A 503 -8.71 7.18 -22.57
N ASP A 504 -9.77 7.84 -22.10
CA ASP A 504 -10.92 8.20 -22.90
C ASP A 504 -10.90 9.69 -23.09
N ARG A 505 -10.66 10.14 -24.32
CA ARG A 505 -10.62 11.57 -24.65
C ARG A 505 -9.73 12.38 -23.68
N GLY A 506 -8.56 11.84 -23.39
CA GLY A 506 -7.57 12.52 -22.52
C GLY A 506 -7.61 12.23 -21.03
N ARG A 507 -8.69 11.62 -20.55
CA ARG A 507 -8.89 11.37 -19.15
C ARG A 507 -8.74 9.87 -18.77
N VAL A 508 -8.11 9.62 -17.62
CA VAL A 508 -8.00 8.27 -17.06
C VAL A 508 -9.38 7.81 -16.58
N LYS A 509 -9.71 6.55 -16.85
CA LYS A 509 -10.99 5.97 -16.53
C LYS A 509 -10.80 4.47 -16.37
N LYS A 510 -11.81 3.81 -15.83
CA LYS A 510 -11.72 2.41 -15.44
C LYS A 510 -12.09 1.50 -16.57
N VAL A 511 -11.60 0.26 -16.51
CA VAL A 511 -11.90 -0.84 -17.48
C VAL A 511 -12.51 -1.98 -16.68
N TYR A 512 -13.73 -2.38 -17.01
CA TYR A 512 -14.47 -3.38 -16.24
C TYR A 512 -14.84 -4.53 -17.15
N VAL A 513 -14.65 -5.73 -16.63
CA VAL A 513 -15.00 -6.96 -17.27
C VAL A 513 -16.20 -7.48 -16.50
N MET A 514 -17.26 -7.82 -17.23
CA MET A 514 -18.46 -8.40 -16.65
C MET A 514 -19.22 -9.19 -17.70
N SER A 515 -20.03 -10.15 -17.25
CA SER A 515 -20.98 -10.83 -18.14
C SER A 515 -22.01 -9.88 -18.78
N GLU A 516 -22.30 -10.12 -20.05
CA GLU A 516 -23.47 -9.52 -20.68
C GLU A 516 -24.68 -9.86 -19.81
N ALA A 517 -25.62 -8.94 -19.67
CA ALA A 517 -26.78 -9.14 -18.81
C ALA A 517 -27.49 -10.50 -18.99
N LYS A 518 -27.82 -10.86 -20.23
CA LYS A 518 -28.63 -12.06 -20.48
C LYS A 518 -28.08 -13.38 -19.90
N TYR A 519 -26.77 -13.45 -19.61
CA TYR A 519 -26.12 -14.69 -19.06
C TYR A 519 -25.84 -14.68 -17.54
N ARG A 520 -26.38 -13.68 -16.85
CA ARG A 520 -26.23 -13.59 -15.42
C ARG A 520 -27.56 -13.17 -14.79
N MET A 521 -28.68 -13.58 -15.36
CA MET A 521 -30.01 -13.20 -14.86
C MET A 521 -30.62 -14.27 -14.01
N LEU A 522 -30.53 -15.54 -14.41
CA LEU A 522 -31.24 -16.64 -13.74
C LEU A 522 -30.29 -17.68 -13.13
N PRO A 523 -30.74 -18.45 -12.09
CA PRO A 523 -29.86 -19.48 -11.46
C PRO A 523 -29.27 -20.56 -12.40
N ASP A 524 -29.99 -20.97 -13.44
CA ASP A 524 -29.43 -21.97 -14.39
C ASP A 524 -28.23 -21.46 -15.18
N ASP A 525 -28.07 -20.14 -15.23
CA ASP A 525 -26.93 -19.51 -15.88
C ASP A 525 -25.58 -19.85 -15.22
N ILE A 526 -25.56 -20.20 -13.94
CA ILE A 526 -24.30 -20.58 -13.26
C ILE A 526 -23.61 -21.72 -14.03
N GLY A 527 -24.36 -22.71 -14.51
CA GLY A 527 -23.79 -23.84 -15.28
C GLY A 527 -23.20 -23.55 -16.66
N ASP A 528 -23.63 -22.46 -17.29
CA ASP A 528 -23.12 -22.06 -18.62
C ASP A 528 -21.68 -21.49 -18.55
N TRP A 529 -21.23 -21.08 -17.37
CA TRP A 529 -19.83 -20.62 -17.20
C TRP A 529 -18.88 -21.79 -16.99
N TYR A 530 -17.70 -21.68 -17.58
CA TYR A 530 -16.68 -22.73 -17.56
C TYR A 530 -15.36 -22.20 -16.99
N VAL A 531 -14.67 -23.08 -16.27
CA VAL A 531 -13.33 -22.84 -15.76
C VAL A 531 -12.42 -23.89 -16.38
N ARG A 532 -11.18 -23.49 -16.71
CA ARG A 532 -10.20 -24.38 -17.30
C ARG A 532 -9.31 -24.97 -16.24
N ALA A 533 -9.15 -26.28 -16.26
CA ALA A 533 -8.27 -26.95 -15.31
C ALA A 533 -6.82 -26.98 -15.81
N ALA A 534 -5.92 -27.43 -14.91
CA ALA A 534 -4.48 -27.62 -15.19
C ALA A 534 -4.18 -28.48 -16.45
N ASP A 535 -4.95 -29.55 -16.64
CA ASP A 535 -4.85 -30.44 -17.81
C ASP A 535 -5.51 -29.91 -19.10
N GLY A 536 -5.95 -28.65 -19.11
CA GLY A 536 -6.52 -28.02 -20.32
C GLY A 536 -8.01 -28.25 -20.62
N GLN A 537 -8.69 -29.02 -19.76
CA GLN A 537 -10.12 -29.31 -19.91
C GLN A 537 -11.00 -28.24 -19.27
N MET A 538 -12.09 -27.90 -19.97
CA MET A 538 -13.09 -26.94 -19.46
C MET A 538 -14.09 -27.66 -18.54
N VAL A 539 -14.26 -27.17 -17.32
CA VAL A 539 -15.19 -27.75 -16.37
C VAL A 539 -16.31 -26.78 -16.06
N PRO A 540 -17.58 -27.22 -16.22
CA PRO A 540 -18.67 -26.29 -16.01
C PRO A 540 -18.84 -26.05 -14.54
N PHE A 541 -19.42 -24.91 -14.19
CA PHE A 541 -19.51 -24.48 -12.78
C PHE A 541 -20.27 -25.44 -11.88
N SER A 542 -21.20 -26.15 -12.50
CA SER A 542 -22.01 -27.14 -11.84
C SER A 542 -21.27 -28.48 -11.58
N ALA A 543 -20.16 -28.74 -12.25
CA ALA A 543 -19.36 -29.93 -11.90
C ALA A 543 -18.76 -29.91 -10.49
N PHE A 544 -18.51 -28.73 -9.93
CA PHE A 544 -17.83 -28.60 -8.63
C PHE A 544 -18.55 -27.70 -7.64
N SER A 545 -19.84 -27.44 -7.84
CA SER A 545 -20.62 -26.66 -6.87
C SER A 545 -22.04 -27.18 -6.63
N SER A 546 -22.64 -26.64 -5.60
CA SER A 546 -24.04 -26.86 -5.29
C SER A 546 -24.55 -25.52 -4.86
N SER A 547 -25.85 -25.31 -4.95
CA SER A 547 -26.45 -24.09 -4.43
C SER A 547 -27.81 -24.36 -3.78
N ARG A 548 -28.23 -23.45 -2.92
CA ARG A 548 -29.56 -23.48 -2.34
C ARG A 548 -29.90 -22.04 -1.99
N TRP A 549 -31.18 -21.72 -1.85
CA TRP A 549 -31.60 -20.40 -1.36
C TRP A 549 -31.47 -20.35 0.17
N GLU A 550 -31.01 -19.22 0.69
CA GLU A 550 -31.05 -18.91 2.11
C GLU A 550 -31.51 -17.49 2.26
N TYR A 551 -31.65 -16.99 3.49
CA TYR A 551 -31.95 -15.57 3.72
C TYR A 551 -30.71 -14.88 4.25
N GLY A 552 -30.72 -13.55 4.25
CA GLY A 552 -29.59 -12.76 4.75
C GLY A 552 -29.83 -11.28 4.56
N SER A 553 -29.05 -10.46 5.24
CA SER A 553 -29.22 -9.01 5.22
C SER A 553 -28.59 -8.36 4.00
N PRO A 554 -29.22 -7.27 3.49
CA PRO A 554 -28.62 -6.36 2.57
C PRO A 554 -28.26 -5.01 3.20
N ARG A 555 -28.53 -4.78 4.50
CA ARG A 555 -27.95 -3.63 5.21
C ARG A 555 -27.65 -4.03 6.64
N LEU A 556 -26.41 -4.47 6.88
CA LEU A 556 -25.93 -4.79 8.23
C LEU A 556 -25.50 -3.49 8.92
N GLU A 557 -26.16 -3.18 10.03
CA GLU A 557 -25.87 -1.98 10.79
C GLU A 557 -24.89 -2.28 11.90
N ARG A 558 -24.17 -1.25 12.36
CA ARG A 558 -23.33 -1.36 13.52
C ARG A 558 -23.36 -0.07 14.30
N TYR A 559 -23.16 -0.20 15.61
CA TYR A 559 -23.11 0.95 16.48
C TYR A 559 -21.99 0.76 17.50
N ASN A 560 -21.19 1.82 17.65
CA ASN A 560 -19.98 1.78 18.44
C ASN A 560 -19.22 0.43 18.36
N GLY A 561 -19.07 -0.05 17.13
CA GLY A 561 -18.37 -1.29 16.86
C GLY A 561 -19.13 -2.60 16.95
N LEU A 562 -20.32 -2.64 17.56
CA LEU A 562 -21.07 -3.91 17.64
C LEU A 562 -22.29 -3.92 16.73
N PRO A 563 -22.74 -5.12 16.29
CA PRO A 563 -23.93 -5.19 15.41
C PRO A 563 -25.16 -4.54 16.06
N SER A 564 -25.87 -3.71 15.31
CA SER A 564 -26.93 -2.92 15.88
C SER A 564 -28.15 -2.95 14.98
N MET A 565 -29.29 -2.51 15.50
CA MET A 565 -30.44 -2.22 14.67
C MET A 565 -31.09 -0.96 15.18
N GLU A 566 -31.15 0.06 14.31
CA GLU A 566 -31.67 1.37 14.69
C GLU A 566 -33.19 1.36 14.60
N ILE A 567 -33.83 1.72 15.72
CA ILE A 567 -35.26 1.82 15.80
C ILE A 567 -35.63 3.25 16.03
N LEU A 568 -36.52 3.77 15.20
CA LEU A 568 -37.03 5.13 15.34
C LEU A 568 -38.42 5.11 15.98
N GLY A 569 -38.82 6.26 16.51
CA GLY A 569 -40.17 6.41 17.02
C GLY A 569 -40.50 7.82 17.43
N GLN A 570 -41.79 8.07 17.64
CA GLN A 570 -42.30 9.38 18.03
C GLN A 570 -43.00 9.25 19.37
N ALA A 571 -42.73 10.18 20.29
CA ALA A 571 -43.54 10.31 21.52
C ALA A 571 -45.03 10.48 21.14
N ALA A 572 -45.93 9.83 21.89
CA ALA A 572 -47.38 9.91 21.60
C ALA A 572 -47.96 11.30 21.93
N PRO A 573 -49.11 11.68 21.30
CA PRO A 573 -49.55 13.10 21.33
C PRO A 573 -49.52 13.74 22.72
N GLY A 574 -48.59 14.68 22.93
CA GLY A 574 -48.49 15.42 24.20
C GLY A 574 -47.49 14.95 25.25
N LYS A 575 -47.15 13.66 25.22
CA LYS A 575 -46.18 13.07 26.20
C LYS A 575 -44.78 13.60 25.87
N SER A 576 -43.88 13.71 26.85
CA SER A 576 -42.51 14.20 26.57
C SER A 576 -41.61 13.09 26.01
N THR A 577 -40.57 13.49 25.30
CA THR A 577 -39.58 12.52 24.80
C THR A 577 -38.84 11.81 25.94
N GLY A 578 -38.61 12.48 27.09
CA GLY A 578 -38.07 11.84 28.31
C GLY A 578 -38.90 10.67 28.85
N GLU A 579 -40.23 10.82 28.83
CA GLU A 579 -41.19 9.78 29.20
C GLU A 579 -41.34 8.70 28.13
N ALA A 580 -41.20 9.08 26.87
CA ALA A 580 -41.21 8.10 25.78
C ALA A 580 -39.93 7.23 25.84
N MET A 581 -38.77 7.90 25.88
CA MET A 581 -37.48 7.24 26.12
C MET A 581 -37.52 6.32 27.36
N GLU A 582 -38.14 6.78 28.45
CA GLU A 582 -38.16 6.02 29.71
C GLU A 582 -38.92 4.67 29.62
N LEU A 583 -39.96 4.59 28.76
CA LEU A 583 -40.68 3.31 28.49
C LEU A 583 -39.91 2.36 27.55
N MET A 584 -39.27 2.94 26.54
CA MET A 584 -38.44 2.16 25.61
C MET A 584 -37.37 1.39 26.40
N GLU A 585 -36.74 2.06 27.37
CA GLU A 585 -35.79 1.43 28.29
C GLU A 585 -36.42 0.28 29.10
N GLN A 586 -37.62 0.52 29.64
CA GLN A 586 -38.37 -0.54 30.36
C GLN A 586 -38.62 -1.74 29.49
N LEU A 587 -39.19 -1.52 28.31
CA LEU A 587 -39.46 -2.62 27.38
C LEU A 587 -38.20 -3.42 27.07
N ALA A 588 -37.11 -2.69 26.83
CA ALA A 588 -35.78 -3.24 26.48
C ALA A 588 -35.17 -4.12 27.57
N SER A 589 -35.47 -3.79 28.83
CA SER A 589 -35.10 -4.63 29.99
C SER A 589 -35.54 -6.07 29.87
N LYS A 590 -36.72 -6.28 29.31
CA LYS A 590 -37.29 -7.61 29.17
C LYS A 590 -36.74 -8.42 27.99
N LEU A 591 -35.79 -7.88 27.22
CA LEU A 591 -35.25 -8.59 26.05
C LEU A 591 -34.28 -9.69 26.46
N PRO A 592 -33.88 -10.61 25.55
CA PRO A 592 -32.99 -11.69 26.01
C PRO A 592 -31.64 -11.18 26.45
N THR A 593 -30.87 -12.05 27.07
CA THR A 593 -29.54 -11.66 27.53
C THR A 593 -28.63 -11.66 26.31
N GLY A 594 -27.72 -10.69 26.29
CA GLY A 594 -26.92 -10.36 25.12
C GLY A 594 -27.31 -9.01 24.58
N VAL A 595 -28.60 -8.68 24.67
CA VAL A 595 -29.16 -7.56 23.97
C VAL A 595 -29.29 -6.33 24.87
N GLY A 596 -28.36 -5.40 24.68
CA GLY A 596 -28.44 -4.08 25.28
C GLY A 596 -28.89 -3.07 24.24
N TYR A 597 -28.74 -1.80 24.61
CA TYR A 597 -29.27 -0.67 23.86
C TYR A 597 -28.54 0.61 24.21
N ASP A 598 -28.69 1.61 23.37
CA ASP A 598 -28.12 2.91 23.66
C ASP A 598 -29.00 3.92 22.93
N TRP A 599 -28.79 5.21 23.20
CA TRP A 599 -29.51 6.27 22.53
C TRP A 599 -28.56 7.02 21.62
N THR A 600 -29.03 7.36 20.42
CA THR A 600 -28.22 8.13 19.50
C THR A 600 -29.01 9.29 18.88
N GLY A 601 -28.31 10.11 18.08
CA GLY A 601 -28.88 11.27 17.39
C GLY A 601 -29.43 12.30 18.36
N MET A 602 -30.69 12.68 18.14
CA MET A 602 -31.41 13.62 19.01
C MET A 602 -31.47 13.16 20.49
N SER A 603 -31.61 11.85 20.70
CA SER A 603 -31.80 11.29 22.05
C SER A 603 -30.53 11.13 22.93
N TYR A 604 -29.35 11.46 22.42
CA TYR A 604 -28.12 11.33 23.18
C TYR A 604 -28.07 12.33 24.33
N GLN A 605 -28.27 13.60 24.01
CA GLN A 605 -28.17 14.72 24.99
C GLN A 605 -29.42 14.78 25.89
N ALA B 1 3.36 36.09 0.55
CA ALA B 1 3.09 35.14 -0.59
C ALA B 1 1.80 34.34 -0.35
N PRO B 2 1.30 33.63 -1.40
CA PRO B 2 0.29 32.59 -1.19
C PRO B 2 0.99 31.22 -1.12
N PRO B 3 0.79 30.49 -0.01
CA PRO B 3 1.54 29.24 0.22
C PRO B 3 1.27 28.14 -0.82
N ALA B 4 2.25 27.30 -1.05
CA ALA B 4 2.19 26.28 -2.07
C ALA B 4 2.79 25.00 -1.53
N VAL B 5 1.99 23.94 -1.61
CA VAL B 5 2.40 22.59 -1.23
C VAL B 5 2.74 21.95 -2.56
N THR B 6 3.78 21.12 -2.56
CA THR B 6 4.35 20.57 -3.76
C THR B 6 4.46 19.08 -3.58
N ILE B 7 3.69 18.31 -4.35
CA ILE B 7 3.84 16.84 -4.42
C ILE B 7 4.90 16.46 -5.49
N SER B 8 5.75 15.48 -5.17
CA SER B 8 6.82 15.03 -6.07
C SER B 8 6.87 13.54 -6.08
N ALA B 9 6.91 12.92 -7.24
CA ALA B 9 6.99 11.45 -7.36
C ALA B 9 7.83 11.09 -8.58
N SER B 10 8.17 9.80 -8.70
CA SER B 10 9.14 9.37 -9.71
C SER B 10 8.90 7.97 -10.22
N TYR B 11 9.28 7.75 -11.48
CA TYR B 11 9.01 6.50 -12.17
C TYR B 11 10.23 6.24 -13.00
N PRO B 12 11.16 5.40 -12.50
CA PRO B 12 12.37 5.05 -13.26
C PRO B 12 12.12 4.57 -14.69
N GLY B 13 12.53 5.36 -15.66
CA GLY B 13 12.54 4.92 -17.06
C GLY B 13 11.28 5.27 -17.84
N ALA B 14 10.36 5.95 -17.20
CA ALA B 14 9.10 6.27 -17.81
C ALA B 14 9.24 7.53 -18.64
N ASP B 15 8.36 7.69 -19.62
CA ASP B 15 8.23 8.91 -20.43
C ASP B 15 7.18 9.83 -19.84
N ALA B 16 7.13 11.06 -20.33
CA ALA B 16 6.19 12.08 -19.83
C ALA B 16 4.73 11.55 -19.78
N LYS B 17 4.29 10.92 -20.87
CA LYS B 17 2.92 10.49 -20.98
C LYS B 17 2.63 9.35 -20.01
N THR B 18 3.48 8.32 -20.01
CA THR B 18 3.38 7.25 -19.02
C THR B 18 3.26 7.81 -17.60
N VAL B 19 4.13 8.74 -17.29
CA VAL B 19 4.11 9.39 -16.00
C VAL B 19 2.76 10.05 -15.78
N GLN B 20 2.33 10.85 -16.75
CA GLN B 20 1.13 11.65 -16.61
C GLN B 20 -0.11 10.78 -16.47
N ASP B 21 -0.22 9.75 -17.30
CA ASP B 21 -1.43 8.93 -17.30
C ASP B 21 -1.47 7.84 -16.21
N THR B 22 -0.36 7.48 -15.57
CA THR B 22 -0.39 6.49 -14.50
C THR B 22 -0.25 7.15 -13.13
N VAL B 23 0.37 8.32 -13.06
CA VAL B 23 0.58 9.01 -11.79
C VAL B 23 -0.18 10.34 -11.69
N THR B 24 0.13 11.25 -12.60
CA THR B 24 -0.28 12.65 -12.48
C THR B 24 -1.79 12.80 -12.43
N GLN B 25 -2.44 12.29 -13.47
CA GLN B 25 -3.92 12.28 -13.54
C GLN B 25 -4.60 11.65 -12.33
N VAL B 26 -4.02 10.56 -11.82
CA VAL B 26 -4.58 9.81 -10.68
C VAL B 26 -4.49 10.62 -9.38
N ILE B 27 -3.33 11.21 -9.12
CA ILE B 27 -3.18 12.07 -7.95
C ILE B 27 -4.20 13.22 -8.05
N GLU B 28 -4.17 13.98 -9.15
CA GLU B 28 -5.02 15.15 -9.37
C GLU B 28 -6.54 14.84 -9.18
N GLN B 29 -6.98 13.72 -9.73
CA GLN B 29 -8.38 13.33 -9.58
C GLN B 29 -8.80 13.13 -8.11
N ASN B 30 -7.83 12.96 -7.20
CA ASN B 30 -8.11 12.76 -5.77
C ASN B 30 -7.73 13.90 -4.84
N MET B 31 -7.28 15.01 -5.39
CA MET B 31 -6.88 16.17 -4.61
C MET B 31 -8.10 17.00 -4.27
N ASN B 32 -9.11 16.45 -3.62
CA ASN B 32 -10.33 17.24 -3.36
C ASN B 32 -10.84 17.16 -1.94
N GLY B 33 -11.76 18.06 -1.62
CA GLY B 33 -12.17 18.27 -0.24
C GLY B 33 -11.03 18.89 0.57
N ILE B 34 -10.20 19.67 -0.12
CA ILE B 34 -9.08 20.34 0.47
C ILE B 34 -9.41 21.85 0.54
N ASP B 35 -9.28 22.38 1.75
CA ASP B 35 -9.66 23.77 2.03
C ASP B 35 -8.72 24.77 1.37
N ASN B 36 -9.32 25.86 0.88
CA ASN B 36 -8.59 27.02 0.40
C ASN B 36 -7.55 26.80 -0.71
N LEU B 37 -7.91 26.02 -1.70
CA LEU B 37 -7.07 25.76 -2.85
C LEU B 37 -7.44 26.74 -3.95
N MET B 38 -6.56 27.67 -4.28
CA MET B 38 -6.81 28.58 -5.39
C MET B 38 -6.75 27.88 -6.74
N TYR B 39 -5.64 27.19 -6.99
CA TYR B 39 -5.38 26.50 -8.26
C TYR B 39 -4.28 25.49 -8.11
N MET B 40 -4.11 24.66 -9.12
CA MET B 40 -3.23 23.50 -9.06
C MET B 40 -2.57 23.37 -10.42
N SER B 41 -1.27 23.15 -10.46
CA SER B 41 -0.54 22.97 -11.73
C SER B 41 0.42 21.77 -11.63
N SER B 42 0.81 21.25 -12.77
CA SER B 42 1.59 20.04 -12.75
C SER B 42 2.42 19.84 -13.99
N ASN B 43 3.45 19.00 -13.81
CA ASN B 43 4.44 18.66 -14.82
C ASN B 43 4.78 17.21 -14.80
N SER B 44 4.92 16.63 -15.97
CA SER B 44 5.25 15.25 -16.10
C SER B 44 6.32 15.16 -17.18
N ASP B 45 7.55 14.75 -16.82
CA ASP B 45 8.74 14.77 -17.70
C ASP B 45 9.15 13.42 -18.23
N SER B 46 9.98 13.45 -19.28
CA SER B 46 10.60 12.24 -19.86
C SER B 46 11.81 11.71 -19.09
N THR B 47 12.10 12.33 -17.95
CA THR B 47 12.80 11.73 -16.81
C THR B 47 12.00 10.64 -16.04
N GLY B 48 10.68 10.56 -16.25
C GLY B 48 10.01 10.75 -14.08
N THR B 49 9.33 11.89 -13.97
CA THR B 49 9.30 12.65 -12.73
C THR B 49 8.11 13.65 -12.76
N VAL B 50 7.40 13.77 -11.62
CA VAL B 50 6.16 14.58 -11.53
C VAL B 50 6.24 15.60 -10.42
N GLN B 51 5.81 16.83 -10.72
CA GLN B 51 5.67 17.89 -9.74
C GLN B 51 4.25 18.39 -9.84
N ILE B 52 3.47 18.25 -8.76
CA ILE B 52 2.14 18.85 -8.66
C ILE B 52 2.28 19.93 -7.59
N THR B 53 1.83 21.16 -7.91
CA THR B 53 1.98 22.32 -7.03
C THR B 53 0.58 22.84 -6.74
N LEU B 54 0.19 22.78 -5.47
CA LEU B 54 -1.11 23.23 -5.08
C LEU B 54 -0.92 24.55 -4.37
N THR B 55 -1.47 25.60 -4.94
CA THR B 55 -1.32 26.94 -4.42
C THR B 55 -2.59 27.33 -3.67
N PHE B 56 -2.43 27.76 -2.42
CA PHE B 56 -3.56 28.04 -1.53
C PHE B 56 -3.82 29.54 -1.39
N GLU B 57 -5.01 29.86 -0.82
CA GLU B 57 -5.42 31.28 -0.61
C GLU B 57 -4.44 31.95 0.36
N SER B 58 -4.10 33.20 0.08
CA SER B 58 -3.24 33.97 0.99
C SER B 58 -3.93 34.03 2.34
N GLY B 59 -3.16 33.86 3.42
CA GLY B 59 -3.70 33.74 4.76
C GLY B 59 -3.80 32.29 5.24
N THR B 60 -3.78 31.31 4.33
CA THR B 60 -3.97 29.88 4.68
C THR B 60 -2.86 29.40 5.62
N ASP B 61 -3.20 28.50 6.56
CA ASP B 61 -2.23 27.85 7.44
C ASP B 61 -1.50 26.74 6.69
N ALA B 62 -0.25 27.01 6.32
CA ALA B 62 0.54 26.11 5.47
C ALA B 62 0.60 24.67 5.99
N ASP B 63 0.65 24.53 7.32
CA ASP B 63 0.62 23.23 7.99
C ASP B 63 -0.58 22.42 7.58
N ILE B 64 -1.75 23.05 7.59
CA ILE B 64 -3.00 22.36 7.33
C ILE B 64 -3.03 21.95 5.87
N ALA B 65 -2.69 22.91 5.00
CA ALA B 65 -2.63 22.66 3.57
C ALA B 65 -1.80 21.41 3.29
N GLN B 66 -0.61 21.34 3.88
CA GLN B 66 0.24 20.15 3.76
C GLN B 66 -0.42 18.87 4.32
N VAL B 67 -0.97 18.95 5.54
CA VAL B 67 -1.56 17.78 6.20
C VAL B 67 -2.68 17.29 5.30
N GLN B 68 -3.60 18.20 4.95
CA GLN B 68 -4.77 17.84 4.14
C GLN B 68 -4.36 17.22 2.84
N VAL B 69 -3.42 17.87 2.16
CA VAL B 69 -2.82 17.33 0.94
C VAL B 69 -2.22 15.93 1.15
N GLN B 70 -1.33 15.78 2.11
CA GLN B 70 -0.64 14.50 2.35
C GLN B 70 -1.68 13.42 2.55
N ASN B 71 -2.75 13.78 3.24
CA ASN B 71 -3.80 12.81 3.54
C ASN B 71 -4.55 12.34 2.30
N LYS B 72 -4.84 13.24 1.36
CA LYS B 72 -5.49 12.82 0.12
C LYS B 72 -4.54 12.01 -0.75
N LEU B 73 -3.25 12.35 -0.71
CA LEU B 73 -2.26 11.53 -1.43
C LEU B 73 -2.13 10.16 -0.85
N GLN B 74 -2.15 10.04 0.48
CA GLN B 74 -2.18 8.73 1.16
C GLN B 74 -3.34 7.85 0.68
N LEU B 75 -4.49 8.45 0.42
CA LEU B 75 -5.66 7.68 -0.04
C LEU B 75 -5.60 7.32 -1.53
N ALA B 76 -4.87 8.11 -2.33
CA ALA B 76 -4.55 7.76 -3.71
C ALA B 76 -3.35 6.82 -3.86
N MET B 77 -2.50 6.68 -2.83
CA MET B 77 -1.28 5.87 -2.96
C MET B 77 -1.45 4.53 -3.65
N PRO B 78 -2.49 3.74 -3.28
CA PRO B 78 -2.69 2.38 -3.86
C PRO B 78 -3.15 2.28 -5.30
N LEU B 79 -3.51 3.42 -5.89
CA LEU B 79 -3.91 3.54 -7.28
C LEU B 79 -2.67 3.82 -8.13
N LEU B 80 -1.55 4.21 -7.50
CA LEU B 80 -0.34 4.50 -8.24
C LEU B 80 0.38 3.21 -8.54
N PRO B 81 1.28 3.22 -9.54
CA PRO B 81 2.04 2.02 -9.81
C PRO B 81 3.01 1.68 -8.68
N GLN B 82 3.26 0.38 -8.55
CA GLN B 82 4.17 -0.21 -7.57
C GLN B 82 5.57 0.45 -7.65
N GLU B 83 6.05 0.66 -8.88
CA GLU B 83 7.37 1.28 -9.13
C GLU B 83 7.47 2.69 -8.54
N VAL B 84 6.36 3.41 -8.59
CA VAL B 84 6.30 4.80 -8.13
C VAL B 84 6.31 4.90 -6.61
N GLN B 85 5.50 4.04 -5.99
CA GLN B 85 5.33 4.02 -4.55
C GLN B 85 6.64 3.73 -3.84
N GLN B 86 7.39 2.73 -4.36
CA GLN B 86 8.70 2.30 -3.82
C GLN B 86 9.73 3.42 -3.80
N GLN B 87 9.73 4.30 -4.78
CA GLN B 87 10.59 5.49 -4.73
C GLN B 87 10.19 6.41 -3.59
N GLY B 88 8.91 6.47 -3.26
CA GLY B 88 8.42 7.29 -2.17
C GLY B 88 8.16 8.69 -2.68
N VAL B 89 6.93 9.13 -2.54
CA VAL B 89 6.55 10.45 -2.93
C VAL B 89 6.91 11.41 -1.80
N SER B 90 7.26 12.63 -2.15
CA SER B 90 7.45 13.65 -1.15
C SER B 90 6.33 14.67 -1.29
N VAL B 91 5.96 15.25 -0.16
CA VAL B 91 5.05 16.38 -0.13
C VAL B 91 5.70 17.42 0.76
N GLU B 92 5.88 18.62 0.21
CA GLU B 92 6.68 19.66 0.82
C GLU B 92 5.96 21.00 0.78
N LYS B 93 6.10 21.75 1.86
CA LYS B 93 5.61 23.11 1.93
C LYS B 93 6.85 23.92 1.92
N SER B 94 7.22 24.49 0.78
CA SER B 94 8.35 25.37 0.80
C SER B 94 8.35 26.34 -0.34
N SER B 95 9.00 27.48 -0.07
CA SER B 95 9.47 28.42 -1.11
C SER B 95 10.08 27.64 -2.27
N SER B 96 9.99 28.19 -3.48
CA SER B 96 10.57 27.55 -4.67
C SER B 96 11.97 28.07 -5.01
N SER B 97 12.49 29.00 -4.21
CA SER B 97 13.88 29.49 -4.32
C SER B 97 14.77 28.93 -3.19
N PHE B 98 16.07 28.79 -3.43
CA PHE B 98 17.00 28.33 -2.39
C PHE B 98 17.38 29.39 -1.36
N LEU B 99 17.35 28.99 -0.09
CA LEU B 99 17.86 29.79 1.01
C LEU B 99 19.35 29.81 0.92
N MET B 100 19.94 28.64 0.73
CA MET B 100 21.37 28.53 0.56
C MET B 100 21.76 27.25 -0.16
N VAL B 101 23.07 27.13 -0.44
CA VAL B 101 23.66 25.96 -1.08
C VAL B 101 24.90 25.60 -0.30
N VAL B 102 25.01 24.33 0.10
CA VAL B 102 26.16 23.82 0.85
C VAL B 102 27.00 23.02 -0.09
N GLY B 103 28.10 23.61 -0.52
CA GLY B 103 29.02 22.94 -1.42
C GLY B 103 29.93 22.00 -0.67
N VAL B 104 30.37 20.95 -1.36
CA VAL B 104 31.28 19.97 -0.80
C VAL B 104 32.30 19.62 -1.89
N ILE B 105 33.57 19.88 -1.60
CA ILE B 105 34.70 19.59 -2.49
C ILE B 105 35.71 18.68 -1.79
N ASN B 106 36.76 18.30 -2.51
CA ASN B 106 37.81 17.44 -1.97
C ASN B 106 39.18 17.98 -2.38
N THR B 107 39.77 18.79 -1.49
CA THR B 107 40.97 19.58 -1.80
C THR B 107 42.20 18.72 -2.12
N ASP B 108 42.26 17.53 -1.55
CA ASP B 108 43.30 16.57 -1.90
C ASP B 108 43.07 15.85 -3.24
N GLY B 109 41.93 16.05 -3.90
CA GLY B 109 41.58 15.32 -5.12
C GLY B 109 41.47 13.79 -5.03
N THR B 110 41.39 13.23 -3.81
CA THR B 110 41.27 11.75 -3.61
C THR B 110 39.92 11.17 -4.12
N MET B 111 38.85 11.96 -4.01
CA MET B 111 37.46 11.57 -4.30
C MET B 111 36.90 12.25 -5.54
N THR B 112 36.24 11.46 -6.39
CA THR B 112 35.63 11.98 -7.61
C THR B 112 34.32 12.71 -7.31
N GLN B 113 33.65 13.23 -8.34
CA GLN B 113 32.34 13.85 -8.20
C GLN B 113 31.34 12.83 -7.65
N GLU B 114 31.44 11.64 -8.23
CA GLU B 114 30.60 10.49 -7.91
C GLU B 114 30.73 10.11 -6.41
N ASP B 115 31.97 9.98 -5.92
CA ASP B 115 32.28 9.61 -4.49
C ASP B 115 31.78 10.66 -3.51
N ILE B 116 32.00 11.94 -3.82
CA ILE B 116 31.57 13.06 -2.96
C ILE B 116 30.05 13.08 -2.78
N SER B 117 29.30 12.96 -3.88
CA SER B 117 27.84 13.00 -3.82
C SER B 117 27.26 11.91 -2.92
N ASP B 118 27.83 10.71 -2.98
CA ASP B 118 27.43 9.65 -2.07
C ASP B 118 27.81 9.96 -0.64
N TYR B 119 28.97 10.55 -0.41
CA TYR B 119 29.32 10.97 0.94
C TYR B 119 28.18 11.85 1.46
N VAL B 120 27.78 12.83 0.65
CA VAL B 120 26.81 13.81 1.09
C VAL B 120 25.48 13.10 1.34
N ALA B 121 25.10 12.20 0.43
CA ALA B 121 23.80 11.51 0.53
C ALA B 121 23.76 10.63 1.75
N ALA B 122 24.84 9.87 1.93
CA ALA B 122 24.92 8.90 2.99
C ALA B 122 25.14 9.51 4.39
N ASN B 123 25.78 10.68 4.49
CA ASN B 123 26.22 11.25 5.80
C ASN B 123 25.75 12.61 6.21
N MET B 124 25.16 13.38 5.31
CA MET B 124 24.88 14.81 5.56
C MET B 124 23.41 15.20 5.32
N LYS B 125 22.89 14.82 4.15
CA LYS B 125 21.54 15.19 3.71
C LYS B 125 20.44 14.95 4.74
N ASP B 126 20.42 13.76 5.35
CA ASP B 126 19.35 13.42 6.26
C ASP B 126 19.36 14.36 7.43
N ALA B 127 20.51 14.54 8.08
CA ALA B 127 20.55 15.42 9.23
C ALA B 127 20.15 16.86 8.92
N ILE B 128 20.60 17.36 7.78
CA ILE B 128 20.22 18.68 7.38
C ILE B 128 18.72 18.66 7.14
N SER B 129 18.21 17.60 6.52
CA SER B 129 16.79 17.50 6.20
C SER B 129 15.85 17.58 7.37
N ARG B 130 16.32 17.11 8.54
CA ARG B 130 15.58 17.12 9.80
C ARG B 130 15.82 18.38 10.64
N THR B 131 16.60 19.32 10.10
CA THR B 131 16.83 20.61 10.76
C THR B 131 15.58 21.45 10.58
N SER B 132 15.16 22.14 11.63
CA SER B 132 13.89 22.84 11.57
C SER B 132 14.02 24.17 10.82
N GLY B 133 13.08 24.37 9.89
CA GLY B 133 13.15 25.43 8.90
C GLY B 133 13.47 24.93 7.50
N VAL B 134 13.85 23.66 7.40
CA VAL B 134 14.29 23.11 6.13
C VAL B 134 13.13 22.44 5.38
N GLY B 135 12.61 23.17 4.38
CA GLY B 135 11.45 22.75 3.60
C GLY B 135 11.77 21.65 2.60
N ASP B 136 12.72 21.92 1.73
CA ASP B 136 13.15 20.97 0.72
C ASP B 136 14.68 20.95 0.71
N VAL B 137 15.24 19.80 0.33
CA VAL B 137 16.69 19.64 0.19
C VAL B 137 16.90 18.92 -1.10
N GLN B 138 17.69 19.52 -1.96
CA GLN B 138 18.00 19.00 -3.27
C GLN B 138 19.48 18.57 -3.27
N LEU B 139 19.74 17.29 -3.52
CA LEU B 139 21.13 16.81 -3.62
C LEU B 139 21.64 17.07 -5.04
N PHE B 140 22.82 17.69 -5.14
CA PHE B 140 23.45 17.97 -6.45
C PHE B 140 24.36 16.82 -6.83
N GLY B 141 23.71 15.72 -7.20
CA GLY B 141 24.35 14.44 -7.41
C GLY B 141 23.42 13.29 -7.01
N SER B 142 23.92 12.08 -6.90
CA SER B 142 23.09 10.99 -6.47
C SER B 142 23.74 10.12 -5.40
N GLN B 143 22.93 9.51 -4.55
CA GLN B 143 23.44 8.49 -3.62
C GLN B 143 23.85 7.24 -4.43
N TYR B 144 24.83 6.50 -3.91
CA TYR B 144 25.22 5.27 -4.55
C TYR B 144 24.10 4.23 -4.48
N ALA B 145 23.98 3.44 -5.53
CA ALA B 145 23.20 2.22 -5.53
C ALA B 145 24.18 1.14 -5.93
N MET B 146 23.85 -0.11 -5.64
CA MET B 146 24.59 -1.20 -6.24
C MET B 146 24.12 -1.20 -7.69
N ARG B 147 25.03 -1.02 -8.65
CA ARG B 147 24.67 -1.11 -10.07
C ARG B 147 25.04 -2.46 -10.69
N ILE B 148 24.04 -3.20 -11.17
CA ILE B 148 24.23 -4.42 -11.94
C ILE B 148 24.09 -3.96 -13.39
N TRP B 149 25.23 -3.77 -14.08
CA TRP B 149 25.28 -3.38 -15.51
C TRP B 149 25.33 -4.64 -16.40
N MET B 150 24.17 -4.98 -16.98
CA MET B 150 23.99 -6.24 -17.67
C MET B 150 24.63 -6.21 -19.05
N ASN B 151 25.19 -7.36 -19.46
CA ASN B 151 25.66 -7.62 -20.82
C ASN B 151 24.69 -8.58 -21.54
N PRO B 152 24.11 -8.15 -22.67
CA PRO B 152 23.14 -8.97 -23.37
C PRO B 152 23.74 -10.13 -24.14
N ASN B 153 25.01 -10.00 -24.51
CA ASN B 153 25.70 -11.04 -25.25
C ASN B 153 25.96 -12.20 -24.30
N GLU B 154 26.43 -11.87 -23.10
CA GLU B 154 26.69 -12.90 -22.11
C GLU B 154 25.39 -13.45 -21.54
N LEU B 155 24.34 -12.62 -21.44
CA LEU B 155 23.04 -13.10 -20.96
C LEU B 155 22.45 -14.13 -21.92
N ASN B 156 22.51 -13.83 -23.22
CA ASN B 156 22.06 -14.75 -24.29
C ASN B 156 22.88 -16.05 -24.38
N LYS B 157 24.17 -15.96 -24.13
CA LYS B 157 25.09 -17.10 -24.12
C LYS B 157 24.62 -18.22 -23.20
N PHE B 158 24.14 -17.86 -22.02
CA PHE B 158 23.64 -18.83 -21.04
C PHE B 158 22.10 -18.87 -20.97
N GLN B 159 21.41 -18.42 -22.01
CA GLN B 159 19.94 -18.39 -22.01
C GLN B 159 19.25 -17.80 -20.75
N LEU B 160 19.80 -16.68 -20.28
CA LEU B 160 19.19 -15.87 -19.23
C LEU B 160 18.70 -14.54 -19.79
N THR B 161 17.78 -13.92 -19.05
CA THR B 161 17.27 -12.58 -19.37
C THR B 161 17.40 -11.68 -18.17
N PRO B 162 17.08 -10.37 -18.33
CA PRO B 162 16.99 -9.53 -17.14
C PRO B 162 15.99 -10.01 -16.08
N VAL B 163 14.98 -10.78 -16.49
CA VAL B 163 14.01 -11.36 -15.55
C VAL B 163 14.71 -12.36 -14.63
N ASP B 164 15.59 -13.18 -15.20
CA ASP B 164 16.39 -14.11 -14.40
C ASP B 164 17.33 -13.38 -13.43
N VAL B 165 18.04 -12.37 -13.89
CA VAL B 165 18.88 -11.56 -12.99
C VAL B 165 18.08 -11.06 -11.79
N ILE B 166 16.96 -10.39 -12.06
CA ILE B 166 16.14 -9.75 -11.03
C ILE B 166 15.59 -10.76 -10.02
N THR B 167 15.13 -11.89 -10.54
CA THR B 167 14.64 -12.99 -9.72
C THR B 167 15.72 -13.44 -8.71
N ALA B 168 16.94 -13.60 -9.22
CA ALA B 168 18.07 -14.06 -8.41
C ALA B 168 18.51 -13.00 -7.39
N ILE B 169 18.48 -11.73 -7.77
CA ILE B 169 18.84 -10.64 -6.87
C ILE B 169 17.84 -10.57 -5.72
N LYS B 170 16.56 -10.88 -5.99
CA LYS B 170 15.54 -10.88 -4.92
C LYS B 170 15.63 -12.10 -4.01
N ALA B 171 16.12 -13.22 -4.52
CA ALA B 171 16.25 -14.44 -3.74
C ALA B 171 17.54 -14.51 -2.89
N GLN B 172 18.61 -13.89 -3.38
CA GLN B 172 19.96 -13.99 -2.78
C GLN B 172 20.45 -12.73 -2.13
N ASN B 173 19.77 -11.62 -2.33
CA ASN B 173 19.98 -10.43 -1.55
C ASN B 173 18.75 -10.16 -0.70
N ALA B 174 18.45 -11.12 0.18
CA ALA B 174 17.30 -11.04 1.06
C ALA B 174 17.72 -10.86 2.52
N GLN B 175 16.76 -10.36 3.31
CA GLN B 175 16.89 -10.25 4.76
C GLN B 175 15.76 -11.05 5.33
N VAL B 176 16.05 -12.25 5.85
CA VAL B 176 15.02 -13.24 6.26
C VAL B 176 14.65 -13.20 7.76
N ALA B 177 13.35 -13.17 8.07
CA ALA B 177 12.87 -13.35 9.46
C ALA B 177 12.79 -14.84 9.72
N ALA B 178 13.61 -15.34 10.64
CA ALA B 178 13.79 -16.81 10.79
C ALA B 178 13.45 -17.35 12.17
N GLY B 179 12.94 -16.49 13.04
CA GLY B 179 12.39 -16.94 14.31
C GLY B 179 13.51 -17.13 15.28
N GLN B 180 13.30 -18.05 16.22
CA GLN B 180 14.24 -18.30 17.27
C GLN B 180 14.29 -19.76 17.64
N LEU B 181 15.42 -20.17 18.19
CA LEU B 181 15.46 -21.38 18.97
C LEU B 181 14.89 -21.06 20.38
N GLY B 182 14.08 -21.97 20.91
CA GLY B 182 13.53 -21.85 22.25
C GLY B 182 12.55 -20.73 22.35
N GLY B 183 11.97 -20.38 21.19
CA GLY B 183 11.09 -19.22 21.10
C GLY B 183 9.77 -19.48 21.77
N THR B 184 9.03 -18.41 22.05
CA THR B 184 7.72 -18.52 22.69
C THR B 184 6.61 -18.83 21.67
N PRO B 185 5.62 -19.66 22.01
CA PRO B 185 5.50 -20.38 23.30
C PRO B 185 6.45 -21.59 23.33
N PRO B 186 7.18 -21.82 24.45
CA PRO B 186 8.22 -22.88 24.52
C PRO B 186 7.82 -24.14 25.27
N VAL B 187 8.38 -25.30 24.92
CA VAL B 187 8.18 -26.51 25.74
C VAL B 187 8.77 -26.35 27.16
N LYS B 188 8.18 -27.10 28.10
CA LYS B 188 8.68 -27.14 29.47
C LYS B 188 10.15 -27.62 29.54
N GLY B 189 10.93 -26.95 30.37
CA GLY B 189 12.34 -27.26 30.56
C GLY B 189 13.29 -26.74 29.50
N GLN B 190 12.84 -25.83 28.66
CA GLN B 190 13.68 -25.24 27.60
C GLN B 190 14.75 -24.30 28.20
N GLN B 191 16.03 -24.62 27.98
CA GLN B 191 17.16 -23.89 28.57
C GLN B 191 17.81 -22.82 27.71
N LEU B 192 17.75 -23.05 26.39
CA LEU B 192 18.36 -22.20 25.37
C LEU B 192 17.28 -21.35 24.69
N ASN B 193 17.60 -20.07 24.56
CA ASN B 193 16.86 -19.15 23.69
C ASN B 193 17.88 -18.41 22.83
N ALA B 194 17.73 -18.51 21.52
CA ALA B 194 18.60 -17.79 20.61
C ALA B 194 17.91 -17.44 19.30
N SER B 195 18.26 -16.25 18.79
CA SER B 195 17.83 -15.81 17.47
C SER B 195 18.38 -16.76 16.38
N ILE B 196 17.57 -17.03 15.35
CA ILE B 196 18.00 -17.69 14.10
C ILE B 196 18.26 -16.60 13.06
N ILE B 197 19.44 -16.62 12.48
CA ILE B 197 19.86 -15.63 11.51
C ILE B 197 20.04 -16.41 10.23
N ALA B 198 19.20 -16.13 9.23
CA ALA B 198 19.34 -16.80 7.94
C ALA B 198 19.98 -15.76 7.05
N GLN B 199 19.49 -15.55 5.83
CA GLN B 199 20.11 -14.59 4.94
C GLN B 199 20.00 -13.14 5.45
N THR B 200 21.08 -12.39 5.29
CA THR B 200 21.04 -10.95 5.48
C THR B 200 21.35 -10.27 4.14
N ARG B 201 21.03 -8.99 4.03
CA ARG B 201 21.37 -8.18 2.85
C ARG B 201 22.84 -8.26 2.52
N LEU B 202 23.13 -8.13 1.23
CA LEU B 202 24.49 -8.08 0.77
C LEU B 202 25.01 -6.66 0.94
N THR B 203 26.34 -6.55 0.95
CA THR B 203 27.05 -5.34 1.35
C THR B 203 28.16 -4.89 0.41
N SER B 204 28.55 -5.76 -0.51
CA SER B 204 29.70 -5.52 -1.36
C SER B 204 29.41 -5.90 -2.80
N THR B 205 30.16 -5.31 -3.72
CA THR B 205 30.20 -5.80 -5.11
C THR B 205 30.62 -7.29 -5.17
N GLU B 206 31.69 -7.65 -4.45
CA GLU B 206 32.12 -9.05 -4.26
C GLU B 206 30.91 -9.96 -4.10
N GLU B 207 30.09 -9.65 -3.09
CA GLU B 207 28.89 -10.45 -2.75
C GLU B 207 27.87 -10.55 -3.90
N PHE B 208 27.50 -9.41 -4.47
CA PHE B 208 26.52 -9.39 -5.55
C PHE B 208 27.03 -10.20 -6.74
N GLY B 209 28.30 -10.03 -7.07
CA GLY B 209 28.96 -10.82 -8.12
C GLY B 209 28.94 -12.32 -8.00
N LYS B 210 28.90 -12.85 -6.78
CA LYS B 210 28.84 -14.30 -6.61
C LYS B 210 27.42 -14.82 -6.38
N ILE B 211 26.42 -14.00 -6.68
CA ILE B 211 25.04 -14.47 -6.71
C ILE B 211 25.00 -15.53 -7.79
N LEU B 212 24.39 -16.67 -7.49
CA LEU B 212 24.41 -17.79 -8.41
C LEU B 212 23.16 -17.75 -9.28
N LEU B 213 23.32 -17.57 -10.59
CA LEU B 213 22.15 -17.52 -11.49
C LEU B 213 21.66 -18.92 -11.88
N LYS B 214 22.58 -19.81 -12.31
CA LYS B 214 22.19 -21.19 -12.63
C LYS B 214 23.34 -22.20 -12.68
N VAL B 215 22.98 -23.47 -12.56
CA VAL B 215 23.92 -24.59 -12.76
C VAL B 215 23.67 -25.22 -14.15
N ASN B 216 24.66 -25.16 -15.04
CA ASN B 216 24.56 -25.80 -16.37
C ASN B 216 24.48 -27.33 -16.25
N GLN B 217 24.02 -28.02 -17.31
CA GLN B 217 23.75 -29.47 -17.22
C GLN B 217 25.00 -30.33 -17.01
N ASP B 218 26.17 -29.80 -17.35
CA ASP B 218 27.44 -30.45 -17.03
C ASP B 218 27.90 -30.20 -15.58
N GLY B 219 27.61 -29.02 -15.05
CA GLY B 219 27.88 -28.73 -13.64
C GLY B 219 28.46 -27.37 -13.32
N SER B 220 29.14 -26.74 -14.28
CA SER B 220 29.64 -25.37 -14.10
C SER B 220 28.57 -24.33 -13.66
N ARG B 221 29.09 -23.21 -13.16
CA ARG B 221 28.31 -22.22 -12.47
C ARG B 221 28.32 -20.90 -13.21
N VAL B 222 27.13 -20.35 -13.44
CA VAL B 222 26.98 -19.05 -14.03
C VAL B 222 26.69 -18.04 -12.93
N LEU B 223 27.66 -17.22 -12.58
CA LEU B 223 27.47 -16.18 -11.57
C LEU B 223 27.09 -14.82 -12.19
N LEU B 224 26.55 -13.93 -11.35
CA LEU B 224 26.12 -12.61 -11.78
C LEU B 224 27.28 -11.77 -12.31
N ARG B 225 28.48 -11.96 -11.78
CA ARG B 225 29.66 -11.32 -12.38
C ARG B 225 29.98 -11.82 -13.82
N ASP B 226 29.43 -12.97 -14.23
CA ASP B 226 29.60 -13.54 -15.59
C ASP B 226 28.58 -13.06 -16.60
N VAL B 227 27.58 -12.28 -16.20
CA VAL B 227 26.68 -11.60 -17.16
C VAL B 227 26.57 -10.08 -16.94
N ALA B 228 27.33 -9.55 -15.98
CA ALA B 228 27.23 -8.15 -15.58
C ALA B 228 28.54 -7.58 -15.05
N LYS B 229 28.72 -6.29 -15.25
CA LYS B 229 29.69 -5.55 -14.48
C LYS B 229 28.98 -5.05 -13.23
N ILE B 230 29.70 -5.07 -12.10
CA ILE B 230 29.15 -4.77 -10.78
C ILE B 230 29.96 -3.70 -10.09
N GLU B 231 29.42 -2.49 -10.00
CA GLU B 231 30.07 -1.40 -9.28
C GLU B 231 29.06 -0.55 -8.46
N LEU B 232 29.53 0.09 -7.41
CA LEU B 232 28.75 1.18 -6.79
C LEU B 232 28.70 2.33 -7.77
N GLY B 233 27.51 2.83 -8.05
CA GLY B 233 27.34 3.99 -8.92
C GLY B 233 26.01 4.63 -8.63
N GLY B 234 25.81 5.89 -9.02
CA GLY B 234 24.59 6.62 -8.66
C GLY B 234 23.29 5.92 -8.98
N GLU B 235 22.24 6.27 -8.24
CA GLU B 235 20.85 5.84 -8.52
C GLU B 235 20.44 6.42 -9.85
N ASN B 236 20.69 7.71 -10.02
CA ASN B 236 20.69 8.36 -11.34
C ASN B 236 22.06 8.98 -11.62
N TYR B 237 22.29 9.30 -12.89
CA TYR B 237 23.52 9.92 -13.37
C TYR B 237 23.29 11.31 -13.93
N ASP B 238 22.13 11.92 -13.62
CA ASP B 238 21.63 13.11 -14.32
C ASP B 238 22.25 14.40 -13.91
N ILE B 239 22.53 14.52 -12.60
CA ILE B 239 23.07 15.72 -11.94
C ILE B 239 24.56 15.59 -11.59
N ILE B 240 25.34 16.57 -12.04
CA ILE B 240 26.78 16.64 -11.84
C ILE B 240 27.07 18.10 -11.54
N ALA B 241 27.94 18.39 -10.57
CA ALA B 241 28.23 19.75 -10.16
C ALA B 241 29.71 20.06 -10.16
N GLU B 242 30.01 21.36 -10.02
CA GLU B 242 31.38 21.88 -9.98
C GLU B 242 31.48 23.16 -9.14
N PHE B 243 32.65 23.34 -8.52
CA PHE B 243 32.91 24.52 -7.68
C PHE B 243 34.21 25.10 -8.17
N ASN B 244 34.15 26.27 -8.77
CA ASN B 244 35.33 26.84 -9.45
C ASN B 244 36.04 25.84 -10.34
N GLY B 245 35.25 25.07 -11.09
CA GLY B 245 35.74 24.16 -12.07
C GLY B 245 36.19 22.82 -11.57
N GLN B 246 36.13 22.55 -10.26
CA GLN B 246 36.57 21.25 -9.76
C GLN B 246 35.38 20.39 -9.31
N PRO B 247 35.55 19.05 -9.26
CA PRO B 247 34.45 18.17 -8.90
C PRO B 247 33.88 18.48 -7.54
N ALA B 248 32.56 18.43 -7.43
CA ALA B 248 31.86 18.86 -6.22
C ALA B 248 30.48 18.20 -6.14
N SER B 249 29.93 18.14 -4.93
CA SER B 249 28.51 17.89 -4.75
C SER B 249 27.96 18.97 -3.83
N GLY B 250 26.70 18.85 -3.42
CA GLY B 250 26.14 19.81 -2.47
C GLY B 250 24.64 19.71 -2.25
N LEU B 251 24.11 20.62 -1.43
CA LEU B 251 22.71 20.58 -1.03
C LEU B 251 22.02 21.91 -1.25
N GLY B 252 21.06 21.95 -2.16
CA GLY B 252 20.22 23.13 -2.31
C GLY B 252 19.14 23.09 -1.23
N ILE B 253 19.14 24.11 -0.37
CA ILE B 253 18.29 24.08 0.81
C ILE B 253 17.24 25.18 0.72
N LYS B 254 15.97 24.79 0.63
CA LYS B 254 14.85 25.73 0.60
C LYS B 254 14.29 25.91 1.99
N LEU B 255 13.75 27.09 2.23
CA LEU B 255 13.27 27.48 3.55
C LEU B 255 11.81 27.05 3.66
N ALA B 256 11.44 26.43 4.80
CA ALA B 256 10.07 25.95 5.03
C ALA B 256 9.12 27.12 5.19
N THR B 257 8.00 27.12 4.43
CA THR B 257 7.00 28.20 4.44
C THR B 257 6.77 28.55 5.91
N GLY B 258 7.07 29.79 6.26
CA GLY B 258 6.84 30.28 7.61
C GLY B 258 8.02 30.24 8.53
N ALA B 259 9.13 29.64 8.13
CA ALA B 259 10.29 29.50 9.01
C ALA B 259 11.12 30.78 9.02
N ASN B 260 11.90 31.00 10.08
CA ASN B 260 12.87 32.09 10.10
C ASN B 260 14.06 31.75 9.19
N ALA B 261 14.28 32.56 8.15
CA ALA B 261 15.46 32.43 7.28
C ALA B 261 16.76 32.48 8.05
N LEU B 262 16.91 33.43 8.95
CA LEU B 262 18.19 33.58 9.63
C LEU B 262 18.45 32.50 10.65
N ASP B 263 17.44 32.15 11.43
CA ASP B 263 17.61 31.08 12.43
C ASP B 263 17.90 29.74 11.72
N THR B 264 17.15 29.44 10.66
CA THR B 264 17.34 28.21 9.86
C THR B 264 18.77 28.09 9.29
N ALA B 265 19.32 29.20 8.82
CA ALA B 265 20.69 29.25 8.32
C ALA B 265 21.72 28.84 9.38
N ALA B 266 21.59 29.42 10.58
CA ALA B 266 22.46 29.10 11.73
C ALA B 266 22.38 27.62 12.17
N ALA B 267 21.16 27.13 12.34
CA ALA B 267 20.90 25.73 12.67
C ALA B 267 21.55 24.77 11.66
N ILE B 268 21.45 25.11 10.37
CA ILE B 268 22.13 24.34 9.32
C ILE B 268 23.63 24.41 9.53
N ARG B 269 24.15 25.57 9.88
CA ARG B 269 25.59 25.71 10.15
C ARG B 269 26.05 24.92 11.39
N ALA B 270 25.21 24.89 12.43
CA ALA B 270 25.53 24.17 13.65
C ALA B 270 25.60 22.66 13.42
N GLU B 271 24.69 22.14 12.60
CA GLU B 271 24.66 20.71 12.30
C GLU B 271 25.88 20.30 11.45
N LEU B 272 26.33 21.20 10.57
CA LEU B 272 27.52 20.95 9.74
C LEU B 272 28.79 20.96 10.57
N ALA B 273 28.83 21.80 11.60
CA ALA B 273 29.95 21.82 12.57
C ALA B 273 30.12 20.48 13.29
N LYS B 274 29.01 19.84 13.67
CA LYS B 274 29.01 18.45 14.21
C LYS B 274 29.57 17.37 13.27
N MET B 275 29.45 17.58 11.95
CA MET B 275 29.92 16.59 10.96
C MET B 275 31.38 16.69 10.63
N GLU B 276 31.88 17.91 10.45
CA GLU B 276 33.26 18.15 9.94
C GLU B 276 34.36 17.25 10.52
N PRO B 277 34.47 17.12 11.86
CA PRO B 277 35.49 16.28 12.50
C PRO B 277 35.67 14.89 11.90
N PHE B 278 34.59 14.34 11.38
CA PHE B 278 34.51 12.97 10.95
C PHE B 278 34.55 12.82 9.42
N PHE B 279 34.96 13.88 8.71
CA PHE B 279 35.06 13.79 7.25
C PHE B 279 36.29 12.98 6.88
N PRO B 280 36.28 12.29 5.72
CA PRO B 280 37.52 11.72 5.18
C PRO B 280 38.55 12.81 4.93
N SER B 281 39.82 12.44 4.88
CA SER B 281 40.85 13.44 4.60
C SER B 281 40.52 14.06 3.24
N GLY B 282 40.47 15.39 3.23
CA GLY B 282 40.31 16.16 2.00
C GLY B 282 38.96 16.83 1.90
N LEU B 283 37.90 16.18 2.35
CA LEU B 283 36.56 16.75 2.25
C LEU B 283 36.51 18.10 2.96
N LYS B 284 35.74 19.01 2.41
CA LYS B 284 35.73 20.38 2.88
C LYS B 284 34.43 21.03 2.47
N ILE B 285 33.81 21.75 3.41
CA ILE B 285 32.58 22.44 3.12
C ILE B 285 32.93 23.79 2.57
N VAL B 286 32.22 24.21 1.52
CA VAL B 286 32.36 25.54 0.94
C VAL B 286 30.97 26.10 0.81
N TYR B 287 30.83 27.42 0.95
CA TYR B 287 29.54 28.09 1.10
C TYR B 287 29.29 29.05 -0.06
N PRO B 288 28.93 28.52 -1.24
CA PRO B 288 28.86 29.32 -2.47
C PRO B 288 27.65 30.20 -2.73
N TYR B 289 26.58 30.10 -1.92
CA TYR B 289 25.37 30.92 -2.16
C TYR B 289 24.61 31.09 -0.85
N ASP B 290 24.60 32.31 -0.31
CA ASP B 290 23.96 32.67 0.95
C ASP B 290 23.05 33.89 0.76
N THR B 291 21.75 33.74 1.06
CA THR B 291 20.76 34.83 1.01
C THR B 291 20.40 35.26 2.44
N GLN B 309 22.22 41.63 -2.02
CA GLN B 309 23.30 42.52 -2.45
C GLN B 309 24.59 41.75 -2.74
N GLY B 310 24.61 40.43 -2.49
CA GLY B 310 25.86 39.62 -2.46
C GLY B 310 26.08 38.47 -3.45
N VAL B 311 24.98 37.94 -3.98
CA VAL B 311 24.97 36.74 -4.83
C VAL B 311 23.98 36.87 -5.99
N PHE B 312 24.08 35.95 -6.95
CA PHE B 312 23.10 35.81 -8.02
C PHE B 312 23.22 34.47 -8.69
N MET B 313 22.26 34.13 -9.53
CA MET B 313 22.27 32.86 -10.24
C MET B 313 22.35 33.14 -11.73
N THR B 314 22.70 32.11 -12.49
CA THR B 314 22.75 32.17 -13.93
C THR B 314 22.14 30.88 -14.43
N MET B 315 21.09 31.00 -15.23
CA MET B 315 20.29 29.86 -15.65
C MET B 315 20.66 29.45 -17.09
N VAL B 316 20.60 28.16 -17.38
CA VAL B 316 20.95 27.64 -18.70
C VAL B 316 19.84 26.68 -19.16
N GLN B 317 19.14 27.09 -20.23
CA GLN B 317 18.18 26.26 -20.98
C GLN B 317 18.74 25.96 -22.36
N LEU B 318 18.98 24.68 -22.64
CA LEU B 318 19.23 24.26 -24.02
C LEU B 318 17.93 23.75 -24.65
N PRO B 319 17.82 23.79 -26.00
CA PRO B 319 16.64 23.20 -26.62
C PRO B 319 16.53 21.74 -26.24
N ALA B 320 15.31 21.25 -26.03
CA ALA B 320 15.09 19.86 -25.63
C ALA B 320 15.66 18.90 -26.71
N GLY B 321 16.06 17.72 -26.26
CA GLY B 321 16.85 16.79 -27.07
C GLY B 321 18.37 16.96 -26.98
N ALA B 322 18.84 17.99 -26.26
CA ALA B 322 20.27 18.25 -25.99
C ALA B 322 20.88 17.24 -25.00
N THR B 323 22.15 16.91 -25.19
CA THR B 323 22.87 16.00 -24.30
C THR B 323 23.46 16.70 -23.08
N GLN B 324 23.79 15.88 -22.08
CA GLN B 324 24.57 16.32 -20.91
C GLN B 324 25.91 16.92 -21.36
N GLU B 325 26.60 16.24 -22.30
CA GLU B 325 27.88 16.71 -22.82
C GLU B 325 27.82 18.13 -23.40
N ARG B 326 26.74 18.46 -24.09
CA ARG B 326 26.62 19.78 -24.69
C ARG B 326 26.22 20.84 -23.67
N THR B 327 25.36 20.49 -22.71
CA THR B 327 25.04 21.42 -21.64
C THR B 327 26.29 21.78 -20.81
N GLN B 328 27.16 20.79 -20.60
CA GLN B 328 28.46 20.98 -19.93
C GLN B 328 29.39 21.93 -20.66
N LYS B 329 29.33 21.95 -21.98
CA LYS B 329 30.07 22.93 -22.79
C LYS B 329 29.63 24.36 -22.53
N VAL B 330 28.33 24.55 -22.37
CA VAL B 330 27.78 25.89 -22.15
C VAL B 330 28.06 26.36 -20.72
N LEU B 331 27.95 25.44 -19.76
CA LEU B 331 28.27 25.76 -18.36
C LEU B 331 29.75 26.11 -18.18
N ASN B 332 30.60 25.54 -19.04
CA ASN B 332 32.01 25.83 -18.98
C ASN B 332 32.28 27.22 -19.44
N GLU B 333 31.64 27.66 -20.51
CA GLU B 333 31.79 29.06 -20.97
C GLU B 333 31.23 30.06 -19.93
N VAL B 334 30.12 29.70 -19.29
CA VAL B 334 29.51 30.52 -18.25
C VAL B 334 30.49 30.65 -17.09
N THR B 335 30.95 29.52 -16.56
CA THR B 335 31.93 29.48 -15.45
C THR B 335 33.17 30.30 -15.87
N HIS B 336 33.66 30.03 -17.07
CA HIS B 336 34.90 30.64 -17.58
C HIS B 336 34.86 32.16 -17.59
N TYR B 337 33.72 32.69 -18.00
CA TYR B 337 33.52 34.13 -18.04
C TYR B 337 33.65 34.72 -16.64
N TYR B 338 33.02 34.09 -15.63
CA TYR B 338 33.11 34.62 -14.25
C TYR B 338 34.51 34.42 -13.62
N LEU B 339 35.15 33.28 -13.88
CA LEU B 339 36.51 33.03 -13.37
C LEU B 339 37.62 33.81 -14.10
N THR B 340 37.36 34.32 -15.32
CA THR B 340 38.36 35.08 -16.06
C THR B 340 37.99 36.54 -16.22
N LYS B 341 36.95 36.83 -16.98
CA LYS B 341 36.54 38.21 -17.27
C LYS B 341 35.95 38.96 -16.03
N GLU B 342 35.52 38.24 -15.00
CA GLU B 342 34.98 38.89 -13.79
C GLU B 342 35.71 38.46 -12.48
N LYS B 343 37.01 38.18 -12.59
CA LYS B 343 37.89 37.72 -11.48
C LYS B 343 37.77 38.53 -10.21
N ASN B 344 37.76 39.85 -10.38
CA ASN B 344 37.92 40.79 -9.28
C ASN B 344 36.64 40.99 -8.51
N ASN B 345 35.51 40.52 -9.05
CA ASN B 345 34.22 40.61 -8.37
C ASN B 345 33.65 39.28 -7.88
N VAL B 346 33.99 38.17 -8.54
CA VAL B 346 33.39 36.87 -8.26
C VAL B 346 34.33 36.08 -7.39
N GLU B 347 33.88 35.69 -6.20
CA GLU B 347 34.68 34.84 -5.33
C GLU B 347 34.58 33.40 -5.81
N SER B 348 33.38 33.00 -6.23
CA SER B 348 33.16 31.62 -6.62
C SER B 348 31.89 31.38 -7.42
N VAL B 349 31.92 30.28 -8.17
CA VAL B 349 30.82 29.80 -9.01
C VAL B 349 30.55 28.33 -8.65
N PHE B 350 29.34 28.04 -8.20
CA PHE B 350 28.90 26.66 -8.06
C PHE B 350 27.93 26.40 -9.21
N ALA B 351 28.30 25.48 -10.11
CA ALA B 351 27.53 25.20 -11.34
C ALA B 351 27.01 23.77 -11.33
N VAL B 352 25.77 23.56 -11.75
CA VAL B 352 25.15 22.23 -11.76
C VAL B 352 24.56 21.87 -13.13
N ASN B 353 25.13 20.85 -13.79
CA ASN B 353 24.54 20.27 -15.00
C ASN B 353 23.34 19.40 -14.61
N GLY B 354 22.27 19.51 -15.39
CA GLY B 354 21.10 18.64 -15.24
C GLY B 354 19.99 19.13 -14.31
N PHE B 355 20.24 20.21 -13.57
CA PHE B 355 19.24 20.82 -12.70
C PHE B 355 19.06 22.23 -13.19
N GLY B 356 17.83 22.71 -13.18
CA GLY B 356 17.50 24.06 -13.64
C GLY B 356 16.56 24.67 -12.64
N PHE B 357 16.50 26.00 -12.67
CA PHE B 357 15.66 26.75 -11.73
C PHE B 357 14.21 26.20 -11.71
N ALA B 358 13.65 26.00 -12.91
CA ALA B 358 12.40 25.26 -13.13
C ALA B 358 12.72 23.89 -13.74
N GLY B 359 12.81 22.87 -12.88
CA GLY B 359 12.85 21.48 -13.35
C GLY B 359 14.18 20.75 -13.35
N ARG B 360 14.24 19.70 -14.19
CA ARG B 360 15.34 18.73 -14.27
C ARG B 360 15.56 18.40 -15.74
N GLY B 361 16.49 17.51 -16.04
CA GLY B 361 16.67 16.97 -17.40
C GLY B 361 18.02 17.25 -18.00
N GLN B 362 18.49 16.38 -18.91
CA GLN B 362 19.79 16.51 -19.59
C GLN B 362 20.06 17.86 -20.29
N ASN B 363 19.01 18.63 -20.58
CA ASN B 363 19.09 19.90 -21.34
C ASN B 363 19.15 21.21 -20.55
N THR B 364 19.26 21.14 -19.22
CA THR B 364 19.29 22.38 -18.42
C THR B 364 20.42 22.40 -17.42
N GLY B 365 20.62 23.56 -16.81
CA GLY B 365 21.72 23.79 -15.88
C GLY B 365 21.58 25.12 -15.16
N ILE B 366 22.30 25.27 -14.06
CA ILE B 366 22.23 26.48 -13.24
C ILE B 366 23.63 26.75 -12.63
N ALA B 367 23.91 28.03 -12.38
CA ALA B 367 25.17 28.42 -11.76
C ALA B 367 24.90 29.46 -10.69
N PHE B 368 25.28 29.14 -9.44
CA PHE B 368 25.14 30.03 -8.30
C PHE B 368 26.44 30.77 -8.16
N VAL B 369 26.38 32.11 -8.13
CA VAL B 369 27.56 32.98 -8.10
C VAL B 369 27.71 33.82 -6.82
N SER B 370 28.91 33.87 -6.27
CA SER B 370 29.11 34.53 -5.00
C SER B 370 30.19 35.59 -5.15
N LEU B 371 29.85 36.83 -4.86
CA LEU B 371 30.78 37.93 -5.07
C LEU B 371 31.72 38.12 -3.87
N LYS B 372 32.85 38.77 -4.13
CA LYS B 372 33.81 39.16 -3.10
C LYS B 372 33.19 40.23 -2.22
N ASP B 373 33.82 40.47 -1.07
CA ASP B 373 33.26 41.42 -0.11
C ASP B 373 32.90 42.73 -0.85
N TRP B 374 31.64 43.13 -0.70
CA TRP B 374 31.11 44.45 -1.10
C TRP B 374 32.15 45.59 -1.02
N ALA B 375 32.92 45.61 0.07
CA ALA B 375 33.97 46.59 0.29
C ALA B 375 35.13 46.51 -0.72
N ASP B 376 35.37 45.35 -1.30
CA ASP B 376 36.43 45.19 -2.30
C ASP B 376 35.91 45.29 -3.75
N ARG B 377 34.69 45.78 -3.94
CA ARG B 377 34.09 45.97 -5.26
C ARG B 377 33.56 47.40 -5.37
N PRO B 378 34.47 48.40 -5.33
CA PRO B 378 33.99 49.77 -5.27
C PRO B 378 33.53 50.24 -6.64
N GLY B 379 32.50 51.09 -6.66
CA GLY B 379 31.99 51.70 -7.90
C GLY B 379 30.69 51.06 -8.33
N GLU B 380 29.75 51.84 -8.84
CA GLU B 380 28.43 51.29 -9.23
C GLU B 380 28.50 50.24 -10.37
N GLU B 381 29.57 50.24 -11.15
CA GLU B 381 29.74 49.24 -12.21
C GLU B 381 30.18 47.83 -11.71
N ASN B 382 30.54 47.70 -10.42
CA ASN B 382 30.87 46.39 -9.83
C ASN B 382 29.86 45.87 -8.81
N LYS B 383 28.66 46.43 -8.80
CA LYS B 383 27.59 45.98 -7.93
C LYS B 383 26.78 44.95 -8.70
N VAL B 384 25.83 44.32 -8.03
CA VAL B 384 25.19 43.11 -8.55
C VAL B 384 24.36 43.37 -9.82
N GLU B 385 23.80 44.56 -9.93
CA GLU B 385 22.96 44.84 -11.09
C GLU B 385 23.83 44.98 -12.35
N ALA B 386 24.86 45.81 -12.26
CA ALA B 386 25.79 46.01 -13.37
C ALA B 386 26.48 44.70 -13.84
N ILE B 387 26.82 43.82 -12.89
CA ILE B 387 27.49 42.56 -13.19
C ILE B 387 26.57 41.59 -13.96
N THR B 388 25.37 41.35 -13.42
CA THR B 388 24.37 40.49 -14.09
C THR B 388 23.97 40.96 -15.47
N MET B 389 23.89 42.29 -15.65
CA MET B 389 23.52 42.85 -16.94
C MET B 389 24.62 42.57 -17.95
N ARG B 390 25.86 42.94 -17.59
CA ARG B 390 27.04 42.68 -18.42
C ARG B 390 27.17 41.20 -18.81
N ALA B 391 26.96 40.35 -17.79
CA ALA B 391 26.96 38.91 -17.95
C ALA B 391 25.93 38.44 -18.98
N THR B 392 24.68 38.91 -18.87
CA THR B 392 23.62 38.50 -19.82
C THR B 392 23.92 39.01 -21.24
N ARG B 393 24.37 40.27 -21.35
CA ARG B 393 24.90 40.80 -22.62
C ARG B 393 25.99 39.89 -23.18
N ALA B 394 26.93 39.51 -22.33
CA ALA B 394 28.01 38.59 -22.73
C ALA B 394 27.52 37.21 -23.20
N PHE B 395 26.51 36.65 -22.54
CA PHE B 395 26.00 35.30 -22.87
C PHE B 395 24.91 35.27 -23.97
N SER B 396 24.38 36.42 -24.40
CA SER B 396 23.41 36.45 -25.51
C SER B 396 24.03 36.04 -26.86
N GLN B 397 25.36 36.11 -26.93
CA GLN B 397 26.17 35.64 -28.05
C GLN B 397 26.52 34.14 -27.86
N ILE B 398 25.54 33.31 -27.48
CA ILE B 398 25.74 31.85 -27.34
C ILE B 398 24.62 31.16 -28.13
N LYS B 399 25.02 30.09 -28.82
CA LYS B 399 24.19 29.47 -29.86
C LYS B 399 23.34 28.35 -29.32
N ASP B 400 22.04 28.42 -29.63
CA ASP B 400 21.05 27.41 -29.23
C ASP B 400 21.13 27.15 -27.73
N ALA B 401 20.96 28.23 -26.97
CA ALA B 401 20.93 28.19 -25.51
C ALA B 401 20.44 29.53 -24.98
N MET B 402 19.47 29.51 -24.07
CA MET B 402 19.01 30.71 -23.37
C MET B 402 19.80 30.83 -22.05
N VAL B 403 20.74 31.77 -22.00
CA VAL B 403 21.64 31.93 -20.86
C VAL B 403 21.45 33.32 -20.24
N PHE B 404 20.91 33.33 -19.04
CA PHE B 404 20.31 34.50 -18.44
C PHE B 404 20.80 34.55 -16.98
N ALA B 405 21.37 35.68 -16.56
CA ALA B 405 21.87 35.84 -15.20
C ALA B 405 21.12 36.95 -14.51
N PHE B 406 20.71 36.69 -13.27
CA PHE B 406 19.66 37.45 -12.60
C PHE B 406 19.78 37.35 -11.08
N ASN B 407 19.26 38.37 -10.39
CA ASN B 407 19.18 38.40 -8.93
C ASN B 407 17.83 37.83 -8.44
N LEU B 408 17.37 38.18 -7.23
CA LEU B 408 16.06 37.68 -6.75
C LEU B 408 15.52 38.58 -5.64
N THR B 418 8.33 41.84 -13.70
CA THR B 418 6.89 41.58 -13.69
C THR B 418 6.16 41.98 -15.03
N GLY B 419 5.78 40.95 -15.82
CA GLY B 419 4.91 41.04 -17.01
C GLY B 419 3.61 40.23 -16.82
N PHE B 420 3.48 39.03 -17.42
CA PHE B 420 2.25 38.20 -17.24
C PHE B 420 2.42 36.68 -17.43
N ASP B 421 1.39 35.94 -17.00
CA ASP B 421 1.41 34.48 -16.82
C ASP B 421 0.06 33.79 -17.20
N PHE B 422 0.03 33.14 -18.37
CA PHE B 422 -1.18 32.75 -19.06
C PHE B 422 -1.14 31.23 -19.31
N GLU B 423 -2.25 30.54 -19.01
CA GLU B 423 -2.38 29.10 -19.26
C GLU B 423 -3.39 28.88 -20.35
N LEU B 424 -3.00 28.17 -21.39
CA LEU B 424 -3.92 27.82 -22.45
C LEU B 424 -4.41 26.42 -22.13
N ILE B 425 -5.70 26.24 -21.92
CA ILE B 425 -6.27 25.00 -21.37
C ILE B 425 -7.08 24.22 -22.41
N ASP B 426 -6.83 22.92 -22.49
CA ASP B 426 -7.64 21.95 -23.26
C ASP B 426 -8.95 21.71 -22.53
N GLN B 427 -10.04 22.29 -23.04
CA GLN B 427 -11.32 22.20 -22.34
C GLN B 427 -12.26 21.11 -22.85
N ALA B 428 -11.87 20.40 -23.92
CA ALA B 428 -12.79 19.43 -24.57
C ALA B 428 -12.11 18.22 -25.16
N GLY B 429 -11.11 17.69 -24.46
CA GLY B 429 -10.46 16.44 -24.85
C GLY B 429 -9.69 16.48 -26.15
N LEU B 430 -9.25 17.68 -26.55
CA LEU B 430 -8.69 17.88 -27.90
C LEU B 430 -7.44 17.05 -28.17
N GLY B 431 -6.55 16.98 -27.18
CA GLY B 431 -5.28 16.30 -27.34
C GLY B 431 -4.09 17.23 -27.33
N HIS B 432 -2.91 16.65 -27.19
CA HIS B 432 -1.65 17.41 -27.09
C HIS B 432 -1.26 18.03 -28.45
N GLU B 433 -1.42 17.25 -29.53
CA GLU B 433 -1.07 17.66 -30.90
C GLU B 433 -1.94 18.90 -31.23
N LYS B 434 -3.24 18.83 -30.93
CA LYS B 434 -4.13 19.94 -31.16
C LYS B 434 -3.89 21.14 -30.26
N LEU B 435 -3.63 20.92 -28.99
CA LEU B 435 -3.40 22.05 -28.09
C LEU B 435 -2.14 22.80 -28.54
N THR B 436 -1.12 22.07 -29.00
CA THR B 436 0.07 22.72 -29.58
C THR B 436 -0.29 23.66 -30.73
N GLN B 437 -1.08 23.21 -31.71
CA GLN B 437 -1.47 24.09 -32.85
C GLN B 437 -2.22 25.34 -32.41
N ALA B 438 -3.15 25.17 -31.48
CA ALA B 438 -3.81 26.30 -30.84
C ALA B 438 -2.82 27.21 -30.12
N ARG B 439 -1.89 26.63 -29.34
CA ARG B 439 -0.81 27.45 -28.76
C ARG B 439 -0.04 28.24 -29.84
N ASN B 440 0.35 27.54 -30.91
CA ASN B 440 1.14 28.14 -31.99
C ASN B 440 0.39 29.25 -32.75
N GLN B 441 -0.91 29.06 -32.92
CA GLN B 441 -1.77 30.08 -33.52
C GLN B 441 -1.90 31.32 -32.62
N LEU B 442 -2.08 31.14 -31.32
CA LEU B 442 -2.02 32.28 -30.38
C LEU B 442 -0.65 33.04 -30.38
N LEU B 443 0.46 32.30 -30.40
CA LEU B 443 1.79 32.92 -30.51
C LEU B 443 1.95 33.68 -31.82
N ALA B 444 1.47 33.11 -32.92
CA ALA B 444 1.54 33.77 -34.23
C ALA B 444 0.85 35.15 -34.21
N GLU B 445 -0.41 35.17 -33.76
CA GLU B 445 -1.19 36.42 -33.57
C GLU B 445 -0.57 37.44 -32.62
N ALA B 446 0.02 36.98 -31.51
CA ALA B 446 0.63 37.89 -30.54
C ALA B 446 1.89 38.58 -31.07
N ALA B 447 2.57 37.91 -32.02
CA ALA B 447 3.73 38.49 -32.72
C ALA B 447 3.36 39.65 -33.65
N LYS B 448 2.14 39.65 -34.16
CA LYS B 448 1.62 40.72 -35.01
C LYS B 448 1.15 41.99 -34.25
N HIS B 449 1.48 42.11 -32.96
CA HIS B 449 1.27 43.36 -32.22
C HIS B 449 2.51 43.71 -31.39
N PRO B 450 3.64 44.07 -32.06
CA PRO B 450 4.85 44.51 -31.33
C PRO B 450 4.65 45.69 -30.39
N ASP B 451 3.67 46.53 -30.70
CA ASP B 451 3.33 47.71 -29.85
C ASP B 451 2.60 47.43 -28.51
N MET B 452 2.09 46.21 -28.31
CA MET B 452 1.44 45.83 -27.04
C MET B 452 2.13 44.68 -26.28
N LEU B 453 2.61 43.66 -26.99
CA LEU B 453 3.18 42.45 -26.41
C LEU B 453 4.59 42.21 -26.93
N THR B 454 5.57 42.11 -26.04
CA THR B 454 6.91 41.68 -26.46
C THR B 454 7.21 40.27 -25.89
N SER B 455 8.15 39.58 -26.54
CA SER B 455 8.54 38.18 -26.21
C SER B 455 7.45 37.34 -25.48
N VAL B 456 6.33 37.18 -26.17
CA VAL B 456 5.33 36.18 -25.78
C VAL B 456 5.90 34.80 -26.15
N ARG B 457 6.57 34.17 -25.19
CA ARG B 457 7.12 32.80 -25.36
C ARG B 457 6.32 31.77 -24.56
N PRO B 458 6.32 30.51 -25.01
CA PRO B 458 5.85 29.43 -24.13
C PRO B 458 6.88 29.11 -23.05
N ASN B 459 6.39 28.84 -21.85
CA ASN B 459 7.25 28.48 -20.75
C ASN B 459 7.69 27.01 -20.76
N GLY B 460 6.93 26.12 -21.38
CA GLY B 460 7.33 24.72 -21.54
C GLY B 460 8.29 24.40 -22.67
N LEU B 461 8.26 23.15 -23.12
CA LEU B 461 9.21 22.60 -24.08
C LEU B 461 8.51 22.09 -25.32
N GLU B 462 9.31 21.78 -26.33
CA GLU B 462 8.79 21.36 -27.62
C GLU B 462 8.85 19.85 -27.72
N ASP B 463 8.07 19.28 -28.62
CA ASP B 463 8.14 17.85 -28.87
C ASP B 463 9.50 17.52 -29.49
N THR B 464 9.89 16.25 -29.44
CA THR B 464 11.21 15.80 -29.90
C THR B 464 11.16 14.36 -30.39
N PRO B 465 12.09 13.99 -31.31
CA PRO B 465 12.15 12.62 -31.80
C PRO B 465 12.23 11.60 -30.67
N GLN B 466 11.25 10.69 -30.64
CA GLN B 466 11.25 9.56 -29.72
C GLN B 466 11.02 8.27 -30.47
N PHE B 467 11.60 7.21 -29.93
CA PHE B 467 11.65 5.92 -30.60
C PHE B 467 10.40 5.16 -30.18
N LYS B 468 9.58 4.77 -31.15
CA LYS B 468 8.32 4.08 -30.88
C LYS B 468 8.50 2.61 -31.27
N ILE B 469 8.29 1.71 -30.33
CA ILE B 469 8.45 0.26 -30.60
C ILE B 469 7.13 -0.54 -30.33
N ASP B 470 6.63 -1.25 -31.34
CA ASP B 470 5.40 -2.05 -31.22
C ASP B 470 5.77 -3.50 -31.02
N ILE B 471 5.20 -4.10 -29.97
CA ILE B 471 5.33 -5.53 -29.73
C ILE B 471 4.24 -6.19 -30.53
N ASP B 472 4.63 -7.10 -31.41
CA ASP B 472 3.65 -7.85 -32.18
C ASP B 472 3.19 -8.99 -31.26
N GLN B 473 1.94 -8.86 -30.81
CA GLN B 473 1.35 -9.79 -29.87
C GLN B 473 1.17 -11.17 -30.50
N GLU B 474 0.87 -11.20 -31.80
CA GLU B 474 0.70 -12.45 -32.53
C GLU B 474 1.96 -13.30 -32.59
N LYS B 475 3.05 -12.68 -33.01
CA LYS B 475 4.32 -13.37 -33.12
C LYS B 475 4.83 -13.76 -31.72
N ALA B 476 4.62 -12.89 -30.74
CA ALA B 476 5.07 -13.15 -29.37
C ALA B 476 4.37 -14.37 -28.85
N GLN B 477 3.06 -14.46 -29.10
CA GLN B 477 2.30 -15.64 -28.74
C GLN B 477 2.76 -16.81 -29.56
N ALA B 478 2.83 -16.69 -30.88
CA ALA B 478 3.22 -17.83 -31.73
C ALA B 478 4.49 -18.54 -31.26
N LEU B 479 5.50 -17.75 -30.90
CA LEU B 479 6.79 -18.22 -30.36
C LEU B 479 6.81 -18.57 -28.86
N GLY B 480 5.77 -18.18 -28.13
CA GLY B 480 5.66 -18.52 -26.71
C GLY B 480 6.52 -17.62 -25.84
N VAL B 481 6.44 -16.34 -26.11
CA VAL B 481 7.24 -15.36 -25.43
C VAL B 481 6.28 -14.50 -24.63
N SER B 482 6.50 -14.45 -23.32
CA SER B 482 5.63 -13.69 -22.45
C SER B 482 5.80 -12.17 -22.68
N ILE B 483 4.70 -11.44 -22.78
CA ILE B 483 4.73 -9.97 -22.81
C ILE B 483 5.33 -9.34 -21.53
N ASN B 484 5.05 -9.97 -20.40
CA ASN B 484 5.68 -9.57 -19.18
C ASN B 484 7.19 -9.69 -19.26
N ASP B 485 7.70 -10.82 -19.74
CA ASP B 485 9.16 -11.01 -19.94
C ASP B 485 9.74 -10.06 -20.99
N ILE B 486 8.97 -9.74 -22.02
CA ILE B 486 9.39 -8.78 -23.03
C ILE B 486 9.54 -7.37 -22.43
N ASN B 487 8.49 -6.86 -21.80
CA ASN B 487 8.50 -5.47 -21.31
C ASN B 487 9.42 -5.27 -20.09
N THR B 488 9.68 -6.34 -19.31
CA THR B 488 10.66 -6.29 -18.21
C THR B 488 12.06 -6.25 -18.82
N THR B 489 12.26 -7.07 -19.85
CA THR B 489 13.52 -7.05 -20.56
C THR B 489 13.79 -5.68 -21.20
N LEU B 490 12.84 -5.16 -21.97
CA LEU B 490 12.98 -3.84 -22.55
C LEU B 490 13.31 -2.84 -21.47
N GLY B 491 12.51 -2.83 -20.43
CA GLY B 491 12.54 -1.75 -19.42
C GLY B 491 13.67 -1.84 -18.44
N ALA B 492 14.05 -3.04 -18.06
CA ALA B 492 15.19 -3.20 -17.20
C ALA B 492 16.43 -2.74 -17.94
N ALA B 493 16.57 -3.14 -19.19
CA ALA B 493 17.78 -2.88 -19.96
C ALA B 493 17.97 -1.42 -20.31
N TRP B 494 16.94 -0.80 -20.86
CA TRP B 494 17.04 0.55 -21.40
C TRP B 494 16.69 1.69 -20.43
N GLY B 495 15.87 1.42 -19.42
CA GLY B 495 15.47 2.43 -18.44
C GLY B 495 15.99 2.18 -17.03
N GLY B 496 16.33 0.95 -16.72
CA GLY B 496 16.79 0.59 -15.39
C GLY B 496 15.61 0.19 -14.54
N SER B 497 15.90 -0.57 -13.49
CA SER B 497 14.89 -1.16 -12.63
C SER B 497 15.48 -1.29 -11.21
N TYR B 498 14.87 -0.58 -10.24
CA TYR B 498 15.10 -0.72 -8.80
C TYR B 498 14.64 -2.08 -8.27
N VAL B 499 15.54 -3.02 -8.02
CA VAL B 499 15.13 -4.39 -7.62
C VAL B 499 14.74 -4.50 -6.15
N ASN B 500 15.68 -4.11 -5.29
CA ASN B 500 15.47 -4.14 -3.85
C ASN B 500 16.58 -3.36 -3.14
N ASP B 501 16.66 -3.49 -1.81
CA ASP B 501 17.65 -2.77 -1.02
C ASP B 501 18.87 -3.63 -0.59
N PHE B 502 19.96 -2.94 -0.35
CA PHE B 502 21.17 -3.56 0.17
C PHE B 502 21.80 -2.59 1.18
N ILE B 503 22.73 -3.09 2.01
CA ILE B 503 23.40 -2.25 3.03
C ILE B 503 24.82 -1.96 2.61
N ASP B 504 25.17 -0.69 2.49
CA ASP B 504 26.48 -0.25 2.10
C ASP B 504 27.02 0.52 3.27
N ARG B 505 28.09 -0.01 3.89
CA ARG B 505 28.68 0.57 5.08
C ARG B 505 27.63 0.94 6.10
N GLY B 506 26.71 0.00 6.34
CA GLY B 506 25.64 0.18 7.34
C GLY B 506 24.45 1.10 7.05
N ARG B 507 24.33 1.62 5.83
CA ARG B 507 23.18 2.44 5.48
C ARG B 507 22.39 1.71 4.41
N VAL B 508 21.07 1.82 4.47
CA VAL B 508 20.23 1.15 3.49
C VAL B 508 20.26 1.93 2.18
N LYS B 509 20.41 1.22 1.08
CA LYS B 509 20.51 1.83 -0.25
C LYS B 509 19.91 0.90 -1.30
N LYS B 510 19.72 1.44 -2.49
CA LYS B 510 19.05 0.71 -3.58
C LYS B 510 19.98 -0.15 -4.45
N VAL B 511 19.38 -1.18 -5.07
CA VAL B 511 20.03 -2.01 -6.06
C VAL B 511 19.28 -1.75 -7.34
N TYR B 512 20.04 -1.50 -8.40
CA TYR B 512 19.53 -1.20 -9.74
C TYR B 512 20.16 -2.12 -10.76
N VAL B 513 19.32 -2.73 -11.57
CA VAL B 513 19.71 -3.54 -12.70
C VAL B 513 19.44 -2.68 -13.94
N MET B 514 20.45 -2.49 -14.81
CA MET B 514 20.29 -1.76 -16.10
C MET B 514 21.37 -2.24 -17.09
N SER B 515 21.23 -1.96 -18.38
CA SER B 515 22.25 -2.36 -19.36
C SER B 515 23.49 -1.53 -19.25
N GLU B 516 24.63 -2.18 -19.49
CA GLU B 516 25.88 -1.46 -19.58
C GLU B 516 25.74 -0.47 -20.73
N ALA B 517 26.13 0.78 -20.51
CA ALA B 517 26.01 1.87 -21.50
C ALA B 517 26.08 1.45 -22.99
N LYS B 518 27.12 0.70 -23.36
CA LYS B 518 27.41 0.36 -24.76
C LYS B 518 26.34 -0.51 -25.48
N TYR B 519 25.54 -1.29 -24.73
CA TYR B 519 24.46 -2.11 -25.34
C TYR B 519 23.08 -1.46 -25.21
N ARG B 520 23.01 -0.17 -24.87
CA ARG B 520 21.77 0.60 -24.86
C ARG B 520 21.94 2.04 -25.36
N MET B 521 22.64 2.21 -26.49
CA MET B 521 22.93 3.55 -27.04
C MET B 521 22.29 3.84 -28.39
N LEU B 522 22.17 2.81 -29.22
CA LEU B 522 21.69 2.99 -30.57
C LEU B 522 20.51 2.05 -30.93
N PRO B 523 19.69 2.46 -31.91
CA PRO B 523 18.53 1.67 -32.26
C PRO B 523 18.87 0.24 -32.57
N ASP B 524 19.98 0.02 -33.27
CA ASP B 524 20.36 -1.33 -33.69
C ASP B 524 20.65 -2.25 -32.50
N ASP B 525 20.86 -1.67 -31.32
CA ASP B 525 21.10 -2.48 -30.11
C ASP B 525 19.85 -3.16 -29.57
N ILE B 526 18.65 -2.67 -29.91
CA ILE B 526 17.38 -3.32 -29.55
C ILE B 526 17.41 -4.79 -29.90
N GLY B 527 17.89 -5.07 -31.12
CA GLY B 527 17.95 -6.42 -31.65
C GLY B 527 18.98 -7.35 -31.03
N ASP B 528 19.85 -6.87 -30.14
CA ASP B 528 20.83 -7.71 -29.45
C ASP B 528 20.37 -8.27 -28.11
N TRP B 529 19.16 -7.91 -27.70
CA TRP B 529 18.54 -8.38 -26.47
C TRP B 529 17.66 -9.57 -26.78
N TYR B 530 17.87 -10.66 -26.05
CA TYR B 530 17.13 -11.89 -26.25
C TYR B 530 16.23 -12.16 -25.06
N VAL B 531 15.13 -12.84 -25.34
CA VAL B 531 14.13 -13.22 -24.36
C VAL B 531 13.87 -14.70 -24.54
N ARG B 532 13.79 -15.41 -23.42
CA ARG B 532 13.62 -16.85 -23.45
C ARG B 532 12.14 -17.19 -23.60
N ALA B 533 11.83 -18.13 -24.48
CA ALA B 533 10.45 -18.55 -24.70
C ALA B 533 10.06 -19.68 -23.72
N ALA B 534 8.79 -20.06 -23.75
CA ALA B 534 8.27 -21.14 -22.88
C ALA B 534 8.98 -22.49 -23.09
N ASP B 535 9.45 -22.73 -24.31
CA ASP B 535 10.23 -23.91 -24.67
C ASP B 535 11.78 -23.77 -24.52
N GLY B 536 12.24 -22.73 -23.84
CA GLY B 536 13.68 -22.57 -23.54
C GLY B 536 14.59 -21.99 -24.62
N GLN B 537 14.03 -21.60 -25.75
CA GLN B 537 14.80 -21.01 -26.82
C GLN B 537 14.86 -19.52 -26.69
N MET B 538 16.01 -18.94 -27.07
CA MET B 538 16.24 -17.49 -27.03
C MET B 538 15.73 -16.83 -28.32
N VAL B 539 15.07 -15.70 -28.16
CA VAL B 539 14.40 -15.01 -29.25
C VAL B 539 14.80 -13.55 -29.21
N PRO B 540 15.45 -13.03 -30.27
CA PRO B 540 15.87 -11.63 -30.24
C PRO B 540 14.68 -10.70 -30.39
N PHE B 541 14.73 -9.53 -29.76
CA PHE B 541 13.68 -8.50 -29.96
C PHE B 541 13.32 -8.29 -31.42
N SER B 542 14.29 -8.37 -32.31
CA SER B 542 14.03 -8.19 -33.74
C SER B 542 12.84 -9.00 -34.19
N ALA B 543 12.75 -10.23 -33.72
CA ALA B 543 11.76 -11.19 -34.20
C ALA B 543 10.29 -10.80 -33.99
N PHE B 544 10.00 -10.08 -32.89
CA PHE B 544 8.62 -9.70 -32.48
C PHE B 544 8.41 -8.21 -32.24
N SER B 545 9.28 -7.35 -32.78
CA SER B 545 9.17 -5.92 -32.57
C SER B 545 9.26 -5.20 -33.87
N SER B 546 8.82 -3.97 -33.90
CA SER B 546 9.02 -3.13 -35.08
C SER B 546 9.07 -1.70 -34.60
N SER B 547 9.90 -0.87 -35.23
CA SER B 547 10.08 0.49 -34.72
C SER B 547 10.15 1.57 -35.79
N ARG B 548 9.78 2.77 -35.40
CA ARG B 548 9.78 3.96 -36.25
C ARG B 548 10.05 5.19 -35.36
N TRP B 549 10.38 6.32 -35.97
CA TRP B 549 10.50 7.57 -35.23
C TRP B 549 9.16 8.27 -35.24
N GLU B 550 8.88 9.00 -34.17
CA GLU B 550 7.72 9.90 -34.10
C GLU B 550 8.07 11.04 -33.17
N TYR B 551 7.19 12.02 -33.02
CA TYR B 551 7.41 13.12 -32.07
C TYR B 551 6.48 12.99 -30.86
N GLY B 552 6.97 13.28 -29.67
CA GLY B 552 6.14 13.39 -28.48
C GLY B 552 6.66 14.44 -27.53
N SER B 553 5.86 14.74 -26.50
CA SER B 553 6.24 15.75 -25.52
C SER B 553 7.22 15.16 -24.53
N PRO B 554 8.23 15.96 -24.12
CA PRO B 554 9.06 15.66 -22.97
C PRO B 554 8.64 16.41 -21.69
N ARG B 555 7.57 17.20 -21.76
CA ARG B 555 7.06 17.83 -20.57
C ARG B 555 5.61 18.15 -20.85
N LEU B 556 4.70 17.36 -20.24
CA LEU B 556 3.26 17.61 -20.33
C LEU B 556 2.81 18.42 -19.14
N GLU B 557 2.12 19.53 -19.40
CA GLU B 557 1.66 20.46 -18.37
C GLU B 557 0.18 20.28 -18.11
N ARG B 558 -0.24 20.48 -16.87
CA ARG B 558 -1.66 20.50 -16.56
C ARG B 558 -1.97 21.66 -15.61
N TYR B 559 -3.14 22.27 -15.77
CA TYR B 559 -3.58 23.37 -14.94
C TYR B 559 -5.05 23.11 -14.55
N ASN B 560 -5.29 23.03 -13.24
CA ASN B 560 -6.57 22.62 -12.67
C ASN B 560 -7.15 21.38 -13.35
N GLY B 561 -6.37 20.32 -13.39
CA GLY B 561 -6.87 19.00 -13.80
C GLY B 561 -6.86 18.73 -15.28
N LEU B 562 -6.64 19.77 -16.10
CA LEU B 562 -6.78 19.65 -17.56
C LEU B 562 -5.44 19.89 -18.29
N PRO B 563 -5.26 19.32 -19.48
CA PRO B 563 -4.03 19.64 -20.17
C PRO B 563 -3.89 21.14 -20.40
N SER B 564 -2.66 21.62 -20.37
CA SER B 564 -2.44 23.05 -20.47
C SER B 564 -1.09 23.37 -21.05
N MET B 565 -0.93 24.65 -21.39
CA MET B 565 0.32 25.20 -21.88
C MET B 565 0.51 26.61 -21.36
N GLU B 566 1.58 26.80 -20.60
CA GLU B 566 1.85 28.09 -19.98
C GLU B 566 2.56 28.94 -21.00
N ILE B 567 2.08 30.17 -21.14
CA ILE B 567 2.69 31.19 -21.99
C ILE B 567 3.04 32.41 -21.13
N LEU B 568 4.28 32.88 -21.27
CA LEU B 568 4.76 34.06 -20.57
C LEU B 568 4.81 35.17 -21.59
N GLY B 569 4.61 36.39 -21.12
CA GLY B 569 4.91 37.55 -21.93
C GLY B 569 5.01 38.76 -21.04
N GLN B 570 5.44 39.88 -21.60
CA GLN B 570 5.43 41.16 -20.89
C GLN B 570 4.71 42.19 -21.71
N ALA B 571 4.32 43.27 -21.05
CA ALA B 571 3.69 44.41 -21.71
C ALA B 571 4.76 45.23 -22.45
N ALA B 572 4.46 45.65 -23.69
CA ALA B 572 5.39 46.44 -24.52
C ALA B 572 5.72 47.78 -23.85
N PRO B 573 6.81 48.45 -24.28
CA PRO B 573 7.22 49.68 -23.57
C PRO B 573 6.13 50.77 -23.60
N GLY B 574 6.00 51.52 -22.51
CA GLY B 574 4.96 52.55 -22.38
C GLY B 574 3.55 52.04 -22.62
N LYS B 575 3.30 50.81 -22.18
CA LYS B 575 1.95 50.21 -22.17
C LYS B 575 1.86 49.29 -20.99
N SER B 576 0.69 49.24 -20.35
CA SER B 576 0.53 48.61 -19.04
C SER B 576 0.05 47.17 -19.16
N THR B 577 0.25 46.41 -18.07
CA THR B 577 -0.16 45.03 -17.93
C THR B 577 -1.60 44.77 -18.40
N GLY B 578 -2.56 45.48 -17.78
CA GLY B 578 -3.98 45.31 -18.05
C GLY B 578 -4.36 45.37 -19.52
N GLU B 579 -3.69 46.23 -20.29
CA GLU B 579 -4.04 46.44 -21.70
C GLU B 579 -3.57 45.24 -22.49
N ALA B 580 -2.35 44.80 -22.16
CA ALA B 580 -1.71 43.61 -22.74
C ALA B 580 -2.50 42.37 -22.42
N MET B 581 -2.89 42.22 -21.16
CA MET B 581 -3.77 41.13 -20.77
C MET B 581 -5.08 41.20 -21.57
N GLU B 582 -5.72 42.38 -21.57
CA GLU B 582 -6.96 42.55 -22.35
C GLU B 582 -6.79 42.10 -23.79
N LEU B 583 -5.65 42.41 -24.42
CA LEU B 583 -5.37 41.92 -25.77
C LEU B 583 -5.27 40.40 -25.84
N MET B 584 -4.44 39.82 -24.97
CA MET B 584 -4.32 38.36 -24.90
C MET B 584 -5.71 37.71 -24.76
N GLU B 585 -6.58 38.28 -23.90
CA GLU B 585 -7.93 37.75 -23.70
C GLU B 585 -8.74 37.78 -25.00
N GLN B 586 -8.59 38.86 -25.78
CA GLN B 586 -9.24 38.98 -27.08
C GLN B 586 -8.69 37.99 -28.12
N LEU B 587 -7.37 37.93 -28.21
CA LEU B 587 -6.74 36.96 -29.10
C LEU B 587 -7.21 35.53 -28.82
N ALA B 588 -7.44 35.22 -27.54
CA ALA B 588 -7.81 33.87 -27.12
C ALA B 588 -9.21 33.48 -27.52
N SER B 589 -10.16 34.42 -27.46
CA SER B 589 -11.53 34.17 -27.92
C SER B 589 -11.57 33.64 -29.36
N LYS B 590 -10.60 34.01 -30.19
CA LYS B 590 -10.51 33.53 -31.57
C LYS B 590 -9.64 32.26 -31.75
N LEU B 591 -9.58 31.38 -30.74
CA LEU B 591 -8.89 30.08 -30.87
C LEU B 591 -9.87 28.96 -31.17
N PRO B 592 -9.40 27.79 -31.64
CA PRO B 592 -10.34 26.73 -32.05
C PRO B 592 -11.28 26.25 -30.96
N THR B 593 -12.39 25.62 -31.34
CA THR B 593 -13.38 25.17 -30.37
C THR B 593 -12.80 24.21 -29.32
N GLY B 594 -13.03 24.57 -28.06
CA GLY B 594 -12.60 23.75 -26.93
C GLY B 594 -11.30 24.16 -26.25
N VAL B 595 -10.72 25.28 -26.67
CA VAL B 595 -9.50 25.79 -26.07
C VAL B 595 -9.85 26.96 -25.18
N GLY B 596 -9.46 26.89 -23.92
CA GLY B 596 -9.79 27.91 -22.94
C GLY B 596 -8.55 28.64 -22.52
N TYR B 597 -8.73 29.46 -21.48
CA TYR B 597 -7.60 30.07 -20.81
C TYR B 597 -7.88 30.44 -19.35
N ASP B 598 -6.81 30.83 -18.69
CA ASP B 598 -6.89 31.28 -17.33
C ASP B 598 -5.61 32.03 -17.01
N TRP B 599 -5.70 32.96 -16.05
CA TRP B 599 -4.53 33.65 -15.49
C TRP B 599 -4.06 32.92 -14.24
N THR B 600 -2.74 32.90 -14.03
CA THR B 600 -2.11 32.31 -12.82
C THR B 600 -0.90 33.11 -12.40
N GLY B 601 -0.33 32.74 -11.24
CA GLY B 601 0.83 33.43 -10.70
C GLY B 601 0.59 34.92 -10.61
N MET B 602 1.62 35.71 -10.90
CA MET B 602 1.56 37.20 -10.88
C MET B 602 0.26 37.79 -11.46
N SER B 603 -0.33 37.13 -12.47
CA SER B 603 -1.53 37.62 -13.18
C SER B 603 -2.90 37.31 -12.56
N TYR B 604 -2.97 36.88 -11.29
CA TYR B 604 -4.22 36.43 -10.67
C TYR B 604 -4.64 37.38 -9.55
N ALA C 1 8.76 19.12 31.25
CA ALA C 1 9.19 18.11 30.22
C ALA C 1 9.27 18.71 28.77
N PRO C 2 9.88 17.96 27.80
CA PRO C 2 9.75 18.27 26.36
C PRO C 2 8.90 17.20 25.61
N PRO C 3 8.00 17.61 24.68
CA PRO C 3 7.11 16.61 24.08
C PRO C 3 7.85 15.62 23.21
N ALA C 4 7.29 14.42 23.13
CA ALA C 4 7.94 13.32 22.42
C ALA C 4 6.90 12.43 21.78
N VAL C 5 7.19 12.00 20.55
CA VAL C 5 6.33 11.15 19.79
C VAL C 5 7.08 9.85 19.53
N THR C 6 6.36 8.73 19.64
CA THR C 6 6.95 7.40 19.53
C THR C 6 6.31 6.54 18.44
N ILE C 7 7.13 6.11 17.48
CA ILE C 7 6.70 5.26 16.38
C ILE C 7 7.02 3.82 16.77
N SER C 8 6.00 2.99 16.80
CA SER C 8 6.16 1.59 17.12
C SER C 8 5.66 0.76 15.98
N ALA C 9 6.50 -0.19 15.60
CA ALA C 9 6.22 -1.15 14.55
C ALA C 9 6.66 -2.50 15.06
N SER C 10 6.24 -3.53 14.36
CA SER C 10 6.54 -4.89 14.75
C SER C 10 6.67 -5.79 13.53
N TYR C 11 7.72 -6.62 13.53
CA TYR C 11 8.01 -7.60 12.48
C TYR C 11 8.14 -8.95 13.18
N PRO C 12 7.04 -9.72 13.25
CA PRO C 12 7.11 -10.91 14.09
C PRO C 12 7.95 -12.02 13.45
N GLY C 13 8.85 -12.55 14.26
CA GLY C 13 9.80 -13.59 13.86
C GLY C 13 11.15 -13.02 13.50
N ALA C 14 11.24 -11.68 13.45
CA ALA C 14 12.45 -11.02 12.98
C ALA C 14 13.43 -10.79 14.13
N ASP C 15 14.71 -10.93 13.79
CA ASP C 15 15.83 -10.60 14.64
C ASP C 15 16.13 -9.13 14.55
N ALA C 16 17.00 -8.66 15.42
CA ALA C 16 17.28 -7.23 15.57
C ALA C 16 17.88 -6.52 14.34
N LYS C 17 18.80 -7.17 13.65
CA LYS C 17 19.38 -6.55 12.46
C LYS C 17 18.36 -6.49 11.32
N THR C 18 17.58 -7.56 11.15
CA THR C 18 16.51 -7.57 10.16
C THR C 18 15.56 -6.36 10.37
N VAL C 19 15.14 -6.16 11.60
CA VAL C 19 14.23 -5.07 11.92
C VAL C 19 14.84 -3.70 11.67
N GLN C 20 16.12 -3.57 11.97
CA GLN C 20 16.80 -2.30 11.78
C GLN C 20 16.92 -1.90 10.31
N ASP C 21 17.43 -2.85 9.51
CA ASP C 21 17.83 -2.59 8.12
C ASP C 21 16.69 -2.69 7.09
N THR C 22 15.50 -2.94 7.59
CA THR C 22 14.34 -3.23 6.80
C THR C 22 13.18 -2.31 7.17
N VAL C 23 13.08 -1.93 8.46
CA VAL C 23 12.10 -0.99 8.99
C VAL C 23 12.71 0.28 9.57
N THR C 24 13.47 0.17 10.67
CA THR C 24 13.94 1.34 11.42
C THR C 24 14.66 2.33 10.53
N GLN C 25 15.63 1.84 9.77
CA GLN C 25 16.46 2.69 8.92
C GLN C 25 15.61 3.41 7.91
N VAL C 26 14.70 2.66 7.29
CA VAL C 26 13.79 3.20 6.30
C VAL C 26 12.88 4.27 6.87
N ILE C 27 12.36 4.08 8.08
CA ILE C 27 11.49 5.11 8.70
C ILE C 27 12.30 6.36 9.06
N GLU C 28 13.46 6.13 9.66
CA GLU C 28 14.41 7.16 9.97
C GLU C 28 14.72 8.08 8.82
N GLN C 29 14.99 7.48 7.65
CA GLN C 29 15.34 8.22 6.42
C GLN C 29 14.22 9.12 5.91
N ASN C 30 12.97 8.81 6.28
CA ASN C 30 11.82 9.67 5.92
C ASN C 30 11.36 10.67 6.98
N MET C 31 12.05 10.79 8.11
CA MET C 31 11.66 11.70 9.21
C MET C 31 12.12 13.17 9.07
N ASN C 32 12.60 13.51 7.90
CA ASN C 32 12.72 14.90 7.44
C ASN C 32 11.41 15.73 7.26
N GLY C 33 11.58 17.06 7.28
CA GLY C 33 10.49 18.01 7.02
C GLY C 33 9.48 18.07 8.15
N ILE C 34 9.96 17.80 9.36
CA ILE C 34 9.14 17.75 10.57
C ILE C 34 9.64 18.90 11.42
N ASP C 35 8.73 19.83 11.76
CA ASP C 35 9.09 21.05 12.51
C ASP C 35 9.51 20.80 13.96
N ASN C 36 10.38 21.65 14.48
CA ASN C 36 10.78 21.66 15.89
C ASN C 36 11.39 20.39 16.48
N LEU C 37 12.08 19.59 15.67
CA LEU C 37 12.70 18.33 16.15
C LEU C 37 14.06 18.56 16.78
N MET C 38 14.23 18.19 18.05
CA MET C 38 15.53 18.32 18.75
C MET C 38 16.47 17.17 18.44
N TYR C 39 15.98 15.95 18.64
CA TYR C 39 16.72 14.74 18.30
C TYR C 39 15.74 13.56 18.09
N MET C 40 16.29 12.43 17.63
CA MET C 40 15.56 11.21 17.35
C MET C 40 16.43 10.03 17.73
N SER C 41 15.86 9.06 18.43
CA SER C 41 16.59 7.85 18.78
C SER C 41 15.69 6.62 18.56
N SER C 42 16.32 5.47 18.34
CA SER C 42 15.59 4.26 18.09
C SER C 42 16.29 2.99 18.56
N ASN C 43 15.50 1.99 18.96
CA ASN C 43 15.99 0.61 19.21
C ASN C 43 15.33 -0.37 18.30
N SER C 44 16.11 -1.36 17.88
CA SER C 44 15.61 -2.46 17.07
C SER C 44 16.03 -3.72 17.75
N ASP C 45 15.07 -4.59 18.07
CA ASP C 45 15.35 -5.74 18.94
C ASP C 45 14.93 -7.12 18.40
N SER C 46 15.40 -8.14 19.10
CA SER C 46 15.29 -9.53 18.72
C SER C 46 13.89 -10.12 18.81
N THR C 47 13.01 -9.46 19.54
CA THR C 47 11.61 -9.89 19.62
C THR C 47 10.81 -9.41 18.43
N GLY C 48 11.41 -8.59 17.59
CA GLY C 48 10.82 -8.14 16.35
C GLY C 48 10.38 -6.69 16.35
N THR C 49 10.91 -5.88 17.27
CA THR C 49 10.27 -4.61 17.64
C THR C 49 11.13 -3.38 17.40
N VAL C 50 10.50 -2.29 16.96
CA VAL C 50 11.15 -1.02 16.80
C VAL C 50 10.46 -0.01 17.68
N GLN C 51 11.24 0.81 18.36
CA GLN C 51 10.74 2.03 19.01
C GLN C 51 11.54 3.16 18.40
N ILE C 52 10.90 4.15 17.81
CA ILE C 52 11.59 5.35 17.33
C ILE C 52 10.94 6.50 18.07
N THR C 53 11.78 7.27 18.74
CA THR C 53 11.35 8.32 19.66
C THR C 53 11.92 9.64 19.12
N LEU C 54 11.03 10.50 18.62
CA LEU C 54 11.36 11.83 18.16
C LEU C 54 11.05 12.79 19.29
N THR C 55 12.05 13.50 19.77
CA THR C 55 11.84 14.40 20.84
C THR C 55 11.93 15.84 20.33
N PHE C 56 10.97 16.67 20.78
CA PHE C 56 10.70 18.02 20.23
C PHE C 56 11.03 19.20 21.16
N GLU C 57 11.13 20.38 20.58
CA GLU C 57 11.43 21.60 21.33
C GLU C 57 10.33 21.87 22.36
N SER C 58 10.71 22.35 23.55
CA SER C 58 9.75 22.74 24.59
C SER C 58 8.74 23.74 24.03
N GLY C 59 7.46 23.48 24.29
CA GLY C 59 6.36 24.35 23.85
C GLY C 59 5.84 24.03 22.46
N THR C 60 6.30 22.94 21.88
CA THR C 60 5.83 22.48 20.61
C THR C 60 4.49 21.80 20.81
N ASP C 61 3.56 22.02 19.89
CA ASP C 61 2.25 21.38 19.96
C ASP C 61 2.42 19.89 19.69
N ALA C 62 2.29 19.06 20.73
CA ALA C 62 2.48 17.62 20.57
C ALA C 62 1.46 16.96 19.65
N ASP C 63 0.30 17.58 19.43
CA ASP C 63 -0.68 17.10 18.43
C ASP C 63 -0.22 17.40 17.01
N ILE C 64 0.42 18.56 16.81
CA ILE C 64 0.94 18.93 15.48
C ILE C 64 2.09 17.99 15.14
N ALA C 65 3.00 17.83 16.11
CA ALA C 65 4.08 16.88 15.98
C ALA C 65 3.59 15.47 15.65
N GLN C 66 2.64 14.92 16.43
CA GLN C 66 2.08 13.58 16.13
C GLN C 66 1.68 13.50 14.64
N VAL C 67 1.05 14.56 14.13
CA VAL C 67 0.49 14.52 12.78
C VAL C 67 1.57 14.55 11.69
N GLN C 68 2.51 15.47 11.81
CA GLN C 68 3.58 15.56 10.83
C GLN C 68 4.40 14.30 10.80
N VAL C 69 4.66 13.72 11.97
CA VAL C 69 5.40 12.45 12.10
C VAL C 69 4.59 11.31 11.51
N GLN C 70 3.29 11.32 11.75
CA GLN C 70 2.43 10.25 11.28
C GLN C 70 2.36 10.23 9.78
N ASN C 71 2.15 11.39 9.20
CA ASN C 71 2.05 11.47 7.74
C ASN C 71 3.32 11.07 7.00
N LYS C 72 4.49 11.31 7.58
CA LYS C 72 5.74 10.93 6.93
C LYS C 72 5.91 9.45 6.94
N LEU C 73 5.62 8.86 8.09
CA LEU C 73 5.60 7.42 8.18
C LEU C 73 4.63 6.80 7.16
N GLN C 74 3.44 7.37 7.01
CA GLN C 74 2.45 6.78 6.15
C GLN C 74 2.94 6.80 4.74
N LEU C 75 3.47 7.92 4.29
CA LEU C 75 4.03 8.00 2.96
C LEU C 75 5.17 7.01 2.69
N ALA C 76 5.83 6.54 3.76
CA ALA C 76 6.86 5.48 3.69
C ALA C 76 6.39 4.01 3.93
N MET C 77 5.13 3.78 4.26
CA MET C 77 4.61 2.41 4.45
C MET C 77 4.89 1.46 3.29
N PRO C 78 4.74 1.93 2.04
CA PRO C 78 5.10 1.06 0.91
C PRO C 78 6.55 0.59 0.89
N LEU C 79 7.45 1.27 1.59
CA LEU C 79 8.86 0.90 1.68
C LEU C 79 9.15 -0.18 2.73
N LEU C 80 8.17 -0.47 3.57
CA LEU C 80 8.36 -1.40 4.66
C LEU C 80 7.84 -2.72 4.21
N PRO C 81 8.26 -3.82 4.87
CA PRO C 81 7.70 -5.09 4.42
C PRO C 81 6.25 -5.31 4.80
N GLN C 82 5.59 -6.11 3.95
CA GLN C 82 4.20 -6.54 4.08
C GLN C 82 3.91 -7.00 5.50
N GLU C 83 4.76 -7.88 6.02
CA GLU C 83 4.51 -8.46 7.32
C GLU C 83 4.55 -7.42 8.43
N VAL C 84 5.20 -6.27 8.19
CA VAL C 84 5.22 -5.19 9.17
C VAL C 84 4.04 -4.27 9.04
N GLN C 85 3.56 -4.08 7.80
CA GLN C 85 2.41 -3.21 7.57
C GLN C 85 1.18 -3.86 8.17
N GLN C 86 1.05 -5.16 7.95
CA GLN C 86 -0.06 -5.91 8.48
C GLN C 86 -0.15 -5.94 10.03
N GLN C 87 0.94 -5.71 10.75
CA GLN C 87 0.84 -5.61 12.21
C GLN C 87 0.32 -4.23 12.68
N GLY C 88 0.55 -3.22 11.86
CA GLY C 88 0.12 -1.86 12.16
C GLY C 88 1.30 -1.17 12.80
N VAL C 89 1.67 -0.01 12.27
CA VAL C 89 2.72 0.85 12.83
C VAL C 89 2.02 2.05 13.50
N SER C 90 2.00 2.08 14.82
CA SER C 90 1.33 3.16 15.55
C SER C 90 2.29 4.33 15.75
N VAL C 91 1.76 5.55 15.70
CA VAL C 91 2.48 6.75 16.09
C VAL C 91 1.66 7.41 17.21
N GLU C 92 2.21 7.50 18.41
CA GLU C 92 1.44 8.03 19.52
C GLU C 92 2.32 8.89 20.39
N LYS C 93 1.74 9.95 20.97
CA LYS C 93 2.44 10.82 21.91
C LYS C 93 2.78 10.00 23.14
N SER C 94 4.05 9.96 23.51
CA SER C 94 4.50 9.08 24.57
C SER C 94 4.79 9.83 25.85
N SER C 95 4.44 11.11 25.88
CA SER C 95 4.82 12.00 26.98
C SER C 95 4.31 11.50 28.36
N SER C 96 2.98 11.47 28.56
CA SER C 96 2.42 11.08 29.86
C SER C 96 2.49 9.55 30.12
N SER C 97 2.41 9.18 31.42
CA SER C 97 2.34 7.78 31.88
C SER C 97 0.88 7.45 32.20
N PHE C 98 0.62 6.26 32.75
CA PHE C 98 -0.76 5.82 32.92
C PHE C 98 -1.52 6.66 33.94
N LEU C 99 -2.74 7.04 33.57
CA LEU C 99 -3.71 7.58 34.52
C LEU C 99 -3.97 6.51 35.56
N MET C 100 -4.45 5.34 35.11
CA MET C 100 -4.66 4.18 35.98
C MET C 100 -4.58 2.82 35.24
N VAL C 101 -4.18 1.79 35.99
CA VAL C 101 -4.07 0.45 35.48
C VAL C 101 -5.15 -0.46 36.09
N VAL C 102 -5.84 -1.16 35.24
CA VAL C 102 -6.91 -2.02 35.64
C VAL C 102 -6.47 -3.44 35.34
N GLY C 103 -6.28 -4.24 36.38
CA GLY C 103 -5.98 -5.64 36.19
C GLY C 103 -7.26 -6.43 36.13
N VAL C 104 -7.23 -7.52 35.39
CA VAL C 104 -8.34 -8.48 35.30
C VAL C 104 -7.78 -9.88 35.56
N ILE C 105 -8.44 -10.65 36.42
CA ILE C 105 -7.98 -11.99 36.80
C ILE C 105 -9.15 -12.97 36.84
N ASN C 106 -8.81 -14.27 36.93
CA ASN C 106 -9.80 -15.30 37.30
C ASN C 106 -9.32 -16.02 38.55
N THR C 107 -10.27 -16.23 39.46
CA THR C 107 -10.00 -16.83 40.77
C THR C 107 -10.35 -18.34 40.82
N ASP C 108 -11.03 -18.85 39.79
CA ASP C 108 -11.31 -20.29 39.65
C ASP C 108 -10.16 -21.11 39.05
N GLY C 109 -9.15 -20.46 38.47
CA GLY C 109 -8.10 -21.18 37.76
C GLY C 109 -8.60 -21.85 36.50
N THR C 110 -9.71 -21.35 35.97
CA THR C 110 -10.36 -21.91 34.81
C THR C 110 -9.97 -21.18 33.53
N MET C 111 -9.25 -20.05 33.65
CA MET C 111 -8.89 -19.20 32.50
C MET C 111 -7.39 -18.93 32.39
N THR C 112 -6.84 -19.18 31.20
CA THR C 112 -5.47 -18.73 30.87
C THR C 112 -5.44 -17.20 30.71
N GLN C 113 -4.25 -16.62 30.62
CA GLN C 113 -4.13 -15.18 30.37
C GLN C 113 -4.62 -14.83 28.94
N GLU C 114 -4.54 -15.80 28.02
CA GLU C 114 -5.03 -15.62 26.66
C GLU C 114 -6.55 -15.46 26.65
N ASP C 115 -7.21 -16.33 27.44
CA ASP C 115 -8.67 -16.34 27.64
C ASP C 115 -9.20 -15.06 28.25
N ILE C 116 -8.52 -14.59 29.28
CA ILE C 116 -8.93 -13.34 29.96
C ILE C 116 -8.71 -12.14 29.05
N SER C 117 -7.58 -12.14 28.34
CA SER C 117 -7.28 -11.06 27.43
C SER C 117 -8.35 -10.98 26.36
N ASP C 118 -8.76 -12.13 25.83
CA ASP C 118 -9.81 -12.15 24.81
C ASP C 118 -11.13 -11.62 25.30
N TYR C 119 -11.45 -11.92 26.56
CA TYR C 119 -12.65 -11.39 27.17
C TYR C 119 -12.55 -9.89 27.29
N VAL C 120 -11.45 -9.41 27.87
CA VAL C 120 -11.25 -7.96 27.97
C VAL C 120 -11.38 -7.26 26.59
N ALA C 121 -10.72 -7.83 25.57
CA ALA C 121 -10.75 -7.27 24.20
C ALA C 121 -12.16 -7.10 23.66
N ALA C 122 -13.01 -8.11 23.92
CA ALA C 122 -14.31 -8.23 23.26
C ALA C 122 -15.49 -7.69 24.07
N ASN C 123 -15.29 -7.44 25.37
CA ASN C 123 -16.39 -7.08 26.28
C ASN C 123 -16.18 -5.81 27.12
N MET C 124 -14.92 -5.43 27.35
CA MET C 124 -14.60 -4.33 28.25
C MET C 124 -13.93 -3.18 27.52
N LYS C 125 -12.88 -3.46 26.75
CA LYS C 125 -11.93 -2.44 26.26
C LYS C 125 -12.55 -1.24 25.55
N ASP C 126 -13.54 -1.52 24.70
CA ASP C 126 -14.14 -0.48 23.85
C ASP C 126 -15.04 0.46 24.66
N ALA C 127 -15.97 -0.12 25.43
CA ALA C 127 -16.77 0.59 26.45
C ALA C 127 -15.95 1.51 27.37
N ILE C 128 -14.78 1.04 27.78
CA ILE C 128 -13.85 1.81 28.59
C ILE C 128 -13.22 2.94 27.77
N SER C 129 -12.70 2.65 26.58
CA SER C 129 -12.12 3.71 25.72
C SER C 129 -13.15 4.74 25.22
N ARG C 130 -14.45 4.42 25.28
CA ARG C 130 -15.53 5.39 25.09
C ARG C 130 -15.90 6.17 26.35
N THR C 131 -15.30 5.85 27.51
CA THR C 131 -15.67 6.48 28.77
C THR C 131 -15.12 7.92 28.84
N SER C 132 -15.80 8.76 29.62
CA SER C 132 -15.56 10.21 29.70
C SER C 132 -14.14 10.59 30.19
N GLY C 133 -13.36 11.24 29.32
CA GLY C 133 -11.97 11.60 29.59
C GLY C 133 -10.88 10.62 29.10
N VAL C 134 -11.25 9.42 28.68
CA VAL C 134 -10.28 8.38 28.28
C VAL C 134 -9.70 8.63 26.87
N GLY C 135 -8.37 8.55 26.77
CA GLY C 135 -7.64 8.65 25.50
C GLY C 135 -7.33 7.28 24.96
N ASP C 136 -6.03 6.95 24.89
CA ASP C 136 -5.59 5.60 24.51
C ASP C 136 -5.82 4.63 25.67
N VAL C 137 -6.22 3.40 25.33
CA VAL C 137 -6.36 2.30 26.25
C VAL C 137 -5.53 1.17 25.66
N GLN C 138 -4.56 0.62 26.40
CA GLN C 138 -3.70 -0.44 25.87
C GLN C 138 -4.03 -1.74 26.55
N LEU C 139 -4.27 -2.79 25.77
CA LEU C 139 -4.53 -4.13 26.29
C LEU C 139 -3.21 -4.86 26.68
N PHE C 140 -3.26 -5.56 27.81
CA PHE C 140 -2.14 -6.34 28.34
C PHE C 140 -2.38 -7.77 27.90
N GLY C 141 -2.15 -7.94 26.60
CA GLY C 141 -2.48 -9.14 25.86
C GLY C 141 -3.13 -8.73 24.55
N SER C 142 -3.55 -9.70 23.77
CA SER C 142 -4.30 -9.43 22.56
C SER C 142 -5.65 -10.11 22.71
N GLN C 143 -6.50 -9.91 21.71
CA GLN C 143 -7.63 -10.78 21.54
C GLN C 143 -7.13 -12.14 21.05
N TYR C 144 -8.01 -13.13 20.97
CA TYR C 144 -7.62 -14.45 20.55
C TYR C 144 -7.16 -14.39 19.10
N ALA C 145 -6.35 -15.36 18.70
CA ALA C 145 -6.09 -15.64 17.28
C ALA C 145 -6.31 -17.12 17.06
N MET C 146 -6.65 -17.52 15.85
CA MET C 146 -6.72 -18.93 15.54
C MET C 146 -5.30 -19.36 15.36
N ARG C 147 -4.82 -20.28 16.19
CA ARG C 147 -3.46 -20.81 16.11
C ARG C 147 -3.47 -22.18 15.47
N ILE C 148 -2.67 -22.32 14.41
CA ILE C 148 -2.47 -23.57 13.74
C ILE C 148 -1.05 -23.97 14.15
N TRP C 149 -0.92 -25.11 14.83
CA TRP C 149 0.34 -25.56 15.38
C TRP C 149 0.83 -26.74 14.58
N MET C 150 1.68 -26.50 13.60
CA MET C 150 2.11 -27.51 12.64
C MET C 150 3.00 -28.63 13.18
N ASN C 151 2.84 -29.81 12.61
CA ASN C 151 3.68 -30.98 12.90
C ASN C 151 4.53 -31.45 11.70
N PRO C 152 5.86 -31.28 11.75
CA PRO C 152 6.69 -31.56 10.57
C PRO C 152 6.71 -33.01 10.13
N ASN C 153 6.43 -33.91 11.06
CA ASN C 153 6.42 -35.34 10.75
C ASN C 153 5.19 -35.72 9.97
N GLU C 154 4.03 -35.29 10.47
CA GLU C 154 2.77 -35.42 9.73
C GLU C 154 2.79 -34.62 8.42
N LEU C 155 3.51 -33.51 8.35
CA LEU C 155 3.61 -32.74 7.10
C LEU C 155 4.41 -33.47 6.02
N ASN C 156 5.58 -33.98 6.41
CA ASN C 156 6.47 -34.77 5.54
C ASN C 156 5.81 -36.09 5.16
N LYS C 157 5.18 -36.75 6.13
CA LYS C 157 4.45 -37.99 5.87
C LYS C 157 3.53 -37.90 4.65
N PHE C 158 2.75 -36.83 4.55
CA PHE C 158 1.81 -36.60 3.45
C PHE C 158 2.37 -35.69 2.34
N GLN C 159 3.68 -35.42 2.42
CA GLN C 159 4.46 -34.76 1.37
C GLN C 159 4.13 -33.31 1.19
N LEU C 160 3.78 -32.64 2.28
CA LEU C 160 3.39 -31.23 2.26
C LEU C 160 4.36 -30.39 3.08
N THR C 161 4.34 -29.09 2.85
CA THR C 161 5.16 -28.14 3.60
C THR C 161 4.25 -27.10 4.23
N PRO C 162 4.80 -26.23 5.08
CA PRO C 162 4.05 -25.05 5.50
C PRO C 162 3.52 -24.14 4.38
N VAL C 163 4.18 -24.13 3.22
CA VAL C 163 3.72 -23.33 2.07
C VAL C 163 2.34 -23.82 1.62
N ASP C 164 2.20 -25.15 1.57
CA ASP C 164 0.95 -25.79 1.26
C ASP C 164 -0.16 -25.45 2.28
N VAL C 165 0.17 -25.50 3.58
CA VAL C 165 -0.77 -25.13 4.64
C VAL C 165 -1.23 -23.67 4.51
N ILE C 166 -0.31 -22.77 4.18
CA ILE C 166 -0.64 -21.36 4.03
C ILE C 166 -1.53 -21.14 2.79
N THR C 167 -1.19 -21.75 1.67
CA THR C 167 -2.03 -21.63 0.48
C THR C 167 -3.44 -22.12 0.79
N ALA C 168 -3.52 -23.32 1.37
CA ALA C 168 -4.79 -23.95 1.74
C ALA C 168 -5.67 -23.10 2.65
N ILE C 169 -5.06 -22.46 3.65
CA ILE C 169 -5.81 -21.55 4.53
C ILE C 169 -6.30 -20.30 3.78
N LYS C 170 -5.47 -19.76 2.88
CA LYS C 170 -5.85 -18.53 2.14
C LYS C 170 -7.00 -18.79 1.15
N ALA C 171 -7.14 -20.03 0.73
CA ALA C 171 -8.17 -20.39 -0.21
C ALA C 171 -9.45 -20.86 0.45
N GLN C 172 -9.34 -21.45 1.63
CA GLN C 172 -10.49 -22.02 2.28
C GLN C 172 -10.97 -21.27 3.52
N ASN C 173 -10.21 -20.27 3.98
CA ASN C 173 -10.71 -19.28 4.93
C ASN C 173 -10.80 -17.92 4.22
N ALA C 174 -11.68 -17.88 3.22
CA ALA C 174 -11.79 -16.73 2.33
C ALA C 174 -13.22 -16.25 2.25
N GLN C 175 -13.38 -14.99 1.93
CA GLN C 175 -14.66 -14.42 1.77
C GLN C 175 -14.57 -13.42 0.67
N VAL C 176 -14.82 -13.88 -0.57
CA VAL C 176 -14.71 -12.98 -1.75
C VAL C 176 -16.08 -12.68 -2.34
N ALA C 177 -16.20 -11.45 -2.80
CA ALA C 177 -17.29 -10.90 -3.57
C ALA C 177 -17.59 -11.68 -4.82
N ALA C 178 -18.85 -12.10 -4.93
CA ALA C 178 -19.35 -12.98 -5.98
C ALA C 178 -20.57 -12.44 -6.76
N GLY C 179 -20.91 -11.16 -6.57
CA GLY C 179 -21.89 -10.48 -7.40
C GLY C 179 -23.31 -10.93 -7.14
N GLN C 180 -24.16 -10.87 -8.16
CA GLN C 180 -25.60 -11.04 -7.98
C GLN C 180 -26.27 -11.75 -9.14
N LEU C 181 -27.43 -12.36 -8.87
CA LEU C 181 -28.39 -12.69 -9.91
C LEU C 181 -29.22 -11.45 -10.19
N GLY C 182 -29.32 -11.13 -11.48
CA GLY C 182 -30.19 -10.06 -11.94
C GLY C 182 -29.76 -8.69 -11.50
N GLY C 183 -28.46 -8.50 -11.31
CA GLY C 183 -27.89 -7.18 -10.92
C GLY C 183 -27.88 -6.22 -12.08
N THR C 184 -27.76 -4.94 -11.81
CA THR C 184 -27.80 -3.96 -12.89
C THR C 184 -26.50 -3.94 -13.72
N PRO C 185 -26.58 -3.57 -15.00
CA PRO C 185 -27.85 -3.39 -15.72
C PRO C 185 -28.44 -4.76 -16.03
N PRO C 186 -29.76 -4.90 -15.90
CA PRO C 186 -30.41 -6.18 -16.09
C PRO C 186 -30.96 -6.30 -17.48
N VAL C 187 -31.57 -7.44 -17.79
CA VAL C 187 -32.47 -7.52 -18.94
C VAL C 187 -33.77 -6.91 -18.46
N LYS C 188 -34.38 -5.98 -19.20
CA LYS C 188 -35.61 -5.35 -18.71
C LYS C 188 -36.68 -6.41 -18.49
N GLY C 189 -37.44 -6.27 -17.41
CA GLY C 189 -38.45 -7.24 -17.04
C GLY C 189 -37.97 -8.28 -16.04
N GLN C 190 -36.77 -8.09 -15.51
CA GLN C 190 -36.14 -9.00 -14.56
C GLN C 190 -36.84 -8.92 -13.22
N GLN C 191 -37.28 -10.08 -12.72
CA GLN C 191 -37.95 -10.15 -11.41
C GLN C 191 -36.92 -10.44 -10.32
N LEU C 192 -36.09 -11.46 -10.55
CA LEU C 192 -35.12 -11.92 -9.56
C LEU C 192 -34.00 -10.92 -9.34
N ASN C 193 -33.75 -10.58 -8.08
CA ASN C 193 -32.54 -9.85 -7.70
C ASN C 193 -31.99 -10.39 -6.39
N ALA C 194 -30.93 -11.17 -6.44
CA ALA C 194 -30.41 -11.85 -5.25
C ALA C 194 -28.90 -11.84 -5.24
N SER C 195 -28.31 -11.40 -4.12
CA SER C 195 -26.87 -11.48 -3.88
C SER C 195 -26.41 -12.92 -4.08
N ILE C 196 -25.23 -13.13 -4.65
CA ILE C 196 -24.63 -14.49 -4.65
C ILE C 196 -23.69 -14.60 -3.45
N ILE C 197 -23.84 -15.63 -2.64
CA ILE C 197 -22.97 -15.81 -1.48
C ILE C 197 -22.18 -17.07 -1.71
N ALA C 198 -20.87 -16.91 -1.85
CA ALA C 198 -19.94 -18.02 -2.01
C ALA C 198 -19.27 -18.32 -0.65
N GLN C 199 -17.96 -18.59 -0.57
CA GLN C 199 -17.38 -18.99 0.73
C GLN C 199 -17.42 -17.79 1.64
N THR C 200 -17.56 -18.03 2.94
CA THR C 200 -17.42 -16.99 3.97
C THR C 200 -16.28 -17.40 4.85
N ARG C 201 -15.84 -16.49 5.69
CA ARG C 201 -14.79 -16.76 6.66
C ARG C 201 -15.18 -17.89 7.59
N LEU C 202 -14.17 -18.56 8.12
CA LEU C 202 -14.38 -19.65 9.04
C LEU C 202 -14.41 -19.08 10.43
N THR C 203 -15.01 -19.82 11.34
CA THR C 203 -15.48 -19.30 12.62
C THR C 203 -14.99 -20.05 13.85
N SER C 204 -14.43 -21.24 13.64
CA SER C 204 -14.11 -22.13 14.74
C SER C 204 -12.95 -23.04 14.39
N THR C 205 -12.37 -23.66 15.41
CA THR C 205 -11.27 -24.58 15.25
C THR C 205 -11.72 -25.78 14.42
N GLU C 206 -12.91 -26.31 14.69
CA GLU C 206 -13.56 -27.36 13.87
C GLU C 206 -13.49 -27.09 12.37
N GLU C 207 -13.91 -25.90 11.97
CA GLU C 207 -13.93 -25.52 10.57
C GLU C 207 -12.52 -25.38 9.95
N PHE C 208 -11.54 -24.98 10.75
CA PHE C 208 -10.14 -24.98 10.30
C PHE C 208 -9.59 -26.43 10.14
N GLY C 209 -9.91 -27.29 11.11
CA GLY C 209 -9.59 -28.71 11.04
C GLY C 209 -10.02 -29.43 9.78
N LYS C 210 -11.20 -29.09 9.25
CA LYS C 210 -11.74 -29.64 8.00
C LYS C 210 -11.04 -29.15 6.71
N ILE C 211 -10.20 -28.13 6.80
CA ILE C 211 -9.54 -27.60 5.61
C ILE C 211 -8.81 -28.73 4.89
N LEU C 212 -9.18 -28.94 3.63
CA LEU C 212 -8.63 -29.99 2.79
C LEU C 212 -7.27 -29.61 2.20
N LEU C 213 -6.22 -30.32 2.58
CA LEU C 213 -4.84 -30.01 2.12
C LEU C 213 -4.53 -30.71 0.81
N LYS C 214 -4.83 -32.01 0.73
CA LYS C 214 -4.82 -32.73 -0.54
C LYS C 214 -5.58 -34.05 -0.45
N VAL C 215 -5.97 -34.58 -1.61
CA VAL C 215 -6.55 -35.92 -1.72
C VAL C 215 -5.49 -36.90 -2.21
N ASN C 216 -5.15 -37.91 -1.40
CA ASN C 216 -4.19 -38.97 -1.80
C ASN C 216 -4.74 -39.79 -2.98
N GLN C 217 -3.86 -40.46 -3.73
CA GLN C 217 -4.27 -41.19 -4.93
C GLN C 217 -5.08 -42.45 -4.62
N ASP C 218 -4.94 -42.98 -3.39
CA ASP C 218 -5.80 -44.06 -2.89
C ASP C 218 -7.23 -43.63 -2.49
N GLY C 219 -7.54 -42.34 -2.59
CA GLY C 219 -8.86 -41.80 -2.26
C GLY C 219 -8.85 -40.92 -1.03
N SER C 220 -8.13 -41.32 0.03
CA SER C 220 -8.24 -40.68 1.36
C SER C 220 -7.76 -39.21 1.41
N ARG C 221 -8.51 -38.39 2.16
CA ARG C 221 -8.27 -36.96 2.32
C ARG C 221 -7.24 -36.68 3.42
N VAL C 222 -6.48 -35.59 3.26
CA VAL C 222 -5.60 -35.10 4.32
C VAL C 222 -6.11 -33.73 4.75
N LEU C 223 -6.47 -33.63 6.03
CA LEU C 223 -7.06 -32.42 6.57
C LEU C 223 -6.06 -31.67 7.44
N LEU C 224 -6.26 -30.38 7.65
CA LEU C 224 -5.30 -29.58 8.41
C LEU C 224 -5.17 -30.04 9.84
N ARG C 225 -6.28 -30.54 10.36
CA ARG C 225 -6.38 -31.35 11.60
C ARG C 225 -5.31 -32.44 11.62
N ASP C 226 -5.18 -33.16 10.51
CA ASP C 226 -4.28 -34.29 10.40
C ASP C 226 -2.79 -33.94 10.44
N VAL C 227 -2.46 -32.65 10.33
CA VAL C 227 -1.07 -32.20 10.40
C VAL C 227 -0.83 -31.04 11.38
N ALA C 228 -1.85 -30.63 12.15
CA ALA C 228 -1.72 -29.50 13.04
C ALA C 228 -2.71 -29.56 14.16
N LYS C 229 -2.25 -29.18 15.35
CA LYS C 229 -3.12 -28.92 16.47
C LYS C 229 -3.68 -27.51 16.32
N ILE C 230 -4.96 -27.35 16.59
CA ILE C 230 -5.67 -26.13 16.28
C ILE C 230 -6.37 -25.68 17.54
N GLU C 231 -6.13 -24.46 17.96
CA GLU C 231 -6.75 -23.95 19.15
C GLU C 231 -6.83 -22.43 19.09
N LEU C 232 -7.81 -21.86 19.80
CA LEU C 232 -7.85 -20.43 20.05
C LEU C 232 -6.72 -20.11 21.03
N GLY C 233 -5.88 -19.15 20.67
CA GLY C 233 -4.76 -18.76 21.51
C GLY C 233 -4.48 -17.29 21.35
N GLY C 234 -3.27 -16.89 21.71
CA GLY C 234 -2.88 -15.49 21.67
C GLY C 234 -2.19 -15.11 20.39
N GLU C 235 -2.11 -13.80 20.15
CA GLU C 235 -1.34 -13.29 19.01
C GLU C 235 0.16 -13.47 19.20
N ASN C 236 0.65 -13.25 20.41
CA ASN C 236 2.00 -13.68 20.75
C ASN C 236 2.22 -13.92 22.23
N TYR C 237 3.27 -14.68 22.49
CA TYR C 237 3.49 -15.26 23.77
C TYR C 237 4.79 -14.75 24.35
N ASP C 238 5.21 -13.54 23.98
CA ASP C 238 6.48 -13.00 24.49
C ASP C 238 6.38 -12.58 25.95
N ILE C 239 5.19 -12.18 26.39
CA ILE C 239 4.98 -11.65 27.73
C ILE C 239 4.11 -12.59 28.54
N ILE C 240 4.36 -12.72 29.84
CA ILE C 240 3.47 -13.46 30.78
C ILE C 240 3.12 -12.55 31.94
N ALA C 241 1.84 -12.48 32.29
CA ALA C 241 1.37 -11.55 33.33
C ALA C 241 0.69 -12.29 34.44
N GLU C 242 1.21 -12.17 35.65
CA GLU C 242 0.58 -12.78 36.82
C GLU C 242 0.25 -11.69 37.83
N PHE C 243 -0.87 -11.83 38.53
CA PHE C 243 -1.25 -10.99 39.68
C PHE C 243 -1.28 -11.91 40.92
N ASN C 244 -0.27 -11.80 41.79
CA ASN C 244 -0.13 -12.70 42.95
C ASN C 244 -0.13 -14.14 42.51
N GLY C 245 0.72 -14.46 41.54
CA GLY C 245 0.75 -15.81 40.97
C GLY C 245 -0.43 -16.33 40.12
N GLN C 246 -1.54 -15.59 39.98
CA GLN C 246 -2.67 -16.02 39.11
C GLN C 246 -2.57 -15.40 37.71
N PRO C 247 -3.10 -16.08 36.66
CA PRO C 247 -3.09 -15.49 35.33
C PRO C 247 -3.77 -14.15 35.26
N ALA C 248 -3.18 -13.23 34.53
CA ALA C 248 -3.69 -11.88 34.48
C ALA C 248 -3.79 -11.28 33.09
N SER C 249 -4.67 -10.31 32.98
CA SER C 249 -4.66 -9.40 31.87
C SER C 249 -4.93 -8.01 32.43
N GLY C 250 -5.29 -7.07 31.58
CA GLY C 250 -5.59 -5.76 32.08
C GLY C 250 -5.61 -4.73 30.99
N LEU C 251 -5.84 -3.50 31.44
CA LEU C 251 -5.98 -2.36 30.60
C LEU C 251 -5.10 -1.27 31.15
N GLY C 252 -4.22 -0.71 30.33
CA GLY C 252 -3.52 0.53 30.67
C GLY C 252 -4.29 1.69 30.09
N ILE C 253 -4.83 2.57 30.93
CA ILE C 253 -5.69 3.70 30.47
C ILE C 253 -5.00 5.08 30.61
N LYS C 254 -5.01 5.88 29.54
CA LYS C 254 -4.42 7.24 29.54
C LYS C 254 -5.51 8.29 29.61
N LEU C 255 -5.14 9.53 29.95
CA LEU C 255 -6.07 10.66 30.06
C LEU C 255 -6.01 11.62 28.87
N ALA C 256 -7.14 11.77 28.17
CA ALA C 256 -7.22 12.66 27.00
C ALA C 256 -6.96 14.12 27.38
N THR C 257 -5.87 14.70 26.85
CA THR C 257 -5.45 16.09 27.08
C THR C 257 -6.67 17.02 27.10
N GLY C 258 -6.74 17.84 28.14
CA GLY C 258 -7.93 18.64 28.43
C GLY C 258 -8.64 18.07 29.64
N ALA C 259 -8.94 16.78 29.62
CA ALA C 259 -9.82 16.15 30.64
C ALA C 259 -9.21 16.04 32.04
N ASN C 260 -10.07 15.81 33.04
CA ASN C 260 -9.71 15.82 34.47
C ASN C 260 -9.58 14.41 35.09
N ALA C 261 -8.50 14.16 35.83
CA ALA C 261 -8.18 12.81 36.33
C ALA C 261 -9.08 12.24 37.44
N LEU C 262 -9.63 13.09 38.30
CA LEU C 262 -10.45 12.64 39.43
C LEU C 262 -11.81 12.21 38.92
N ASP C 263 -12.40 13.06 38.06
CA ASP C 263 -13.69 12.81 37.38
C ASP C 263 -13.62 11.69 36.35
N THR C 264 -12.49 11.55 35.67
CA THR C 264 -12.27 10.46 34.70
C THR C 264 -12.08 9.09 35.40
N ALA C 265 -11.36 9.08 36.53
CA ALA C 265 -11.11 7.86 37.33
C ALA C 265 -12.38 7.25 37.95
N ALA C 266 -13.28 8.10 38.44
CA ALA C 266 -14.60 7.65 38.93
C ALA C 266 -15.49 7.25 37.76
N ALA C 267 -15.40 8.00 36.64
CA ALA C 267 -16.11 7.64 35.40
C ALA C 267 -15.77 6.20 34.95
N ILE C 268 -14.48 5.84 35.00
CA ILE C 268 -14.00 4.50 34.69
C ILE C 268 -14.51 3.50 35.73
N ARG C 269 -14.35 3.81 37.02
CA ARG C 269 -14.74 2.90 38.11
C ARG C 269 -16.26 2.61 38.08
N ALA C 270 -17.05 3.64 37.76
CA ALA C 270 -18.47 3.50 37.48
C ALA C 270 -18.68 2.49 36.37
N GLU C 271 -18.07 2.76 35.22
CA GLU C 271 -18.22 1.92 34.00
C GLU C 271 -17.82 0.45 34.21
N LEU C 272 -16.86 0.21 35.10
CA LEU C 272 -16.44 -1.15 35.48
C LEU C 272 -17.41 -1.80 36.45
N ALA C 273 -17.95 -1.04 37.40
CA ALA C 273 -19.05 -1.54 38.25
C ALA C 273 -20.28 -2.05 37.43
N LYS C 274 -20.53 -1.47 36.25
CA LYS C 274 -21.66 -1.84 35.38
C LYS C 274 -21.47 -3.17 34.73
N MET C 275 -20.25 -3.41 34.24
CA MET C 275 -19.91 -4.70 33.67
C MET C 275 -19.87 -5.81 34.73
N GLU C 276 -19.46 -5.50 35.97
CA GLU C 276 -19.14 -6.55 36.99
C GLU C 276 -20.24 -7.57 37.32
N PRO C 277 -21.52 -7.18 37.22
CA PRO C 277 -22.60 -8.18 37.19
C PRO C 277 -22.59 -9.13 35.96
N PHE C 278 -22.26 -8.63 34.76
CA PHE C 278 -22.29 -9.44 33.51
C PHE C 278 -21.09 -10.40 33.31
N PHE C 279 -20.08 -10.37 34.17
CA PHE C 279 -18.86 -11.19 33.97
C PHE C 279 -19.16 -12.67 34.05
N PRO C 280 -18.30 -13.51 33.46
CA PRO C 280 -18.40 -14.95 33.70
C PRO C 280 -17.90 -15.30 35.09
N SER C 281 -18.04 -16.57 35.44
CA SER C 281 -17.72 -17.07 36.77
C SER C 281 -16.30 -16.71 37.25
N GLY C 282 -16.23 -16.00 38.39
CA GLY C 282 -14.95 -15.76 39.08
C GLY C 282 -13.95 -14.84 38.39
N LEU C 283 -14.44 -13.92 37.57
CA LEU C 283 -13.59 -12.95 36.92
C LEU C 283 -13.60 -11.75 37.80
N LYS C 284 -12.43 -11.25 38.17
CA LYS C 284 -12.38 -10.13 39.11
C LYS C 284 -11.57 -8.96 38.53
N ILE C 285 -11.94 -7.74 38.93
CA ILE C 285 -11.18 -6.54 38.59
C ILE C 285 -10.32 -6.15 39.80
N VAL C 286 -9.05 -5.81 39.54
CA VAL C 286 -8.10 -5.33 40.58
C VAL C 286 -7.41 -4.04 40.14
N TYR C 287 -6.87 -3.28 41.10
CA TYR C 287 -6.36 -1.93 40.85
C TYR C 287 -5.03 -1.70 41.58
N PRO C 288 -3.90 -1.84 40.87
CA PRO C 288 -2.60 -1.38 41.44
C PRO C 288 -2.06 0.00 40.94
N GLY C 310 2.64 4.90 47.24
CA GLY C 310 1.81 3.71 47.02
C GLY C 310 2.57 2.49 46.47
N VAL C 311 2.85 2.49 45.16
CA VAL C 311 3.50 1.38 44.43
C VAL C 311 5.02 1.59 44.27
N PHE C 312 5.78 0.52 44.43
CA PHE C 312 7.19 0.50 44.04
C PHE C 312 7.41 -0.73 43.14
N MET C 313 8.65 -0.92 42.63
CA MET C 313 8.99 -1.95 41.63
C MET C 313 10.11 -2.92 42.07
N THR C 314 10.22 -4.06 41.36
CA THR C 314 11.36 -4.97 41.50
C THR C 314 11.80 -5.41 40.12
N MET C 315 13.03 -5.10 39.75
CA MET C 315 13.59 -5.47 38.45
C MET C 315 14.06 -6.92 38.54
N VAL C 316 13.92 -7.68 37.46
CA VAL C 316 14.51 -9.03 37.33
C VAL C 316 15.31 -9.16 36.01
N GLN C 317 16.55 -9.65 36.09
CA GLN C 317 17.45 -9.69 34.92
C GLN C 317 18.31 -10.95 34.89
N LEU C 318 17.96 -11.89 34.03
CA LEU C 318 18.73 -13.11 33.91
C LEU C 318 19.82 -12.95 32.85
N PRO C 319 20.79 -13.88 32.80
CA PRO C 319 21.87 -13.74 31.81
C PRO C 319 21.43 -13.99 30.35
N ALA C 320 22.33 -13.62 29.42
CA ALA C 320 22.17 -13.86 27.99
C ALA C 320 21.68 -15.28 27.71
N GLY C 321 20.72 -15.44 26.81
CA GLY C 321 20.22 -16.76 26.43
C GLY C 321 19.18 -17.34 27.36
N ALA C 322 18.98 -16.74 28.53
CA ALA C 322 18.07 -17.28 29.54
C ALA C 322 16.60 -17.22 29.12
N THR C 323 15.84 -18.24 29.52
CA THR C 323 14.47 -18.44 29.06
C THR C 323 13.35 -17.85 29.93
N GLN C 324 12.17 -17.82 29.32
CA GLN C 324 10.93 -17.38 29.95
C GLN C 324 10.70 -18.14 31.24
N GLU C 325 10.82 -19.46 31.18
CA GLU C 325 10.60 -20.32 32.35
C GLU C 325 11.53 -19.97 33.49
N ARG C 326 12.80 -19.73 33.18
CA ARG C 326 13.79 -19.36 34.20
C ARG C 326 13.49 -18.04 34.86
N THR C 327 13.13 -17.06 34.04
CA THR C 327 12.69 -15.75 34.55
C THR C 327 11.42 -15.86 35.40
N GLN C 328 10.54 -16.82 35.07
CA GLN C 328 9.29 -17.02 35.80
C GLN C 328 9.50 -17.70 37.15
N LYS C 329 10.45 -18.62 37.26
CA LYS C 329 10.84 -19.12 38.59
C LYS C 329 11.24 -17.96 39.47
N VAL C 330 12.09 -17.07 38.96
CA VAL C 330 12.62 -15.95 39.75
C VAL C 330 11.56 -14.91 40.12
N LEU C 331 10.67 -14.59 39.19
CA LEU C 331 9.52 -13.70 39.44
C LEU C 331 8.61 -14.25 40.49
N ASN C 332 8.37 -15.56 40.44
CA ASN C 332 7.54 -16.25 41.45
C ASN C 332 8.13 -16.19 42.86
N GLU C 333 9.45 -16.40 42.96
CA GLU C 333 10.22 -16.17 44.20
C GLU C 333 10.05 -14.75 44.73
N VAL C 334 10.12 -13.77 43.83
CA VAL C 334 9.89 -12.36 44.18
C VAL C 334 8.45 -12.14 44.72
N THR C 335 7.46 -12.53 43.93
CA THR C 335 6.07 -12.53 44.39
C THR C 335 5.85 -13.26 45.72
N HIS C 336 6.56 -14.37 45.94
CA HIS C 336 6.44 -15.14 47.16
C HIS C 336 7.04 -14.43 48.37
N TYR C 337 8.23 -13.84 48.20
CA TYR C 337 8.83 -13.03 49.27
C TYR C 337 7.90 -11.89 49.74
N TYR C 338 7.24 -11.20 48.82
CA TYR C 338 6.35 -10.08 49.21
C TYR C 338 5.12 -10.61 49.88
N LEU C 339 4.54 -11.67 49.34
CA LEU C 339 3.31 -12.23 49.88
C LEU C 339 3.48 -13.01 51.19
N THR C 340 4.72 -13.29 51.60
CA THR C 340 4.96 -13.94 52.89
C THR C 340 5.69 -13.03 53.86
N LYS C 341 6.93 -12.66 53.54
CA LYS C 341 7.77 -11.85 54.43
C LYS C 341 7.30 -10.40 54.59
N GLU C 342 6.55 -9.88 53.62
CA GLU C 342 5.90 -8.58 53.78
C GLU C 342 4.35 -8.64 53.69
N LYS C 343 3.73 -9.77 54.08
CA LYS C 343 2.24 -9.85 54.18
C LYS C 343 1.56 -8.74 55.02
N ASN C 344 2.31 -8.04 55.87
CA ASN C 344 1.76 -6.93 56.62
C ASN C 344 1.76 -5.67 55.82
N ASN C 345 2.72 -5.57 54.90
CA ASN C 345 2.93 -4.38 54.10
C ASN C 345 2.46 -4.41 52.65
N VAL C 346 2.45 -5.59 52.01
CA VAL C 346 2.15 -5.70 50.57
C VAL C 346 0.71 -6.14 50.32
N GLU C 347 0.04 -5.50 49.36
CA GLU C 347 -1.30 -5.93 48.87
C GLU C 347 -1.18 -6.88 47.70
N SER C 348 -0.35 -6.53 46.73
CA SER C 348 -0.23 -7.35 45.53
C SER C 348 1.09 -7.19 44.82
N VAL C 349 1.47 -8.25 44.10
CA VAL C 349 2.58 -8.23 43.16
C VAL C 349 2.01 -8.62 41.80
N PHE C 350 2.10 -7.66 40.85
CA PHE C 350 1.70 -7.83 39.44
C PHE C 350 2.99 -8.06 38.66
N ALA C 351 3.13 -9.25 38.06
CA ALA C 351 4.39 -9.69 37.49
C ALA C 351 4.29 -9.79 35.97
N VAL C 352 5.28 -9.19 35.31
CA VAL C 352 5.36 -9.12 33.86
C VAL C 352 6.70 -9.73 33.42
N ASN C 353 6.62 -10.78 32.62
CA ASN C 353 7.79 -11.56 32.25
C ASN C 353 8.03 -11.28 30.79
N GLY C 354 9.20 -10.77 30.47
CA GLY C 354 9.54 -10.43 29.09
C GLY C 354 9.60 -8.94 28.79
N PHE C 355 9.34 -8.11 29.81
CA PHE C 355 9.41 -6.64 29.71
C PHE C 355 10.18 -6.11 30.94
N GLY C 356 10.96 -5.04 30.76
CA GLY C 356 11.61 -4.34 31.88
C GLY C 356 12.10 -2.94 31.50
N PHE C 357 12.97 -2.38 32.32
CA PHE C 357 13.70 -1.18 31.95
C PHE C 357 14.84 -1.57 31.00
N ALA C 358 14.94 -0.87 29.88
CA ALA C 358 15.98 -1.12 28.85
C ALA C 358 16.00 -2.58 28.37
N GLY C 359 14.81 -3.19 28.27
CA GLY C 359 14.72 -4.61 27.96
C GLY C 359 13.37 -5.07 27.41
N ARG C 360 13.44 -5.96 26.44
CA ARG C 360 12.39 -6.90 26.11
C ARG C 360 13.15 -8.20 25.95
N GLY C 361 12.50 -9.35 26.10
CA GLY C 361 13.17 -10.64 25.93
C GLY C 361 12.82 -11.65 27.02
N GLN C 362 13.04 -12.92 26.71
CA GLN C 362 12.79 -14.04 27.65
C GLN C 362 13.54 -13.98 28.99
N ASN C 363 14.61 -13.20 29.03
CA ASN C 363 15.44 -13.05 30.21
C ASN C 363 15.23 -11.77 31.02
N THR C 364 14.15 -11.03 30.82
CA THR C 364 13.87 -9.84 31.68
C THR C 364 12.45 -9.84 32.22
N GLY C 365 12.30 -9.14 33.34
CA GLY C 365 11.04 -9.08 34.02
C GLY C 365 11.00 -7.97 35.03
N ILE C 366 9.79 -7.65 35.45
CA ILE C 366 9.58 -6.57 36.36
C ILE C 366 8.31 -6.82 37.16
N ALA C 367 8.45 -6.72 38.47
CA ALA C 367 7.35 -6.91 39.40
C ALA C 367 6.97 -5.55 39.95
N PHE C 368 5.70 -5.20 39.79
CA PHE C 368 5.12 -4.00 40.37
C PHE C 368 4.45 -4.44 41.66
N VAL C 369 4.87 -3.83 42.76
CA VAL C 369 4.41 -4.20 44.09
C VAL C 369 3.44 -3.14 44.61
N SER C 370 2.18 -3.51 44.77
CA SER C 370 1.18 -2.62 45.35
C SER C 370 1.23 -2.80 46.86
N LEU C 371 1.39 -1.68 47.58
CA LEU C 371 1.42 -1.67 49.05
C LEU C 371 0.05 -1.35 49.63
N LYS C 372 -0.07 -1.49 50.95
CA LYS C 372 -1.30 -1.18 51.66
C LYS C 372 -1.26 0.30 52.02
N ASP C 373 -2.31 0.76 52.70
CA ASP C 373 -2.45 2.17 53.03
C ASP C 373 -1.33 2.65 53.93
N TRP C 374 -0.94 3.91 53.75
CA TRP C 374 0.09 4.57 54.56
C TRP C 374 -0.29 4.56 56.07
N ALA C 375 -1.59 4.68 56.34
CA ALA C 375 -2.14 4.47 57.67
C ALA C 375 -1.66 3.14 58.29
N ASP C 376 -1.89 2.03 57.60
CA ASP C 376 -1.75 0.69 58.19
C ASP C 376 -0.33 0.10 58.16
N ARG C 377 0.67 0.93 57.85
CA ARG C 377 2.08 0.55 57.86
C ARG C 377 2.84 1.50 58.80
N PRO C 378 2.52 1.44 60.11
CA PRO C 378 3.06 2.45 61.04
C PRO C 378 4.49 2.11 61.47
N GLY C 379 5.33 3.12 61.62
CA GLY C 379 6.73 2.93 62.00
C GLY C 379 7.60 2.94 60.77
N GLU C 380 8.76 3.59 60.89
CA GLU C 380 9.67 3.83 59.75
C GLU C 380 10.11 2.54 59.02
N GLU C 381 10.14 1.43 59.75
CA GLU C 381 10.51 0.10 59.22
C GLU C 381 9.47 -0.54 58.26
N ASN C 382 8.24 -0.04 58.24
CA ASN C 382 7.23 -0.53 57.28
C ASN C 382 6.94 0.47 56.13
N LYS C 383 7.83 1.44 55.93
CA LYS C 383 7.73 2.44 54.85
C LYS C 383 8.46 1.94 53.61
N VAL C 384 8.24 2.60 52.47
CA VAL C 384 8.75 2.14 51.17
C VAL C 384 10.27 1.88 51.19
N GLU C 385 11.07 2.83 51.67
CA GLU C 385 12.53 2.69 51.60
C GLU C 385 13.03 1.50 52.43
N ALA C 386 12.58 1.43 53.68
CA ALA C 386 12.88 0.29 54.59
C ALA C 386 12.56 -1.08 53.97
N ILE C 387 11.42 -1.17 53.28
CA ILE C 387 10.98 -2.41 52.66
C ILE C 387 11.89 -2.75 51.51
N THR C 388 12.19 -1.77 50.65
CA THR C 388 12.97 -2.05 49.45
C THR C 388 14.41 -2.41 49.77
N MET C 389 14.98 -1.81 50.81
CA MET C 389 16.35 -2.12 51.21
C MET C 389 16.42 -3.60 51.61
N ARG C 390 15.55 -3.99 52.54
CA ARG C 390 15.37 -5.40 52.94
C ARG C 390 15.23 -6.38 51.79
N ALA C 391 14.30 -6.06 50.88
CA ALA C 391 14.04 -6.89 49.70
C ALA C 391 15.29 -7.07 48.84
N THR C 392 16.01 -5.98 48.60
CA THR C 392 17.28 -6.01 47.88
C THR C 392 18.36 -6.89 48.56
N ARG C 393 18.37 -6.93 49.90
CA ARG C 393 19.27 -7.83 50.65
C ARG C 393 18.85 -9.27 50.41
N ALA C 394 17.57 -9.57 50.62
CA ALA C 394 17.03 -10.92 50.43
C ALA C 394 17.30 -11.47 49.05
N PHE C 395 17.05 -10.67 48.01
CA PHE C 395 17.23 -11.11 46.62
C PHE C 395 18.69 -11.19 46.11
N SER C 396 19.62 -10.47 46.73
CA SER C 396 21.06 -10.59 46.35
C SER C 396 21.60 -12.01 46.58
N GLN C 397 20.91 -12.80 47.40
CA GLN C 397 21.17 -14.24 47.52
C GLN C 397 20.29 -15.06 46.57
N ILE C 398 20.23 -14.64 45.31
CA ILE C 398 19.64 -15.43 44.22
C ILE C 398 20.74 -15.64 43.20
N LYS C 399 20.95 -16.92 42.88
CA LYS C 399 21.92 -17.36 41.89
C LYS C 399 21.44 -17.09 40.45
N ASP C 400 22.38 -16.65 39.63
CA ASP C 400 22.16 -16.34 38.22
C ASP C 400 20.90 -15.48 38.04
N ALA C 401 20.96 -14.27 38.61
CA ALA C 401 19.90 -13.25 38.52
C ALA C 401 20.30 -11.98 39.26
N MET C 402 20.26 -10.84 38.57
CA MET C 402 20.25 -9.53 39.22
C MET C 402 18.81 -9.21 39.54
N VAL C 403 18.53 -8.85 40.79
CA VAL C 403 17.18 -8.54 41.25
C VAL C 403 17.22 -7.32 42.20
N PHE C 404 16.92 -6.13 41.67
CA PHE C 404 16.99 -4.87 42.42
C PHE C 404 15.57 -4.38 42.71
N ALA C 405 15.24 -4.15 43.99
CA ALA C 405 13.99 -3.44 44.37
C ALA C 405 14.26 -1.95 44.52
N PHE C 406 13.31 -1.12 44.13
CA PHE C 406 13.51 0.34 44.13
C PHE C 406 12.20 1.10 43.96
N ASN C 407 12.25 2.40 44.18
CA ASN C 407 11.10 3.29 43.99
C ASN C 407 11.48 4.59 43.25
N LEU C 408 10.68 4.96 42.24
CA LEU C 408 10.90 6.18 41.46
C LEU C 408 9.62 7.02 41.42
N ALA C 417 18.54 13.52 38.75
CA ALA C 417 19.16 14.10 39.93
C ALA C 417 20.66 14.40 39.71
N THR C 418 21.48 13.38 39.58
CA THR C 418 22.97 13.51 39.62
C THR C 418 23.75 12.86 38.43
N GLY C 419 23.01 12.31 37.45
CA GLY C 419 23.59 11.50 36.36
C GLY C 419 23.59 12.16 34.99
N PHE C 420 24.33 11.55 34.06
CA PHE C 420 24.41 12.02 32.67
C PHE C 420 23.96 10.95 31.65
N ASP C 421 23.77 11.38 30.39
CA ASP C 421 23.24 10.55 29.30
C ASP C 421 24.01 10.80 27.98
N PHE C 422 24.87 9.85 27.64
CA PHE C 422 25.88 10.02 26.62
C PHE C 422 25.55 9.11 25.44
N GLU C 423 25.67 9.62 24.23
CA GLU C 423 25.46 8.80 23.08
C GLU C 423 26.75 8.73 22.32
N LEU C 424 27.35 7.53 22.36
CA LEU C 424 28.47 7.16 21.51
C LEU C 424 27.91 6.81 20.12
N ILE C 425 28.45 7.44 19.08
CA ILE C 425 27.85 7.43 17.74
C ILE C 425 28.85 6.98 16.70
N ASP C 426 28.48 5.98 15.88
CA ASP C 426 29.23 5.62 14.65
C ASP C 426 29.09 6.72 13.56
N GLN C 427 30.13 7.52 13.33
CA GLN C 427 30.07 8.63 12.35
C GLN C 427 30.62 8.31 10.93
N ALA C 428 31.20 7.11 10.73
CA ALA C 428 31.86 6.74 9.46
C ALA C 428 31.61 5.29 9.08
N GLY C 429 30.40 4.84 9.34
CA GLY C 429 29.97 3.55 8.85
C GLY C 429 30.91 2.43 9.24
N LEU C 430 31.38 2.50 10.48
CA LEU C 430 32.24 1.48 11.05
C LEU C 430 31.58 0.12 11.28
N GLY C 431 30.31 0.11 11.66
CA GLY C 431 29.64 -1.15 12.06
C GLY C 431 29.64 -1.46 13.57
N HIS C 432 28.76 -2.37 13.95
CA HIS C 432 28.51 -2.76 15.35
C HIS C 432 29.76 -3.26 16.12
N GLU C 433 30.61 -4.09 15.52
CA GLU C 433 31.72 -4.69 16.27
C GLU C 433 32.72 -3.59 16.64
N LYS C 434 33.06 -2.74 15.69
CA LYS C 434 33.97 -1.62 15.97
C LYS C 434 33.36 -0.59 16.89
N LEU C 435 32.06 -0.41 16.85
CA LEU C 435 31.42 0.51 17.77
C LEU C 435 31.43 -0.07 19.19
N THR C 436 31.31 -1.38 19.32
CA THR C 436 31.40 -2.03 20.63
C THR C 436 32.84 -1.87 21.17
N GLN C 437 33.84 -2.19 20.33
CA GLN C 437 35.28 -2.05 20.72
C GLN C 437 35.64 -0.67 21.25
N ALA C 438 35.03 0.35 20.65
CA ALA C 438 35.18 1.75 21.06
C ALA C 438 34.41 2.06 22.35
N ARG C 439 33.23 1.49 22.50
CA ARG C 439 32.48 1.66 23.73
C ARG C 439 33.26 1.09 24.92
N ASN C 440 33.98 -0.01 24.67
CA ASN C 440 34.78 -0.68 25.69
C ASN C 440 36.03 0.12 26.07
N GLN C 441 36.68 0.67 25.05
CA GLN C 441 37.77 1.61 25.22
C GLN C 441 37.36 2.79 26.10
N LEU C 442 36.18 3.35 25.87
CA LEU C 442 35.72 4.46 26.71
C LEU C 442 35.36 4.01 28.12
N LEU C 443 34.77 2.83 28.27
CA LEU C 443 34.30 2.37 29.57
C LEU C 443 35.47 1.91 30.47
N ALA C 444 36.44 1.19 29.91
CA ALA C 444 37.70 0.89 30.61
C ALA C 444 38.42 2.15 31.10
N GLU C 445 38.35 3.21 30.30
CA GLU C 445 38.91 4.53 30.64
C GLU C 445 38.14 5.30 31.72
N ALA C 446 36.82 5.17 31.75
CA ALA C 446 36.02 5.79 32.81
C ALA C 446 36.23 5.09 34.18
N ALA C 447 36.66 3.84 34.16
CA ALA C 447 37.00 3.11 35.39
C ALA C 447 38.24 3.70 36.07
N LYS C 448 39.19 4.20 35.28
CA LYS C 448 40.43 4.78 35.81
C LYS C 448 40.29 6.19 36.42
N HIS C 449 39.12 6.79 36.37
CA HIS C 449 38.89 8.06 37.04
C HIS C 449 37.70 7.89 37.98
N PRO C 450 37.74 6.88 38.90
CA PRO C 450 36.62 6.65 39.86
C PRO C 450 36.42 7.80 40.87
N ASP C 451 37.46 8.63 41.02
CA ASP C 451 37.44 9.96 41.68
C ASP C 451 36.34 10.94 41.21
N MET C 452 36.20 11.10 39.88
CA MET C 452 35.21 11.99 39.24
C MET C 452 33.92 11.28 38.74
N LEU C 453 34.10 10.07 38.18
CA LEU C 453 33.03 9.30 37.52
C LEU C 453 32.78 7.93 38.16
N THR C 454 31.53 7.67 38.56
CA THR C 454 31.16 6.31 39.01
C THR C 454 29.91 5.79 38.30
N SER C 455 29.83 4.47 38.19
CA SER C 455 28.71 3.76 37.57
C SER C 455 28.62 4.04 36.05
N VAL C 456 29.77 4.20 35.40
CA VAL C 456 29.76 4.41 33.96
C VAL C 456 29.49 3.06 33.28
N ARG C 457 28.42 3.02 32.50
CA ARG C 457 27.88 1.75 32.03
C ARG C 457 27.05 1.95 30.76
N PRO C 458 26.85 0.87 29.96
CA PRO C 458 25.87 0.97 28.91
C PRO C 458 24.48 0.90 29.49
N ASN C 459 23.59 1.73 28.95
CA ASN C 459 22.15 1.58 29.11
C ASN C 459 21.63 0.36 28.38
N GLY C 460 22.38 -0.13 27.40
CA GLY C 460 21.89 -1.21 26.56
C GLY C 460 22.26 -2.65 26.91
N LEU C 461 22.02 -3.54 25.94
CA LEU C 461 22.31 -4.93 26.09
C LEU C 461 23.58 -5.33 25.36
N GLU C 462 24.10 -6.50 25.73
CA GLU C 462 25.34 -7.04 25.15
C GLU C 462 25.06 -8.05 24.04
N ASP C 463 26.03 -8.26 23.18
CA ASP C 463 25.88 -9.30 22.15
C ASP C 463 25.64 -10.63 22.85
N THR C 464 25.06 -11.59 22.15
CA THR C 464 24.73 -12.91 22.70
C THR C 464 24.82 -14.00 21.64
N PRO C 465 24.95 -15.28 22.05
CA PRO C 465 25.05 -16.33 21.05
C PRO C 465 23.83 -16.35 20.11
N GLN C 466 24.05 -16.59 18.82
CA GLN C 466 22.93 -16.77 17.92
C GLN C 466 23.22 -17.81 16.82
N PHE C 467 22.14 -18.37 16.26
CA PHE C 467 22.23 -19.57 15.41
C PHE C 467 22.16 -19.13 13.95
N LYS C 468 23.33 -19.02 13.34
CA LYS C 468 23.48 -18.63 11.94
C LYS C 468 23.31 -19.84 11.08
N ILE C 469 22.38 -19.78 10.14
CA ILE C 469 22.13 -20.85 9.20
C ILE C 469 22.25 -20.28 7.80
N ASP C 470 23.14 -20.87 7.02
CA ASP C 470 23.37 -20.48 5.64
C ASP C 470 22.67 -21.48 4.74
N ILE C 471 21.90 -20.97 3.78
CA ILE C 471 21.38 -21.80 2.71
C ILE C 471 22.42 -21.91 1.61
N ASP C 472 22.69 -23.14 1.18
CA ASP C 472 23.55 -23.37 0.02
C ASP C 472 22.74 -23.19 -1.26
N GLN C 473 23.03 -22.11 -1.96
CA GLN C 473 22.27 -21.76 -3.15
C GLN C 473 22.44 -22.82 -4.22
N GLU C 474 23.66 -23.33 -4.38
CA GLU C 474 23.95 -24.34 -5.40
C GLU C 474 23.20 -25.67 -5.19
N LYS C 475 23.16 -26.14 -3.95
CA LYS C 475 22.48 -27.40 -3.64
C LYS C 475 20.98 -27.27 -3.86
N ALA C 476 20.40 -26.15 -3.44
CA ALA C 476 18.95 -25.95 -3.59
C ALA C 476 18.56 -25.99 -5.06
N GLN C 477 19.37 -25.34 -5.92
CA GLN C 477 19.10 -25.32 -7.36
C GLN C 477 19.27 -26.70 -8.05
N ALA C 478 20.28 -27.44 -7.62
CA ALA C 478 20.55 -28.80 -8.13
C ALA C 478 19.40 -29.77 -7.83
N LEU C 479 18.73 -29.56 -6.69
CA LEU C 479 17.64 -30.44 -6.29
C LEU C 479 16.28 -29.98 -6.77
N GLY C 480 16.21 -28.75 -7.27
CA GLY C 480 14.95 -28.13 -7.67
C GLY C 480 14.12 -27.60 -6.50
N VAL C 481 14.77 -27.24 -5.38
CA VAL C 481 14.11 -26.69 -4.19
C VAL C 481 14.11 -25.18 -4.31
N SER C 482 12.94 -24.57 -4.37
CA SER C 482 12.82 -23.11 -4.40
C SER C 482 13.32 -22.49 -3.11
N ILE C 483 13.98 -21.35 -3.22
CA ILE C 483 14.44 -20.59 -2.06
C ILE C 483 13.26 -19.99 -1.29
N ASN C 484 12.24 -19.51 -1.99
CA ASN C 484 11.04 -18.97 -1.30
C ASN C 484 10.29 -20.01 -0.49
N ASP C 485 10.26 -21.24 -0.99
CA ASP C 485 9.71 -22.35 -0.23
C ASP C 485 10.53 -22.68 1.00
N ILE C 486 11.85 -22.56 0.88
CA ILE C 486 12.78 -22.69 2.04
C ILE C 486 12.56 -21.61 3.10
N ASN C 487 12.61 -20.35 2.70
CA ASN C 487 12.44 -19.24 3.63
C ASN C 487 11.06 -19.10 4.26
N THR C 488 10.01 -19.40 3.53
CA THR C 488 8.68 -19.54 4.12
C THR C 488 8.63 -20.75 5.10
N THR C 489 9.18 -21.91 4.71
CA THR C 489 9.13 -23.08 5.59
C THR C 489 9.83 -22.80 6.93
N LEU C 490 11.01 -22.19 6.87
CA LEU C 490 11.76 -21.82 8.07
C LEU C 490 11.02 -20.76 8.92
N GLY C 491 10.65 -19.65 8.28
CA GLY C 491 10.02 -18.52 8.98
C GLY C 491 8.65 -18.88 9.53
N ALA C 492 7.87 -19.57 8.72
CA ALA C 492 6.54 -19.97 9.15
C ALA C 492 6.63 -20.90 10.34
N ALA C 493 7.49 -21.89 10.30
CA ALA C 493 7.61 -22.86 11.39
C ALA C 493 8.22 -22.26 12.65
N TRP C 494 9.32 -21.52 12.50
CA TRP C 494 10.09 -21.06 13.66
C TRP C 494 9.72 -19.67 14.19
N GLY C 495 9.34 -18.76 13.29
CA GLY C 495 8.89 -17.41 13.66
C GLY C 495 7.39 -17.14 13.66
N GLY C 496 6.61 -18.08 13.14
CA GLY C 496 5.18 -17.90 13.02
C GLY C 496 4.87 -17.03 11.82
N SER C 497 3.60 -16.99 11.44
CA SER C 497 3.19 -16.26 10.24
C SER C 497 1.73 -15.87 10.25
N TYR C 498 1.47 -14.58 10.22
CA TYR C 498 0.11 -14.07 10.15
C TYR C 498 -0.45 -14.22 8.73
N VAL C 499 -1.24 -15.28 8.53
CA VAL C 499 -1.80 -15.66 7.21
C VAL C 499 -2.91 -14.74 6.76
N ASN C 500 -4.00 -14.71 7.53
CA ASN C 500 -5.20 -13.88 7.24
C ASN C 500 -6.16 -13.76 8.45
N ASP C 501 -7.32 -13.12 8.27
CA ASP C 501 -8.30 -12.98 9.33
C ASP C 501 -9.41 -14.05 9.33
N PHE C 502 -10.05 -14.26 10.49
CA PHE C 502 -11.27 -15.07 10.61
C PHE C 502 -12.30 -14.35 11.48
N ILE C 503 -13.42 -14.99 11.79
CA ILE C 503 -14.50 -14.35 12.52
C ILE C 503 -14.83 -15.19 13.75
N ASP C 504 -14.51 -14.68 14.93
CA ASP C 504 -14.72 -15.41 16.16
C ASP C 504 -15.88 -14.76 16.84
N ARG C 505 -17.00 -15.47 16.91
CA ARG C 505 -18.23 -14.93 17.49
C ARG C 505 -18.55 -13.54 16.91
N GLY C 506 -18.56 -13.45 15.58
CA GLY C 506 -18.85 -12.21 14.86
C GLY C 506 -17.87 -11.07 15.04
N ARG C 507 -16.60 -11.38 15.35
CA ARG C 507 -15.54 -10.37 15.55
C ARG C 507 -14.29 -10.76 14.76
N VAL C 508 -13.77 -9.84 13.95
CA VAL C 508 -12.64 -10.16 13.08
C VAL C 508 -11.36 -10.26 13.91
N LYS C 509 -10.64 -11.35 13.68
CA LYS C 509 -9.46 -11.74 14.46
C LYS C 509 -8.49 -12.47 13.55
N LYS C 510 -7.22 -12.56 13.97
CA LYS C 510 -6.14 -13.07 13.14
C LYS C 510 -6.03 -14.60 13.14
N VAL C 511 -5.25 -15.11 12.19
CA VAL C 511 -4.97 -16.53 12.05
C VAL C 511 -3.48 -16.63 11.85
N TYR C 512 -2.80 -17.30 12.76
CA TYR C 512 -1.36 -17.51 12.73
C TYR C 512 -1.08 -18.99 12.50
N VAL C 513 -0.10 -19.24 11.66
CA VAL C 513 0.46 -20.57 11.46
C VAL C 513 1.83 -20.52 12.11
N MET C 514 2.17 -21.57 12.85
CA MET C 514 3.52 -21.72 13.41
C MET C 514 3.75 -23.19 13.71
N SER C 515 4.99 -23.58 14.02
CA SER C 515 5.25 -24.96 14.44
C SER C 515 4.78 -25.14 15.85
N GLU C 516 4.27 -26.32 16.15
CA GLU C 516 4.06 -26.73 17.53
C GLU C 516 5.40 -26.71 18.24
N ALA C 517 5.38 -26.28 19.50
CA ALA C 517 6.61 -25.87 20.17
C ALA C 517 7.75 -26.90 20.14
N LYS C 518 7.41 -28.19 20.29
CA LYS C 518 8.41 -29.24 20.47
C LYS C 518 9.27 -29.53 19.23
N TYR C 519 8.81 -29.10 18.06
CA TYR C 519 9.54 -29.24 16.79
C TYR C 519 10.26 -27.94 16.34
N ARG C 520 10.34 -26.92 17.20
CA ARG C 520 11.12 -25.68 16.92
C ARG C 520 11.90 -25.16 18.13
N MET C 521 12.52 -26.08 18.88
CA MET C 521 13.22 -25.73 20.12
C MET C 521 14.73 -25.72 20.00
N LEU C 522 15.32 -26.75 19.42
CA LEU C 522 16.79 -26.91 19.37
C LEU C 522 17.32 -27.08 17.95
N PRO C 523 18.64 -26.93 17.76
CA PRO C 523 19.24 -27.08 16.41
C PRO C 523 18.93 -28.39 15.69
N ASP C 524 18.94 -29.51 16.39
CA ASP C 524 18.53 -30.81 15.80
C ASP C 524 17.12 -30.81 15.18
N ASP C 525 16.19 -30.01 15.75
CA ASP C 525 14.84 -29.89 15.20
C ASP C 525 14.85 -29.35 13.76
N ILE C 526 15.90 -28.62 13.34
CA ILE C 526 16.00 -28.09 11.98
C ILE C 526 15.90 -29.18 10.90
N GLY C 527 16.55 -30.30 11.10
CA GLY C 527 16.53 -31.38 10.12
C GLY C 527 15.19 -32.10 9.96
N ASP C 528 14.34 -32.07 11.00
CA ASP C 528 12.96 -32.60 10.92
C ASP C 528 12.10 -31.94 9.85
N TRP C 529 12.40 -30.68 9.49
CA TRP C 529 11.61 -29.89 8.52
C TRP C 529 12.00 -30.13 7.05
N TYR C 530 11.01 -30.51 6.23
CA TYR C 530 11.21 -30.91 4.84
C TYR C 530 10.58 -29.90 3.91
N VAL C 531 11.07 -29.90 2.67
CA VAL C 531 10.60 -28.99 1.64
C VAL C 531 10.44 -29.75 0.33
N ARG C 532 9.37 -29.49 -0.39
CA ARG C 532 9.11 -30.23 -1.60
C ARG C 532 9.80 -29.48 -2.73
N ALA C 533 10.49 -30.24 -3.57
CA ALA C 533 11.19 -29.67 -4.70
C ALA C 533 10.29 -29.79 -5.90
N ALA C 534 10.74 -29.15 -6.98
CA ALA C 534 10.02 -29.07 -8.25
C ALA C 534 9.62 -30.43 -8.81
N ASP C 535 10.47 -31.45 -8.63
CA ASP C 535 10.20 -32.84 -9.08
C ASP C 535 9.20 -33.62 -8.21
N GLY C 536 9.00 -33.20 -6.96
CA GLY C 536 8.06 -33.82 -6.04
C GLY C 536 8.65 -34.47 -4.79
N GLN C 537 9.97 -34.66 -4.76
CA GLN C 537 10.63 -35.31 -3.63
C GLN C 537 10.75 -34.36 -2.43
N MET C 538 10.56 -34.90 -1.22
CA MET C 538 10.73 -34.13 -0.01
C MET C 538 12.20 -34.10 0.32
N VAL C 539 12.74 -32.91 0.60
CA VAL C 539 14.18 -32.73 0.86
C VAL C 539 14.37 -32.13 2.27
N PRO C 540 15.24 -32.74 3.12
CA PRO C 540 15.34 -32.21 4.49
C PRO C 540 16.19 -30.94 4.57
N PHE C 541 15.97 -30.14 5.60
CA PHE C 541 16.75 -28.91 5.77
C PHE C 541 18.26 -29.19 5.81
N SER C 542 18.63 -30.33 6.35
CA SER C 542 20.03 -30.75 6.48
C SER C 542 20.80 -30.90 5.17
N ALA C 543 20.11 -31.11 4.05
CA ALA C 543 20.78 -31.39 2.78
C ALA C 543 21.33 -30.15 2.10
N PHE C 544 20.73 -28.99 2.36
CA PHE C 544 21.06 -27.72 1.68
C PHE C 544 21.36 -26.54 2.62
N SER C 545 21.55 -26.80 3.92
CA SER C 545 21.92 -25.75 4.86
C SER C 545 23.12 -26.19 5.66
N SER C 546 23.87 -25.23 6.15
CA SER C 546 24.93 -25.47 7.14
C SER C 546 24.72 -24.45 8.28
N SER C 547 25.12 -24.78 9.50
CA SER C 547 24.90 -23.86 10.63
C SER C 547 26.08 -23.75 11.58
N ARG C 548 26.07 -22.67 12.38
CA ARG C 548 27.09 -22.40 13.41
C ARG C 548 26.62 -21.36 14.44
N TRP C 549 27.28 -21.33 15.58
CA TRP C 549 27.13 -20.28 16.58
C TRP C 549 28.02 -19.07 16.26
N GLU C 550 27.44 -17.87 16.43
CA GLU C 550 28.17 -16.61 16.34
C GLU C 550 27.56 -15.68 17.38
N TYR C 551 28.01 -14.44 17.45
CA TYR C 551 27.46 -13.45 18.38
C TYR C 551 26.85 -12.26 17.63
N GLY C 552 25.78 -11.69 18.17
CA GLY C 552 25.16 -10.53 17.56
C GLY C 552 24.23 -9.80 18.49
N SER C 553 23.93 -8.55 18.15
CA SER C 553 23.09 -7.72 18.98
C SER C 553 21.65 -8.24 19.05
N PRO C 554 21.11 -8.34 20.25
CA PRO C 554 19.69 -8.50 20.44
C PRO C 554 18.94 -7.17 20.67
N ARG C 555 19.66 -6.05 20.58
CA ARG C 555 19.07 -4.72 20.72
C ARG C 555 20.07 -3.74 20.18
N LEU C 556 19.81 -3.26 18.96
CA LEU C 556 20.70 -2.32 18.26
C LEU C 556 20.14 -0.94 18.47
N GLU C 557 21.01 0.03 18.73
CA GLU C 557 20.53 1.41 18.99
C GLU C 557 21.01 2.39 17.90
N ARG C 558 20.23 3.46 17.68
CA ARG C 558 20.54 4.55 16.75
C ARG C 558 20.18 5.90 17.37
N TYR C 559 20.93 6.91 17.03
CA TYR C 559 20.71 8.24 17.57
C TYR C 559 20.86 9.19 16.39
N ASN C 560 19.92 10.12 16.23
CA ASN C 560 19.85 10.95 15.03
C ASN C 560 20.21 10.20 13.72
N GLY C 561 19.66 9.00 13.54
CA GLY C 561 19.81 8.26 12.28
C GLY C 561 21.10 7.47 12.06
N LEU C 562 22.01 7.50 13.03
CA LEU C 562 23.28 6.76 12.93
C LEU C 562 23.35 5.75 14.07
N PRO C 563 24.04 4.62 13.88
CA PRO C 563 24.17 3.67 14.98
C PRO C 563 24.79 4.30 16.22
N SER C 564 24.37 3.80 17.37
CA SER C 564 24.70 4.43 18.61
C SER C 564 24.71 3.45 19.76
N MET C 565 25.31 3.88 20.86
CA MET C 565 25.30 3.13 22.10
C MET C 565 25.19 4.09 23.26
N GLU C 566 24.05 4.02 23.92
CA GLU C 566 23.77 4.90 25.05
C GLU C 566 24.62 4.49 26.25
N ILE C 567 25.31 5.45 26.83
CA ILE C 567 26.15 5.25 28.02
C ILE C 567 25.65 6.13 29.18
N LEU C 568 25.41 5.53 30.34
CA LEU C 568 24.96 6.25 31.52
C LEU C 568 26.02 6.31 32.60
N GLY C 569 25.90 7.30 33.46
CA GLY C 569 26.83 7.50 34.56
C GLY C 569 26.37 8.56 35.54
N GLN C 570 27.29 8.92 36.42
CA GLN C 570 27.07 10.03 37.37
C GLN C 570 28.38 10.52 37.94
N ALA C 571 28.32 11.71 38.52
CA ALA C 571 29.49 12.31 39.14
C ALA C 571 29.72 11.63 40.49
N ALA C 572 30.95 11.66 40.97
CA ALA C 572 31.31 11.01 42.24
C ALA C 572 30.78 11.83 43.45
N PRO C 573 31.26 11.50 44.67
CA PRO C 573 31.06 12.44 45.77
C PRO C 573 31.70 13.82 45.53
N GLY C 574 30.99 14.88 45.94
CA GLY C 574 31.49 16.26 45.93
C GLY C 574 31.92 16.81 44.57
N LYS C 575 31.29 16.32 43.50
CA LYS C 575 31.60 16.72 42.13
C LYS C 575 30.34 17.17 41.47
N SER C 576 30.35 18.33 40.84
CA SER C 576 29.19 18.79 40.04
C SER C 576 29.13 17.94 38.77
N THR C 577 27.91 17.81 38.22
CA THR C 577 27.68 16.94 37.06
C THR C 577 28.40 17.44 35.79
N GLY C 578 28.40 18.77 35.61
CA GLY C 578 29.10 19.42 34.50
C GLY C 578 30.60 19.18 34.42
N GLU C 579 31.25 18.91 35.55
CA GLU C 579 32.69 18.59 35.57
C GLU C 579 32.96 17.21 34.98
N ALA C 580 32.12 16.25 35.42
CA ALA C 580 32.14 14.84 34.98
C ALA C 580 31.90 14.71 33.47
N MET C 581 30.96 15.52 32.96
CA MET C 581 30.75 15.65 31.51
C MET C 581 32.04 16.07 30.74
N GLU C 582 32.77 17.08 31.24
CA GLU C 582 34.01 17.53 30.57
C GLU C 582 35.03 16.39 30.43
N LEU C 583 35.03 15.45 31.38
CA LEU C 583 35.95 14.30 31.36
C LEU C 583 35.53 13.21 30.38
N MET C 584 34.23 12.89 30.34
CA MET C 584 33.67 11.97 29.33
C MET C 584 34.07 12.46 27.93
N GLU C 585 33.76 13.72 27.66
CA GLU C 585 34.15 14.39 26.41
C GLU C 585 35.62 14.33 26.10
N GLN C 586 36.43 14.41 27.13
CA GLN C 586 37.89 14.33 27.02
C GLN C 586 38.36 12.96 26.57
N LEU C 587 37.85 11.93 27.23
CA LEU C 587 38.18 10.55 26.90
C LEU C 587 37.62 10.23 25.53
N ALA C 588 36.35 10.58 25.32
CA ALA C 588 35.66 10.37 24.04
C ALA C 588 36.39 10.95 22.82
N SER C 589 37.10 12.07 23.00
CA SER C 589 37.95 12.63 21.93
C SER C 589 39.20 11.77 21.63
N LYS C 590 39.52 10.82 22.51
CA LYS C 590 40.64 9.87 22.30
C LYS C 590 40.29 8.57 21.54
N LEU C 591 39.02 8.36 21.18
CA LEU C 591 38.54 7.06 20.65
C LEU C 591 38.97 6.85 19.21
N PRO C 592 38.67 5.67 18.61
CA PRO C 592 39.13 5.47 17.21
C PRO C 592 38.52 6.45 16.21
N THR C 593 39.16 6.63 15.06
CA THR C 593 38.70 7.66 14.10
C THR C 593 37.35 7.19 13.52
N GLY C 594 36.39 8.11 13.39
CA GLY C 594 35.02 7.75 12.98
C GLY C 594 33.98 7.63 14.11
N VAL C 595 34.41 7.68 15.37
CA VAL C 595 33.52 7.59 16.52
C VAL C 595 33.34 8.97 17.15
N GLY C 596 32.10 9.42 17.24
CA GLY C 596 31.81 10.67 17.86
C GLY C 596 30.84 10.44 18.98
N TYR C 597 30.36 11.53 19.54
CA TYR C 597 29.42 11.49 20.63
C TYR C 597 28.45 12.65 20.60
N ASP C 598 27.55 12.65 21.56
CA ASP C 598 26.51 13.68 21.63
C ASP C 598 25.75 13.52 22.96
N TRP C 599 25.25 14.62 23.51
CA TRP C 599 24.57 14.57 24.79
C TRP C 599 23.07 14.54 24.56
N THR C 600 22.37 13.73 25.32
CA THR C 600 20.92 13.54 25.14
C THR C 600 20.16 13.60 26.49
N GLY C 601 18.85 13.38 26.44
CA GLY C 601 18.01 13.28 27.64
C GLY C 601 18.12 14.51 28.54
N MET C 602 18.29 14.28 29.85
CA MET C 602 18.45 15.39 30.81
C MET C 602 19.85 16.03 30.84
N SER C 603 20.72 15.73 29.86
CA SER C 603 22.00 16.43 29.65
C SER C 603 22.02 17.25 28.37
N TYR C 604 20.84 17.55 27.82
CA TYR C 604 20.77 18.32 26.58
C TYR C 604 20.55 19.80 26.92
N GLY D 11 25.51 18.23 -40.12
CA GLY D 11 24.56 19.29 -39.65
C GLY D 11 25.19 20.67 -39.45
N SER D 12 25.30 21.44 -40.54
CA SER D 12 25.86 22.80 -40.53
C SER D 12 24.82 23.84 -40.04
N ASP D 13 25.22 25.12 -39.90
CA ASP D 13 24.35 26.18 -39.33
C ASP D 13 23.09 26.44 -40.16
N LEU D 14 23.22 26.70 -41.46
CA LEU D 14 22.04 26.86 -42.36
C LEU D 14 21.31 25.53 -42.63
N GLY D 15 21.95 24.40 -42.33
CA GLY D 15 21.27 23.12 -42.21
C GLY D 15 20.24 23.16 -41.11
N LYS D 16 20.67 23.43 -39.87
CA LYS D 16 19.78 23.48 -38.70
C LYS D 16 18.69 24.54 -38.79
N LYS D 17 19.03 25.72 -39.29
CA LYS D 17 18.04 26.79 -39.52
C LYS D 17 16.85 26.30 -40.40
N LEU D 18 17.15 25.41 -41.36
CA LEU D 18 16.16 24.90 -42.32
C LEU D 18 15.29 23.81 -41.71
N LEU D 19 15.96 22.84 -41.10
CA LEU D 19 15.28 21.74 -40.42
C LEU D 19 14.26 22.28 -39.45
N GLU D 20 14.67 23.22 -38.62
CA GLU D 20 13.76 23.84 -37.66
C GLU D 20 12.64 24.65 -38.34
N ALA D 21 12.96 25.31 -39.45
CA ALA D 21 12.00 26.15 -40.17
C ALA D 21 10.97 25.33 -40.95
N ALA D 22 11.44 24.25 -41.57
CA ALA D 22 10.57 23.26 -42.22
C ALA D 22 9.58 22.62 -41.25
N ARG D 23 10.02 22.42 -40.00
CA ARG D 23 9.17 21.88 -38.95
C ARG D 23 8.05 22.86 -38.56
N ALA D 24 8.38 24.13 -38.34
CA ALA D 24 7.41 25.14 -37.83
C ALA D 24 6.52 25.80 -38.92
N GLY D 25 6.76 25.49 -40.18
CA GLY D 25 5.93 26.01 -41.27
C GLY D 25 6.18 27.46 -41.65
N ARG D 26 7.34 28.03 -41.28
CA ARG D 26 7.68 29.41 -41.64
C ARG D 26 8.15 29.42 -43.10
N ASP D 27 7.17 29.55 -43.99
CA ASP D 27 7.36 29.47 -45.46
C ASP D 27 8.33 30.52 -45.98
N ASP D 28 8.22 31.74 -45.46
CA ASP D 28 9.12 32.85 -45.85
C ASP D 28 10.56 32.44 -45.57
N GLU D 29 10.83 32.06 -44.33
CA GLU D 29 12.17 31.66 -43.89
C GLU D 29 12.76 30.52 -44.71
N VAL D 30 11.94 29.54 -45.12
CA VAL D 30 12.42 28.44 -45.98
C VAL D 30 12.91 28.99 -47.32
N ARG D 31 12.13 29.91 -47.91
CA ARG D 31 12.53 30.57 -49.16
C ARG D 31 13.85 31.34 -49.00
N ILE D 32 13.96 32.10 -47.91
CA ILE D 32 15.18 32.86 -47.58
C ILE D 32 16.42 31.96 -47.57
N LEU D 33 16.33 30.85 -46.84
CA LEU D 33 17.47 29.95 -46.60
C LEU D 33 17.84 29.16 -47.84
N MET D 34 16.85 28.81 -48.65
CA MET D 34 17.10 28.16 -49.95
C MET D 34 17.99 28.99 -50.89
N ALA D 35 17.72 30.29 -50.96
CA ALA D 35 18.47 31.27 -51.79
C ALA D 35 19.88 31.62 -51.27
N ASN D 36 20.22 31.15 -50.07
CA ASN D 36 21.56 31.25 -49.49
C ASN D 36 22.26 29.89 -49.39
N GLY D 37 21.88 28.96 -50.29
CA GLY D 37 22.54 27.68 -50.47
C GLY D 37 22.35 26.61 -49.42
N ALA D 38 21.26 26.69 -48.65
CA ALA D 38 21.00 25.78 -47.52
C ALA D 38 20.70 24.37 -48.06
N ASP D 39 21.57 23.42 -47.72
CA ASP D 39 21.45 22.00 -48.11
C ASP D 39 20.00 21.49 -47.90
N VAL D 40 19.32 21.12 -49.00
CA VAL D 40 17.95 20.54 -48.95
C VAL D 40 17.91 19.08 -48.44
N ASN D 41 19.09 18.50 -48.28
CA ASN D 41 19.28 17.18 -47.69
C ASN D 41 19.98 17.22 -46.32
N ALA D 42 19.79 18.32 -45.60
CA ALA D 42 20.27 18.41 -44.23
C ALA D 42 19.48 17.40 -43.43
N ALA D 43 20.19 16.45 -42.82
CA ALA D 43 19.57 15.50 -41.90
C ALA D 43 19.81 15.97 -40.46
N ASP D 44 19.01 15.41 -39.56
CA ASP D 44 19.16 15.61 -38.12
C ASP D 44 19.61 14.29 -37.59
N VAL D 45 19.77 14.20 -36.29
CA VAL D 45 20.31 13.00 -35.70
C VAL D 45 19.53 11.68 -35.95
N VAL D 46 18.26 11.76 -36.36
CA VAL D 46 17.49 10.55 -36.74
C VAL D 46 17.33 10.36 -38.26
N GLY D 47 17.98 11.18 -39.06
CA GLY D 47 17.89 11.08 -40.52
C GLY D 47 16.75 11.84 -41.17
N TRP D 48 16.18 12.82 -40.49
CA TRP D 48 15.04 13.54 -41.05
C TRP D 48 15.60 14.73 -41.79
N THR D 49 15.40 14.72 -43.10
CA THR D 49 15.57 15.87 -43.97
C THR D 49 14.39 16.81 -43.71
N PRO D 50 14.45 18.08 -44.17
CA PRO D 50 13.29 18.99 -44.06
C PRO D 50 11.98 18.41 -44.63
N LEU D 51 12.10 17.68 -45.75
CA LEU D 51 10.99 17.01 -46.39
C LEU D 51 10.28 15.99 -45.48
N HIS D 52 11.04 15.30 -44.65
CA HIS D 52 10.47 14.45 -43.62
C HIS D 52 9.65 15.28 -42.62
N LEU D 53 10.23 16.37 -42.17
CA LEU D 53 9.61 17.18 -41.15
C LEU D 53 8.34 17.78 -41.67
N ALA D 54 8.41 18.33 -42.89
CA ALA D 54 7.26 18.96 -43.54
C ALA D 54 6.13 17.95 -43.84
N ALA D 55 6.50 16.76 -44.31
CA ALA D 55 5.55 15.69 -44.56
C ALA D 55 4.90 15.18 -43.27
N TYR D 56 5.64 15.19 -42.16
CA TYR D 56 5.10 14.79 -40.84
C TYR D 56 4.13 15.79 -40.27
N TRP D 57 4.55 17.06 -40.21
CA TRP D 57 3.74 18.13 -39.61
C TRP D 57 2.81 18.88 -40.62
N GLY D 58 2.48 18.25 -41.75
CA GLY D 58 1.53 18.83 -42.74
C GLY D 58 1.74 20.26 -43.24
N HIS D 59 2.95 20.56 -43.70
CA HIS D 59 3.27 21.86 -44.28
C HIS D 59 3.44 21.67 -45.79
N LEU D 60 2.30 21.76 -46.50
CA LEU D 60 2.20 21.46 -47.94
C LEU D 60 3.09 22.35 -48.82
N GLU D 61 3.08 23.66 -48.57
CA GLU D 61 3.85 24.60 -49.38
C GLU D 61 5.34 24.25 -49.34
N ILE D 62 5.85 24.06 -48.14
CA ILE D 62 7.27 23.78 -47.96
C ILE D 62 7.67 22.48 -48.65
N VAL D 63 6.78 21.49 -48.66
CA VAL D 63 7.06 20.21 -49.34
C VAL D 63 7.25 20.44 -50.85
N GLU D 64 6.42 21.29 -51.44
CA GLU D 64 6.56 21.65 -52.85
C GLU D 64 7.84 22.44 -53.05
N VAL D 65 8.02 23.49 -52.23
CA VAL D 65 9.18 24.40 -52.30
C VAL D 65 10.55 23.69 -52.13
N LEU D 66 10.63 22.74 -51.20
CA LEU D 66 11.83 21.92 -51.07
C LEU D 66 12.05 21.08 -52.32
N LEU D 67 11.00 20.40 -52.79
CA LEU D 67 11.09 19.52 -53.98
C LEU D 67 11.51 20.30 -55.24
N LYS D 68 10.92 21.48 -55.39
CA LYS D 68 11.30 22.48 -56.39
C LYS D 68 12.82 22.83 -56.36
N ASN D 69 13.38 22.97 -55.15
CA ASN D 69 14.85 23.14 -54.97
C ASN D 69 15.61 21.79 -54.88
N GLY D 70 15.06 20.72 -55.49
CA GLY D 70 15.78 19.48 -55.69
C GLY D 70 16.01 18.59 -54.49
N ALA D 71 15.06 18.58 -53.55
CA ALA D 71 15.12 17.72 -52.35
C ALA D 71 14.96 16.24 -52.71
N ASP D 72 15.59 15.36 -51.94
CA ASP D 72 15.43 13.92 -52.20
C ASP D 72 14.04 13.49 -51.74
N VAL D 73 13.16 13.23 -52.71
CA VAL D 73 11.83 12.70 -52.44
C VAL D 73 11.82 11.33 -51.70
N ASN D 74 12.88 10.54 -51.89
CA ASN D 74 13.02 9.20 -51.30
C ASN D 74 14.04 9.06 -50.18
N ALA D 75 14.24 10.15 -49.45
CA ALA D 75 15.14 10.18 -48.31
C ALA D 75 14.79 9.10 -47.29
N TYR D 76 15.79 8.41 -46.76
CA TYR D 76 15.63 7.47 -45.66
C TYR D 76 15.99 8.11 -44.33
N ASP D 77 15.16 7.91 -43.31
CA ASP D 77 15.58 8.14 -41.91
C ASP D 77 16.40 6.93 -41.44
N THR D 78 16.84 6.91 -40.18
CA THR D 78 17.77 5.87 -39.77
C THR D 78 17.10 4.51 -39.66
N LEU D 79 15.77 4.45 -39.73
CA LEU D 79 15.02 3.19 -39.67
C LEU D 79 14.42 2.76 -41.01
N GLY D 80 14.77 3.44 -42.09
CA GLY D 80 14.32 3.10 -43.44
C GLY D 80 13.11 3.84 -43.98
N SER D 81 12.63 4.85 -43.24
CA SER D 81 11.34 5.46 -43.51
C SER D 81 11.45 6.80 -44.26
N THR D 82 10.61 6.93 -45.28
CA THR D 82 10.65 7.98 -46.30
C THR D 82 9.57 9.01 -46.02
N PRO D 83 9.70 10.23 -46.56
CA PRO D 83 8.66 11.23 -46.29
C PRO D 83 7.23 10.81 -46.69
N LEU D 84 7.12 9.91 -47.67
CA LEU D 84 5.81 9.44 -48.11
C LEU D 84 5.15 8.65 -46.98
N HIS D 85 5.92 7.73 -46.39
CA HIS D 85 5.49 7.01 -45.18
C HIS D 85 4.84 7.98 -44.18
N LEU D 86 5.52 9.08 -43.89
CA LEU D 86 5.03 9.99 -42.88
C LEU D 86 3.70 10.62 -43.29
N ALA D 87 3.67 11.19 -44.48
CA ALA D 87 2.45 11.77 -45.03
C ALA D 87 1.26 10.77 -45.10
N ALA D 88 1.54 9.52 -45.46
CA ALA D 88 0.53 8.50 -45.49
C ALA D 88 0.01 8.18 -44.10
N HIS D 89 0.91 8.12 -43.12
CA HIS D 89 0.57 7.68 -41.78
C HIS D 89 -0.32 8.71 -41.12
N PHE D 90 -0.02 9.98 -41.28
CA PHE D 90 -0.70 11.02 -40.50
C PHE D 90 -1.89 11.71 -41.18
N GLY D 91 -2.20 11.36 -42.43
CA GLY D 91 -3.40 11.84 -43.11
C GLY D 91 -3.22 13.12 -43.92
N HIS D 92 -2.10 13.23 -44.63
CA HIS D 92 -1.74 14.48 -45.32
C HIS D 92 -1.91 14.30 -46.83
N LEU D 93 -3.18 14.27 -47.23
CA LEU D 93 -3.59 13.82 -48.58
C LEU D 93 -2.90 14.54 -49.74
N GLU D 94 -2.95 15.87 -49.73
CA GLU D 94 -2.35 16.68 -50.81
C GLU D 94 -0.86 16.37 -50.92
N ILE D 95 -0.21 16.26 -49.77
CA ILE D 95 1.23 16.00 -49.70
C ILE D 95 1.58 14.60 -50.18
N VAL D 96 0.70 13.62 -49.96
CA VAL D 96 0.88 12.29 -50.54
C VAL D 96 0.89 12.43 -52.07
N GLU D 97 -0.16 13.10 -52.60
CA GLU D 97 -0.31 13.36 -54.05
C GLU D 97 0.92 14.06 -54.61
N VAL D 98 1.31 15.15 -53.96
CA VAL D 98 2.48 15.95 -54.37
C VAL D 98 3.81 15.18 -54.37
N LEU D 99 4.03 14.33 -53.37
CA LEU D 99 5.26 13.53 -53.31
C LEU D 99 5.32 12.49 -54.45
N LEU D 100 4.25 11.74 -54.60
CA LEU D 100 4.12 10.73 -55.66
C LEU D 100 4.25 11.32 -57.06
N LYS D 101 3.75 12.55 -57.23
CA LYS D 101 3.96 13.36 -58.44
C LYS D 101 5.43 13.55 -58.77
N ASN D 102 6.23 13.90 -57.76
CA ASN D 102 7.66 14.12 -57.97
C ASN D 102 8.54 12.84 -57.85
N GLY D 103 7.95 11.64 -57.98
CA GLY D 103 8.70 10.38 -58.10
C GLY D 103 8.95 9.64 -56.79
N ALA D 104 8.13 9.93 -55.77
CA ALA D 104 8.19 9.20 -54.52
C ALA D 104 7.94 7.72 -54.79
N ASP D 105 8.82 6.89 -54.24
CA ASP D 105 8.70 5.45 -54.32
C ASP D 105 7.42 5.03 -53.57
N VAL D 106 6.49 4.44 -54.31
CA VAL D 106 5.20 4.00 -53.79
C VAL D 106 5.34 2.76 -52.91
N ASN D 107 6.30 1.88 -53.24
CA ASN D 107 6.52 0.62 -52.54
C ASN D 107 7.83 0.64 -51.72
N ALA D 108 8.17 1.83 -51.21
CA ALA D 108 9.31 1.96 -50.31
C ALA D 108 9.04 1.15 -49.05
N LYS D 109 10.03 0.43 -48.57
CA LYS D 109 9.92 -0.34 -47.33
C LYS D 109 10.90 0.19 -46.30
N ASP D 110 10.39 0.46 -45.09
CA ASP D 110 11.25 0.73 -43.95
C ASP D 110 11.84 -0.61 -43.49
N ASP D 111 12.70 -0.56 -42.46
CA ASP D 111 13.43 -1.74 -41.96
C ASP D 111 12.53 -2.90 -41.56
N ASN D 112 11.25 -2.63 -41.34
CA ASN D 112 10.30 -3.62 -40.86
C ASN D 112 9.45 -4.26 -41.95
N GLY D 113 9.67 -3.85 -43.21
CA GLY D 113 8.81 -4.25 -44.33
C GLY D 113 7.54 -3.42 -44.47
N ILE D 114 7.46 -2.32 -43.73
CA ILE D 114 6.28 -1.49 -43.74
C ILE D 114 6.35 -0.52 -44.92
N THR D 115 5.23 -0.43 -45.65
CA THR D 115 5.07 0.40 -46.85
C THR D 115 4.13 1.52 -46.49
N PRO D 116 4.10 2.60 -47.28
CA PRO D 116 3.14 3.69 -47.02
C PRO D 116 1.68 3.23 -46.94
N LEU D 117 1.33 2.25 -47.77
CA LEU D 117 0.01 1.64 -47.81
C LEU D 117 -0.37 1.03 -46.46
N HIS D 118 0.51 0.16 -45.93
CA HIS D 118 0.36 -0.41 -44.57
C HIS D 118 -0.03 0.66 -43.55
N LEU D 119 0.68 1.79 -43.59
CA LEU D 119 0.48 2.85 -42.63
C LEU D 119 -0.86 3.55 -42.83
N ALA D 120 -1.08 4.02 -44.07
CA ALA D 120 -2.36 4.63 -44.47
C ALA D 120 -3.54 3.70 -44.16
N ALA D 121 -3.36 2.43 -44.48
CA ALA D 121 -4.37 1.44 -44.19
C ALA D 121 -4.61 1.36 -42.68
N ASN D 122 -3.55 1.19 -41.92
CA ASN D 122 -3.71 0.95 -40.48
C ASN D 122 -4.44 2.11 -39.75
N ARG D 123 -4.24 3.35 -40.19
CA ARG D 123 -4.96 4.52 -39.62
C ARG D 123 -6.32 4.82 -40.34
N GLY D 124 -6.64 4.01 -41.37
CA GLY D 124 -7.91 4.05 -42.07
C GLY D 124 -8.11 5.29 -42.91
N HIS D 125 -7.01 5.84 -43.43
CA HIS D 125 -7.01 7.07 -44.24
C HIS D 125 -7.34 6.74 -45.69
N LEU D 126 -8.65 6.59 -45.94
CA LEU D 126 -9.16 5.85 -47.11
C LEU D 126 -8.81 6.52 -48.46
N GLU D 127 -8.79 7.86 -48.46
CA GLU D 127 -8.55 8.63 -49.67
C GLU D 127 -7.08 8.51 -50.05
N ILE D 128 -6.21 8.49 -49.04
CA ILE D 128 -4.77 8.26 -49.26
C ILE D 128 -4.49 6.86 -49.79
N VAL D 129 -5.25 5.88 -49.33
CA VAL D 129 -5.09 4.49 -49.78
C VAL D 129 -5.29 4.37 -51.31
N GLU D 130 -6.26 5.12 -51.86
CA GLU D 130 -6.58 5.01 -53.28
C GLU D 130 -5.56 5.73 -54.12
N VAL D 131 -5.22 6.97 -53.75
CA VAL D 131 -4.14 7.72 -54.41
C VAL D 131 -2.89 6.83 -54.53
N LEU D 132 -2.57 6.10 -53.47
CA LEU D 132 -1.44 5.16 -53.42
C LEU D 132 -1.61 4.00 -54.41
N LEU D 133 -2.75 3.32 -54.35
CA LEU D 133 -3.06 2.21 -55.27
C LEU D 133 -2.93 2.68 -56.72
N LYS D 134 -3.52 3.87 -56.97
CA LYS D 134 -3.44 4.57 -58.27
C LYS D 134 -2.01 4.62 -58.82
N TYR D 135 -1.07 5.09 -57.99
CA TYR D 135 0.34 5.26 -58.41
C TYR D 135 1.20 3.97 -58.41
N GLY D 136 0.59 2.79 -58.30
CA GLY D 136 1.27 1.50 -58.55
C GLY D 136 1.53 0.64 -57.33
N ALA D 137 0.72 0.81 -56.27
CA ALA D 137 1.09 0.35 -54.92
C ALA D 137 0.81 -1.12 -54.72
N ASP D 138 1.87 -1.94 -54.64
CA ASP D 138 1.75 -3.40 -54.47
C ASP D 138 0.90 -3.84 -53.25
N VAL D 139 -0.39 -4.08 -53.53
CA VAL D 139 -1.40 -4.38 -52.50
C VAL D 139 -1.15 -5.69 -51.75
N ASN D 140 -0.38 -6.60 -52.34
CA ASN D 140 0.04 -7.83 -51.68
C ASN D 140 1.44 -7.76 -51.06
N ALA D 141 1.92 -6.54 -50.80
CA ALA D 141 3.14 -6.31 -50.02
C ALA D 141 2.95 -6.86 -48.61
N GLN D 142 4.01 -7.44 -48.06
CA GLN D 142 4.01 -7.95 -46.67
C GLN D 142 5.13 -7.32 -45.83
N ASP D 143 4.76 -6.81 -44.65
CA ASP D 143 5.76 -6.42 -43.64
C ASP D 143 6.47 -7.65 -43.05
N LYS D 144 7.39 -7.43 -42.12
CA LYS D 144 8.15 -8.54 -41.54
C LYS D 144 7.31 -9.67 -40.94
N PHE D 145 6.10 -9.38 -40.48
CA PHE D 145 5.20 -10.41 -39.89
C PHE D 145 4.17 -11.03 -40.89
N GLY D 146 4.39 -10.90 -42.19
CA GLY D 146 3.55 -11.54 -43.21
C GLY D 146 2.28 -10.79 -43.58
N LYS D 147 2.10 -9.58 -43.05
CA LYS D 147 0.81 -8.90 -43.09
C LYS D 147 0.65 -7.97 -44.27
N THR D 148 -0.48 -8.09 -44.96
CA THR D 148 -0.88 -7.22 -46.06
C THR D 148 -1.71 -6.06 -45.52
N ALA D 149 -2.03 -5.10 -46.38
CA ALA D 149 -2.96 -4.01 -46.05
C ALA D 149 -4.40 -4.52 -45.86
N PHE D 150 -4.70 -5.66 -46.49
CA PHE D 150 -5.95 -6.39 -46.25
C PHE D 150 -6.01 -6.92 -44.81
N ASP D 151 -5.03 -7.74 -44.43
CA ASP D 151 -4.94 -8.29 -43.07
C ASP D 151 -5.15 -7.24 -42.01
N ILE D 152 -4.57 -6.06 -42.24
CA ILE D 152 -4.74 -4.88 -41.37
C ILE D 152 -6.19 -4.41 -41.30
N SER D 153 -6.82 -4.27 -42.48
CA SER D 153 -8.24 -3.91 -42.56
C SER D 153 -9.17 -4.87 -41.77
N ILE D 154 -8.86 -6.16 -41.78
CA ILE D 154 -9.64 -7.18 -41.04
C ILE D 154 -9.43 -7.05 -39.54
N ASN D 155 -8.18 -6.96 -39.11
CA ASN D 155 -7.85 -6.78 -37.71
C ASN D 155 -8.43 -5.49 -37.11
N ASN D 156 -8.62 -4.46 -37.92
CA ASN D 156 -9.29 -3.21 -37.47
C ASN D 156 -10.82 -3.13 -37.68
N GLY D 157 -11.50 -4.23 -38.04
CA GLY D 157 -12.95 -4.21 -38.34
C GLY D 157 -13.41 -3.18 -39.37
N ASN D 158 -12.49 -2.74 -40.22
CA ASN D 158 -12.69 -1.61 -41.12
C ASN D 158 -13.12 -2.19 -42.46
N GLU D 159 -14.43 -2.29 -42.64
CA GLU D 159 -15.01 -2.95 -43.83
C GLU D 159 -15.07 -2.08 -45.06
N ASP D 160 -15.06 -0.74 -44.89
CA ASP D 160 -14.92 0.20 -46.03
C ASP D 160 -13.61 0.01 -46.81
N LEU D 161 -12.54 -0.28 -46.05
CA LEU D 161 -11.20 -0.48 -46.60
C LEU D 161 -11.07 -1.83 -47.29
N ALA D 162 -11.46 -2.91 -46.60
CA ALA D 162 -11.47 -4.26 -47.20
C ALA D 162 -12.21 -4.31 -48.54
N GLU D 163 -13.28 -3.51 -48.62
CA GLU D 163 -14.07 -3.27 -49.84
C GLU D 163 -13.27 -2.52 -50.91
N ILE D 164 -12.52 -1.48 -50.52
CA ILE D 164 -11.57 -0.82 -51.44
C ILE D 164 -10.46 -1.78 -51.88
N LEU D 165 -9.97 -2.62 -50.97
CA LEU D 165 -8.93 -3.60 -51.29
C LEU D 165 -9.46 -4.81 -52.11
N GLN D 166 -10.79 -4.98 -52.18
CA GLN D 166 -11.49 -5.98 -53.02
C GLN D 166 -11.25 -7.38 -52.49
N GLY E 11 27.14 -26.41 36.48
CA GLY E 11 28.07 -27.30 37.25
C GLY E 11 28.73 -26.65 38.47
N SER E 12 29.57 -25.63 38.23
CA SER E 12 30.21 -24.81 39.28
C SER E 12 29.99 -23.29 39.01
N ASP E 13 29.86 -22.52 40.09
CA ASP E 13 29.55 -21.08 40.02
C ASP E 13 30.73 -20.14 39.66
N LEU E 14 31.96 -20.58 39.96
CA LEU E 14 33.16 -19.90 39.45
C LEU E 14 33.32 -20.17 37.94
N GLY E 15 32.74 -21.26 37.45
CA GLY E 15 32.66 -21.54 36.01
C GLY E 15 32.11 -20.38 35.21
N LYS E 16 30.94 -19.89 35.61
CA LYS E 16 30.26 -18.86 34.84
C LYS E 16 30.97 -17.51 34.93
N LYS E 17 31.56 -17.20 36.08
CA LYS E 17 32.35 -15.98 36.19
C LYS E 17 33.57 -16.06 35.25
N LEU E 18 34.14 -17.26 35.07
CA LEU E 18 35.25 -17.45 34.13
C LEU E 18 34.81 -17.27 32.66
N LEU E 19 33.64 -17.77 32.31
CA LEU E 19 33.07 -17.57 30.97
C LEU E 19 32.83 -16.08 30.63
N GLU E 20 32.21 -15.36 31.55
CA GLU E 20 31.91 -13.94 31.35
C GLU E 20 33.15 -13.08 31.36
N ALA E 21 34.16 -13.51 32.09
CA ALA E 21 35.43 -12.80 32.14
C ALA E 21 36.25 -13.07 30.91
N ALA E 22 36.16 -14.27 30.35
CA ALA E 22 36.86 -14.61 29.10
C ALA E 22 36.23 -13.85 27.94
N ARG E 23 34.90 -13.82 27.94
CA ARG E 23 34.08 -13.08 26.98
C ARG E 23 34.41 -11.57 26.94
N ALA E 24 34.41 -10.94 28.11
CA ALA E 24 34.74 -9.51 28.23
C ALA E 24 36.21 -9.17 27.94
N GLY E 25 37.12 -10.13 28.10
CA GLY E 25 38.55 -9.94 27.90
C GLY E 25 39.32 -9.43 29.11
N ARG E 26 38.80 -9.70 30.30
CA ARG E 26 39.42 -9.24 31.56
C ARG E 26 40.57 -10.19 31.90
N ASP E 27 41.74 -9.89 31.33
CA ASP E 27 42.94 -10.69 31.56
C ASP E 27 43.25 -10.84 33.08
N ASP E 28 42.96 -9.80 33.87
CA ASP E 28 43.11 -9.86 35.34
C ASP E 28 42.22 -10.94 35.98
N GLU E 29 40.90 -10.74 35.94
CA GLU E 29 39.94 -11.66 36.59
C GLU E 29 40.01 -13.10 36.16
N VAL E 30 40.60 -13.39 35.00
CA VAL E 30 40.89 -14.76 34.62
C VAL E 30 41.96 -15.31 35.57
N ARG E 31 43.12 -14.66 35.66
CA ARG E 31 44.22 -15.05 36.56
C ARG E 31 43.73 -15.42 37.98
N ILE E 32 42.87 -14.59 38.56
CA ILE E 32 42.34 -14.79 39.92
C ILE E 32 41.38 -15.98 40.01
N LEU E 33 40.45 -16.10 39.07
CA LEU E 33 39.50 -17.24 39.05
C LEU E 33 40.15 -18.57 38.66
N MET E 34 41.27 -18.53 37.93
CA MET E 34 42.11 -19.72 37.72
C MET E 34 42.74 -20.17 39.03
N ALA E 35 43.41 -19.24 39.71
CA ALA E 35 43.96 -19.45 41.06
C ALA E 35 42.95 -19.92 42.13
N ASN E 36 41.68 -19.50 41.99
CA ASN E 36 40.58 -19.93 42.90
C ASN E 36 39.81 -21.21 42.45
N GLY E 37 40.37 -21.96 41.49
CA GLY E 37 39.93 -23.32 41.15
C GLY E 37 38.82 -23.51 40.11
N ALA E 38 38.60 -22.48 39.28
CA ALA E 38 37.51 -22.52 38.31
C ALA E 38 37.75 -23.58 37.25
N ASP E 39 36.65 -24.22 36.84
CA ASP E 39 36.69 -25.27 35.84
C ASP E 39 37.16 -24.66 34.53
N VAL E 40 38.44 -24.81 34.28
CA VAL E 40 39.05 -24.33 33.06
C VAL E 40 38.24 -24.67 31.77
N ASN E 41 37.63 -25.87 31.70
CA ASN E 41 36.74 -26.28 30.57
C ASN E 41 35.23 -26.21 30.87
N ALA E 42 34.83 -25.23 31.70
CA ALA E 42 33.43 -24.89 31.88
C ALA E 42 32.80 -24.42 30.58
N ALA E 43 31.55 -24.82 30.31
CA ALA E 43 30.90 -24.57 29.02
C ALA E 43 29.53 -23.92 29.14
N ASP E 44 29.25 -22.91 28.31
CA ASP E 44 27.94 -22.22 28.35
C ASP E 44 26.86 -23.01 27.58
N VAL E 45 25.65 -22.45 27.54
CA VAL E 45 24.51 -23.15 26.92
C VAL E 45 24.80 -23.70 25.53
N VAL E 46 25.53 -22.94 24.70
CA VAL E 46 25.83 -23.34 23.31
C VAL E 46 27.06 -24.23 23.14
N GLY E 47 27.73 -24.59 24.23
CA GLY E 47 28.89 -25.49 24.18
C GLY E 47 30.23 -24.79 24.15
N TRP E 48 30.22 -23.48 24.41
CA TRP E 48 31.42 -22.66 24.33
C TRP E 48 32.16 -22.64 25.67
N THR E 49 33.47 -22.78 25.59
CA THR E 49 34.41 -22.78 26.69
C THR E 49 35.09 -21.42 26.73
N PRO E 50 35.78 -21.11 27.84
CA PRO E 50 36.54 -19.88 27.86
C PRO E 50 37.46 -19.74 26.66
N LEU E 51 38.02 -20.86 26.23
CA LEU E 51 38.97 -20.86 25.14
C LEU E 51 38.28 -20.55 23.80
N HIS E 52 37.08 -21.09 23.56
CA HIS E 52 36.22 -20.61 22.43
C HIS E 52 36.01 -19.09 22.46
N LEU E 53 35.51 -18.58 23.58
CA LEU E 53 35.23 -17.15 23.71
C LEU E 53 36.53 -16.37 23.47
N ALA E 54 37.54 -16.56 24.30
CA ALA E 54 38.79 -15.84 24.15
C ALA E 54 39.30 -15.89 22.71
N ALA E 55 39.18 -17.04 22.04
CA ALA E 55 39.54 -17.11 20.61
C ALA E 55 38.69 -16.14 19.78
N TYR E 56 37.37 -16.34 19.82
CA TYR E 56 36.36 -15.53 19.06
C TYR E 56 36.52 -14.01 19.20
N TRP E 57 36.78 -13.55 20.42
CA TRP E 57 36.87 -12.14 20.72
C TRP E 57 38.31 -11.62 20.67
N GLY E 58 39.23 -12.45 20.17
CA GLY E 58 40.61 -12.01 19.89
C GLY E 58 41.56 -11.79 21.06
N HIS E 59 41.20 -12.27 22.25
CA HIS E 59 42.01 -12.08 23.46
C HIS E 59 43.15 -13.12 23.56
N LEU E 60 44.32 -12.81 22.99
CA LEU E 60 45.46 -13.77 22.88
C LEU E 60 46.07 -14.11 24.24
N GLU E 61 46.34 -13.06 25.00
CA GLU E 61 46.76 -13.12 26.41
C GLU E 61 45.99 -14.15 27.26
N ILE E 62 44.66 -14.08 27.19
CA ILE E 62 43.80 -14.99 27.92
C ILE E 62 43.86 -16.39 27.33
N VAL E 63 43.92 -16.48 26.01
CA VAL E 63 44.06 -17.77 25.33
C VAL E 63 45.27 -18.53 25.87
N GLU E 64 46.35 -17.79 26.11
CA GLU E 64 47.65 -18.34 26.60
C GLU E 64 47.56 -18.74 28.04
N VAL E 65 47.04 -17.84 28.87
CA VAL E 65 46.85 -18.09 30.30
C VAL E 65 45.92 -19.29 30.53
N LEU E 66 44.84 -19.38 29.75
CA LEU E 66 43.93 -20.55 29.80
C LEU E 66 44.63 -21.87 29.41
N LEU E 67 45.37 -21.85 28.31
CA LEU E 67 46.02 -23.06 27.81
C LEU E 67 46.99 -23.62 28.83
N LYS E 68 47.79 -22.71 29.41
CA LYS E 68 48.75 -23.03 30.48
C LYS E 68 48.15 -23.86 31.59
N ASN E 69 46.91 -23.57 31.97
CA ASN E 69 46.19 -24.31 33.03
C ASN E 69 45.33 -25.48 32.53
N GLY E 70 45.79 -26.19 31.50
CA GLY E 70 45.17 -27.46 31.06
C GLY E 70 43.94 -27.42 30.18
N ALA E 71 43.53 -26.22 29.74
CA ALA E 71 42.35 -26.08 28.88
C ALA E 71 42.43 -26.99 27.63
N ASP E 72 41.41 -27.83 27.45
CA ASP E 72 41.27 -28.69 26.26
C ASP E 72 41.30 -27.82 24.98
N VAL E 73 42.43 -27.82 24.31
CA VAL E 73 42.60 -27.15 23.02
C VAL E 73 41.64 -27.61 21.90
N ASN E 74 41.13 -28.85 21.93
CA ASN E 74 40.16 -29.32 20.92
C ASN E 74 38.75 -29.59 21.46
N ALA E 75 38.32 -28.74 22.42
CA ALA E 75 36.94 -28.71 22.91
C ALA E 75 36.06 -28.31 21.75
N TYR E 76 34.93 -28.99 21.58
CA TYR E 76 34.03 -28.66 20.50
C TYR E 76 32.67 -28.19 21.07
N ASP E 77 32.03 -27.24 20.39
CA ASP E 77 30.71 -26.74 20.80
C ASP E 77 29.61 -27.73 20.37
N THR E 78 28.34 -27.37 20.57
CA THR E 78 27.20 -28.23 20.25
C THR E 78 27.01 -28.45 18.75
N LEU E 79 27.73 -27.69 17.92
CA LEU E 79 27.76 -27.93 16.49
C LEU E 79 29.13 -28.37 15.95
N GLY E 80 30.06 -28.80 16.79
CA GLY E 80 31.37 -29.31 16.33
C GLY E 80 32.49 -28.32 16.05
N SER E 81 32.25 -27.05 16.32
CA SER E 81 33.22 -25.99 16.06
C SER E 81 34.16 -25.89 17.27
N THR E 82 35.44 -25.61 17.01
CA THR E 82 36.55 -25.65 17.98
C THR E 82 37.13 -24.24 18.12
N PRO E 83 37.92 -23.97 19.17
CA PRO E 83 38.54 -22.64 19.28
C PRO E 83 39.35 -22.20 18.05
N LEU E 84 39.97 -23.16 17.38
CA LEU E 84 40.73 -22.89 16.15
C LEU E 84 39.83 -22.40 15.00
N HIS E 85 38.79 -23.18 14.66
CA HIS E 85 37.71 -22.70 13.74
C HIS E 85 37.46 -21.22 13.94
N LEU E 86 37.14 -20.83 15.17
CA LEU E 86 36.79 -19.47 15.48
C LEU E 86 37.91 -18.47 15.17
N ALA E 87 39.10 -18.70 15.72
CA ALA E 87 40.20 -17.74 15.56
C ALA E 87 40.60 -17.64 14.09
N ALA E 88 40.63 -18.79 13.43
CA ALA E 88 40.84 -18.86 11.99
C ALA E 88 39.78 -18.09 11.17
N HIS E 89 38.51 -18.23 11.53
CA HIS E 89 37.46 -17.53 10.81
C HIS E 89 37.48 -16.04 11.05
N PHE E 90 37.91 -15.58 12.22
CA PHE E 90 37.86 -14.14 12.56
C PHE E 90 39.21 -13.43 12.54
N GLY E 91 40.17 -14.02 11.85
CA GLY E 91 41.43 -13.36 11.54
C GLY E 91 42.42 -13.15 12.67
N HIS E 92 42.27 -13.84 13.79
CA HIS E 92 43.21 -13.72 14.91
C HIS E 92 44.40 -14.66 14.68
N LEU E 93 45.43 -14.14 13.99
CA LEU E 93 46.60 -14.92 13.53
C LEU E 93 47.40 -15.50 14.69
N GLU E 94 47.72 -14.61 15.63
CA GLU E 94 48.52 -14.98 16.78
C GLU E 94 47.84 -16.10 17.58
N ILE E 95 46.55 -15.95 17.81
CA ILE E 95 45.78 -16.95 18.52
C ILE E 95 45.80 -18.26 17.75
N VAL E 96 45.69 -18.21 16.42
CA VAL E 96 45.71 -19.43 15.60
C VAL E 96 47.02 -20.19 15.83
N GLU E 97 48.18 -19.53 15.68
CA GLU E 97 49.51 -20.18 15.91
C GLU E 97 49.65 -20.82 17.27
N VAL E 98 49.25 -20.06 18.29
CA VAL E 98 49.26 -20.51 19.70
C VAL E 98 48.40 -21.76 19.94
N LEU E 99 47.23 -21.81 19.33
CA LEU E 99 46.36 -22.98 19.44
C LEU E 99 47.01 -24.14 18.74
N LEU E 100 47.50 -23.90 17.53
CA LEU E 100 48.20 -24.94 16.78
C LEU E 100 49.43 -25.42 17.54
N LYS E 101 50.18 -24.48 18.15
CA LYS E 101 51.34 -24.82 19.00
C LYS E 101 50.94 -25.80 20.09
N ASN E 102 49.81 -25.56 20.76
CA ASN E 102 49.41 -26.37 21.93
C ASN E 102 48.56 -27.61 21.65
N GLY E 103 48.63 -28.13 20.42
CA GLY E 103 47.96 -29.36 20.04
C GLY E 103 46.79 -29.26 19.10
N ALA E 104 46.30 -28.06 18.78
CA ALA E 104 45.05 -27.93 17.98
C ALA E 104 45.00 -28.81 16.72
N ASP E 105 43.92 -29.58 16.62
CA ASP E 105 43.68 -30.53 15.52
C ASP E 105 43.41 -29.68 14.29
N VAL E 106 44.43 -29.51 13.46
CA VAL E 106 44.35 -28.55 12.35
C VAL E 106 43.31 -28.95 11.27
N ASN E 107 42.93 -30.24 11.21
CA ASN E 107 41.82 -30.70 10.37
C ASN E 107 40.51 -30.99 11.12
N ALA E 108 40.26 -30.26 12.20
CA ALA E 108 38.97 -30.39 12.88
C ALA E 108 37.82 -30.05 11.91
N LYS E 109 36.83 -30.91 11.86
CA LYS E 109 35.63 -30.68 11.09
C LYS E 109 34.46 -30.45 12.05
N ASP E 110 33.62 -29.48 11.75
CA ASP E 110 32.40 -29.27 12.53
C ASP E 110 31.28 -30.18 11.97
N ASP E 111 30.07 -30.07 12.52
CA ASP E 111 28.93 -30.88 12.06
C ASP E 111 28.67 -30.76 10.55
N ASN E 112 29.18 -29.72 9.90
CA ASN E 112 28.98 -29.51 8.46
C ASN E 112 30.14 -29.96 7.61
N GLY E 113 31.23 -30.36 8.26
CA GLY E 113 32.47 -30.71 7.57
C GLY E 113 33.38 -29.53 7.30
N ILE E 114 33.11 -28.40 7.95
CA ILE E 114 33.90 -27.21 7.69
C ILE E 114 35.15 -27.29 8.53
N THR E 115 36.29 -27.05 7.87
CA THR E 115 37.61 -27.07 8.48
C THR E 115 38.06 -25.65 8.73
N PRO E 116 38.95 -25.42 9.71
CA PRO E 116 39.45 -24.04 9.89
C PRO E 116 40.07 -23.44 8.64
N LEU E 117 40.59 -24.28 7.74
CA LEU E 117 41.06 -23.80 6.45
C LEU E 117 39.92 -23.16 5.63
N HIS E 118 38.77 -23.85 5.52
CA HIS E 118 37.62 -23.30 4.77
C HIS E 118 37.22 -21.94 5.32
N LEU E 119 37.24 -21.80 6.65
CA LEU E 119 36.80 -20.57 7.28
C LEU E 119 37.80 -19.47 7.05
N ALA E 120 39.08 -19.78 7.18
CA ALA E 120 40.10 -18.79 6.89
C ALA E 120 39.99 -18.39 5.41
N ALA E 121 39.81 -19.35 4.53
CA ALA E 121 39.76 -19.12 3.07
C ALA E 121 38.57 -18.25 2.62
N ASN E 122 37.40 -18.61 3.15
CA ASN E 122 36.14 -17.91 2.88
C ASN E 122 36.24 -16.42 3.19
N ARG E 123 36.85 -16.06 4.32
CA ARG E 123 36.96 -14.66 4.76
C ARG E 123 38.21 -13.95 4.25
N GLY E 124 39.08 -14.71 3.60
CA GLY E 124 40.20 -14.13 2.88
C GLY E 124 41.38 -13.81 3.76
N HIS E 125 41.53 -14.54 4.88
CA HIS E 125 42.67 -14.36 5.80
C HIS E 125 43.92 -15.13 5.33
N LEU E 126 44.59 -14.64 4.27
CA LEU E 126 45.71 -15.34 3.62
C LEU E 126 46.84 -15.73 4.56
N GLU E 127 47.18 -14.81 5.48
CA GLU E 127 48.21 -15.03 6.50
C GLU E 127 47.95 -16.28 7.36
N ILE E 128 46.70 -16.45 7.79
CA ILE E 128 46.21 -17.64 8.50
C ILE E 128 46.23 -18.92 7.64
N VAL E 129 45.78 -18.82 6.40
CA VAL E 129 45.76 -20.00 5.49
C VAL E 129 47.13 -20.69 5.39
N GLU E 130 48.20 -19.91 5.33
CA GLU E 130 49.56 -20.46 5.18
C GLU E 130 50.04 -21.14 6.44
N VAL E 131 49.80 -20.47 7.56
CA VAL E 131 50.10 -21.03 8.89
C VAL E 131 49.39 -22.38 9.02
N LEU E 132 48.14 -22.46 8.56
CA LEU E 132 47.39 -23.71 8.66
C LEU E 132 48.04 -24.82 7.82
N LEU E 133 48.38 -24.52 6.57
CA LEU E 133 48.99 -25.51 5.65
C LEU E 133 50.29 -26.09 6.18
N LYS E 134 51.15 -25.18 6.67
CA LYS E 134 52.35 -25.52 7.48
C LYS E 134 52.11 -26.59 8.55
N TYR E 135 51.06 -26.43 9.37
CA TYR E 135 50.80 -27.37 10.49
C TYR E 135 50.06 -28.67 10.06
N GLY E 136 49.87 -28.89 8.75
CA GLY E 136 49.31 -30.17 8.25
C GLY E 136 47.96 -30.08 7.57
N ALA E 137 47.31 -28.92 7.67
CA ALA E 137 45.96 -28.71 7.11
C ALA E 137 45.79 -29.35 5.72
N ASP E 138 44.78 -30.20 5.61
CA ASP E 138 44.43 -30.92 4.37
C ASP E 138 43.75 -30.01 3.32
N VAL E 139 44.35 -29.95 2.13
CA VAL E 139 43.92 -29.02 1.06
C VAL E 139 42.71 -29.53 0.29
N ASN E 140 42.59 -30.86 0.16
CA ASN E 140 41.45 -31.47 -0.51
C ASN E 140 40.29 -31.78 0.44
N ALA E 141 40.38 -31.31 1.67
CA ALA E 141 39.28 -31.41 2.61
C ALA E 141 37.96 -30.82 2.04
N GLN E 142 36.94 -31.67 1.91
CA GLN E 142 35.58 -31.24 1.52
C GLN E 142 34.67 -31.01 2.74
N ASP E 143 33.85 -29.94 2.69
CA ASP E 143 32.67 -29.80 3.58
C ASP E 143 31.54 -30.72 3.04
N LYS E 144 30.42 -30.80 3.75
CA LYS E 144 29.32 -31.67 3.33
C LYS E 144 28.82 -31.42 1.90
N PHE E 145 29.04 -30.23 1.32
CA PHE E 145 28.61 -29.95 -0.09
C PHE E 145 29.66 -30.32 -1.14
N GLY E 146 30.86 -30.70 -0.71
CA GLY E 146 31.92 -31.11 -1.59
C GLY E 146 32.94 -30.01 -1.85
N LYS E 147 32.81 -28.87 -1.16
CA LYS E 147 33.67 -27.73 -1.47
C LYS E 147 34.97 -27.77 -0.68
N THR E 148 36.06 -27.69 -1.44
CA THR E 148 37.40 -27.50 -0.89
C THR E 148 37.61 -26.01 -0.65
N ALA E 149 38.69 -25.68 0.05
CA ALA E 149 39.15 -24.28 0.15
C ALA E 149 39.53 -23.71 -1.21
N PHE E 150 39.99 -24.55 -2.15
CA PHE E 150 40.22 -24.11 -3.53
C PHE E 150 38.94 -23.64 -4.25
N ASP E 151 37.89 -24.46 -4.25
CA ASP E 151 36.59 -24.02 -4.77
C ASP E 151 36.11 -22.66 -4.20
N ILE E 152 36.33 -22.47 -2.89
CA ILE E 152 36.02 -21.24 -2.17
C ILE E 152 36.78 -20.03 -2.72
N SER E 153 38.03 -20.22 -3.11
CA SER E 153 38.81 -19.14 -3.75
C SER E 153 38.25 -18.68 -5.11
N ILE E 154 37.83 -19.64 -5.93
CA ILE E 154 37.32 -19.37 -7.28
C ILE E 154 35.99 -18.66 -7.19
N ASN E 155 35.11 -19.23 -6.37
CA ASN E 155 33.76 -18.70 -6.18
C ASN E 155 33.71 -17.31 -5.52
N ASN E 156 34.67 -16.98 -4.67
CA ASN E 156 34.83 -15.60 -4.14
C ASN E 156 35.70 -14.71 -5.03
N GLY E 157 36.27 -15.28 -6.10
CA GLY E 157 37.08 -14.55 -7.06
C GLY E 157 38.30 -13.89 -6.45
N ASN E 158 38.89 -14.58 -5.47
CA ASN E 158 40.14 -14.19 -4.81
C ASN E 158 41.30 -14.91 -5.52
N GLU E 159 41.97 -14.21 -6.42
CA GLU E 159 43.10 -14.75 -7.21
C GLU E 159 44.37 -14.94 -6.36
N ASP E 160 44.58 -14.05 -5.39
CA ASP E 160 45.73 -14.13 -4.48
C ASP E 160 45.73 -15.50 -3.76
N LEU E 161 44.59 -15.84 -3.17
CA LEU E 161 44.39 -17.12 -2.46
C LEU E 161 44.42 -18.36 -3.37
N ALA E 162 44.04 -18.19 -4.63
CA ALA E 162 44.09 -19.28 -5.63
C ALA E 162 45.54 -19.77 -5.92
N GLU E 163 46.47 -18.82 -6.03
CA GLU E 163 47.90 -19.13 -6.18
C GLU E 163 48.43 -19.91 -4.99
N ILE E 164 48.14 -19.41 -3.79
CA ILE E 164 48.62 -20.02 -2.53
C ILE E 164 48.17 -21.50 -2.40
N LEU E 165 46.99 -21.84 -2.95
CA LEU E 165 46.46 -23.22 -2.96
C LEU E 165 46.69 -23.97 -4.29
N GLN E 166 47.81 -23.67 -4.98
CA GLN E 166 48.19 -24.26 -6.29
C GLN E 166 47.04 -24.53 -7.27
N GLY F 11 -47.79 -15.34 -7.04
CA GLY F 11 -48.68 -14.86 -5.95
C GLY F 11 -49.56 -13.69 -6.39
N SER F 12 -50.84 -13.74 -6.00
CA SER F 12 -51.80 -12.62 -6.20
C SER F 12 -51.64 -11.58 -5.06
N ASP F 13 -52.66 -10.76 -4.77
CA ASP F 13 -52.62 -9.89 -3.56
C ASP F 13 -52.69 -10.77 -2.29
N LEU F 14 -53.57 -11.77 -2.29
CA LEU F 14 -53.71 -12.68 -1.12
C LEU F 14 -52.52 -13.64 -0.99
N GLY F 15 -52.02 -14.15 -2.12
CA GLY F 15 -50.78 -14.94 -2.16
C GLY F 15 -49.55 -14.27 -1.52
N LYS F 16 -49.35 -12.98 -1.79
CA LYS F 16 -48.22 -12.23 -1.23
C LYS F 16 -48.36 -11.94 0.26
N LYS F 17 -49.54 -11.57 0.70
CA LYS F 17 -49.78 -11.28 2.12
C LYS F 17 -49.62 -12.54 2.97
N LEU F 18 -50.10 -13.66 2.44
CA LEU F 18 -49.95 -14.96 3.11
C LEU F 18 -48.47 -15.35 3.25
N LEU F 19 -47.71 -15.20 2.17
CA LEU F 19 -46.25 -15.42 2.21
C LEU F 19 -45.54 -14.49 3.22
N GLU F 20 -45.87 -13.19 3.22
CA GLU F 20 -45.34 -12.22 4.19
C GLU F 20 -45.83 -12.46 5.60
N ALA F 21 -47.01 -13.06 5.75
CA ALA F 21 -47.55 -13.40 7.06
C ALA F 21 -47.02 -14.75 7.58
N ALA F 22 -46.82 -15.71 6.67
CA ALA F 22 -46.21 -17.01 7.03
C ALA F 22 -44.76 -16.86 7.47
N ARG F 23 -44.10 -15.90 6.85
CA ARG F 23 -42.72 -15.57 7.12
C ARG F 23 -42.51 -14.85 8.47
N ALA F 24 -43.31 -13.82 8.74
CA ALA F 24 -43.11 -13.00 9.96
C ALA F 24 -43.87 -13.50 11.23
N GLY F 25 -44.51 -14.65 11.15
CA GLY F 25 -45.05 -15.32 12.34
C GLY F 25 -46.36 -14.79 12.90
N ARG F 26 -47.28 -14.46 12.01
CA ARG F 26 -48.60 -13.92 12.38
C ARG F 26 -49.69 -15.01 12.19
N ASP F 27 -49.71 -15.97 13.14
CA ASP F 27 -50.65 -17.14 13.15
C ASP F 27 -52.11 -16.70 12.95
N ASP F 28 -52.50 -15.70 13.73
CA ASP F 28 -53.77 -14.96 13.63
C ASP F 28 -54.22 -14.61 12.20
N GLU F 29 -53.35 -13.92 11.48
CA GLU F 29 -53.68 -13.36 10.17
C GLU F 29 -53.66 -14.44 9.12
N VAL F 30 -52.74 -15.41 9.25
CA VAL F 30 -52.67 -16.57 8.34
C VAL F 30 -54.04 -17.24 8.28
N ARG F 31 -54.62 -17.49 9.47
CA ARG F 31 -55.96 -18.06 9.59
C ARG F 31 -56.98 -17.20 8.85
N ILE F 32 -56.98 -15.89 9.14
CA ILE F 32 -57.88 -14.92 8.50
C ILE F 32 -57.80 -15.01 6.95
N LEU F 33 -56.59 -15.19 6.43
CA LEU F 33 -56.32 -15.23 4.99
C LEU F 33 -56.70 -16.56 4.33
N MET F 34 -56.51 -17.67 5.05
CA MET F 34 -56.96 -19.00 4.60
C MET F 34 -58.48 -19.09 4.50
N ALA F 35 -59.16 -18.64 5.56
CA ALA F 35 -60.63 -18.56 5.63
C ALA F 35 -61.25 -17.46 4.74
N ASN F 36 -60.42 -16.66 4.07
CA ASN F 36 -60.79 -15.90 2.87
C ASN F 36 -60.21 -16.52 1.56
N GLY F 37 -59.98 -17.83 1.58
CA GLY F 37 -59.63 -18.60 0.39
C GLY F 37 -58.30 -18.32 -0.30
N ALA F 38 -57.35 -17.73 0.44
CA ALA F 38 -56.02 -17.37 -0.11
C ALA F 38 -55.26 -18.60 -0.58
N ASP F 39 -54.45 -18.43 -1.62
CA ASP F 39 -53.80 -19.56 -2.24
C ASP F 39 -52.73 -20.15 -1.31
N VAL F 40 -52.98 -21.38 -0.89
CA VAL F 40 -52.15 -22.09 0.08
C VAL F 40 -50.77 -22.38 -0.52
N ASN F 41 -50.75 -22.67 -1.82
CA ASN F 41 -49.53 -23.00 -2.56
C ASN F 41 -48.93 -21.82 -3.37
N ALA F 42 -49.07 -20.60 -2.83
CA ALA F 42 -48.54 -19.38 -3.45
C ALA F 42 -47.01 -19.39 -3.49
N ALA F 43 -46.40 -18.97 -4.60
CA ALA F 43 -44.94 -18.90 -4.75
C ALA F 43 -44.44 -17.43 -4.80
N ASP F 44 -43.22 -17.22 -4.28
CA ASP F 44 -42.44 -15.97 -4.44
C ASP F 44 -41.35 -16.23 -5.47
N VAL F 45 -40.52 -15.21 -5.74
CA VAL F 45 -39.61 -15.24 -6.89
C VAL F 45 -38.77 -16.51 -6.90
N VAL F 46 -38.27 -16.91 -5.73
CA VAL F 46 -37.43 -18.12 -5.59
C VAL F 46 -38.17 -19.49 -5.51
N GLY F 47 -39.50 -19.48 -5.44
CA GLY F 47 -40.31 -20.73 -5.43
C GLY F 47 -40.68 -21.23 -4.03
N TRP F 48 -40.60 -20.33 -3.06
CA TRP F 48 -40.87 -20.67 -1.68
C TRP F 48 -42.36 -20.45 -1.45
N THR F 49 -43.05 -21.53 -1.11
CA THR F 49 -44.43 -21.52 -0.58
C THR F 49 -44.47 -20.93 0.83
N PRO F 50 -45.67 -20.61 1.36
CA PRO F 50 -45.78 -20.24 2.80
C PRO F 50 -45.24 -21.31 3.78
N LEU F 51 -45.42 -22.57 3.41
CA LEU F 51 -44.89 -23.68 4.17
C LEU F 51 -43.35 -23.65 4.21
N HIS F 52 -42.71 -23.46 3.06
CA HIS F 52 -41.26 -23.21 3.03
C HIS F 52 -40.88 -22.12 4.04
N LEU F 53 -41.51 -20.95 3.92
CA LEU F 53 -41.17 -19.80 4.75
C LEU F 53 -41.35 -20.03 6.26
N ALA F 54 -42.41 -20.73 6.65
CA ALA F 54 -42.67 -20.98 8.07
C ALA F 54 -41.76 -22.08 8.64
N ALA F 55 -41.50 -23.12 7.84
CA ALA F 55 -40.52 -24.17 8.16
C ALA F 55 -39.10 -23.65 8.37
N TYR F 56 -38.77 -22.54 7.71
CA TYR F 56 -37.44 -21.91 7.80
C TYR F 56 -37.34 -21.06 9.06
N TRP F 57 -38.30 -20.15 9.23
CA TRP F 57 -38.30 -19.21 10.36
C TRP F 57 -38.83 -19.83 11.66
N GLY F 58 -39.23 -21.10 11.61
CA GLY F 58 -39.48 -21.91 12.82
C GLY F 58 -40.83 -21.76 13.48
N HIS F 59 -41.80 -21.22 12.73
CA HIS F 59 -43.16 -20.99 13.22
C HIS F 59 -43.98 -22.26 13.06
N LEU F 60 -43.89 -23.15 14.06
CA LEU F 60 -44.56 -24.47 14.04
C LEU F 60 -46.07 -24.37 13.79
N GLU F 61 -46.75 -23.53 14.58
CA GLU F 61 -48.22 -23.45 14.52
C GLU F 61 -48.75 -23.07 13.13
N ILE F 62 -47.99 -22.21 12.44
CA ILE F 62 -48.29 -21.84 11.05
C ILE F 62 -48.09 -23.04 10.09
N VAL F 63 -47.07 -23.86 10.33
CA VAL F 63 -46.84 -25.09 9.54
C VAL F 63 -48.02 -26.06 9.67
N GLU F 64 -48.65 -26.08 10.85
CA GLU F 64 -49.79 -26.96 11.11
C GLU F 64 -51.01 -26.43 10.39
N VAL F 65 -51.37 -25.18 10.67
CA VAL F 65 -52.46 -24.51 9.96
C VAL F 65 -52.32 -24.74 8.43
N LEU F 66 -51.11 -24.55 7.88
CA LEU F 66 -50.93 -24.65 6.42
C LEU F 66 -51.20 -26.05 5.87
N LEU F 67 -50.67 -27.06 6.55
CA LEU F 67 -50.93 -28.46 6.18
C LEU F 67 -52.39 -28.86 6.36
N LYS F 68 -53.05 -28.27 7.36
CA LYS F 68 -54.48 -28.46 7.56
C LYS F 68 -55.27 -27.92 6.37
N ASN F 69 -54.91 -26.74 5.86
CA ASN F 69 -55.64 -26.16 4.71
C ASN F 69 -55.24 -26.68 3.32
N GLY F 70 -54.48 -27.78 3.26
CA GLY F 70 -54.20 -28.49 1.98
C GLY F 70 -52.89 -28.16 1.27
N ALA F 71 -51.92 -27.66 2.04
CA ALA F 71 -50.63 -27.29 1.51
C ALA F 71 -49.94 -28.50 0.93
N ASP F 72 -49.22 -28.28 -0.17
CA ASP F 72 -48.33 -29.27 -0.71
C ASP F 72 -47.14 -29.39 0.25
N VAL F 73 -47.09 -30.49 0.98
CA VAL F 73 -45.99 -30.81 1.86
C VAL F 73 -44.67 -31.00 1.11
N ASN F 74 -44.73 -31.51 -0.12
CA ASN F 74 -43.55 -31.77 -0.93
C ASN F 74 -43.33 -30.74 -2.06
N ALA F 75 -43.79 -29.52 -1.83
CA ALA F 75 -43.52 -28.39 -2.71
C ALA F 75 -42.01 -28.13 -2.82
N TYR F 76 -41.47 -28.10 -4.02
CA TYR F 76 -40.05 -27.82 -4.19
C TYR F 76 -39.82 -26.39 -4.74
N ASP F 77 -38.78 -25.71 -4.25
CA ASP F 77 -38.38 -24.38 -4.76
C ASP F 77 -37.61 -24.48 -6.08
N THR F 78 -37.23 -23.32 -6.67
CA THR F 78 -36.59 -23.28 -8.00
C THR F 78 -35.28 -24.03 -8.09
N LEU F 79 -34.69 -24.41 -6.94
CA LEU F 79 -33.54 -25.32 -6.92
C LEU F 79 -33.80 -26.68 -6.23
N GLY F 80 -35.07 -27.09 -6.19
CA GLY F 80 -35.43 -28.45 -5.76
C GLY F 80 -35.51 -28.76 -4.28
N SER F 81 -35.46 -27.75 -3.42
CA SER F 81 -35.52 -27.94 -1.98
C SER F 81 -36.99 -27.91 -1.50
N THR F 82 -37.32 -28.81 -0.57
CA THR F 82 -38.66 -28.92 0.01
C THR F 82 -38.60 -28.39 1.43
N PRO F 83 -39.77 -28.07 2.05
CA PRO F 83 -39.80 -27.58 3.44
C PRO F 83 -39.09 -28.48 4.45
N LEU F 84 -39.07 -29.80 4.21
CA LEU F 84 -38.31 -30.74 5.07
C LEU F 84 -36.81 -30.43 5.06
N HIS F 85 -36.25 -30.24 3.86
CA HIS F 85 -34.87 -29.77 3.70
C HIS F 85 -34.61 -28.57 4.63
N LEU F 86 -35.48 -27.55 4.55
CA LEU F 86 -35.32 -26.31 5.35
C LEU F 86 -35.48 -26.51 6.86
N ALA F 87 -36.39 -27.40 7.26
CA ALA F 87 -36.60 -27.70 8.68
C ALA F 87 -35.46 -28.57 9.22
N ALA F 88 -35.04 -29.56 8.43
CA ALA F 88 -33.93 -30.44 8.81
C ALA F 88 -32.65 -29.62 8.99
N HIS F 89 -32.32 -28.85 7.96
CA HIS F 89 -31.07 -28.07 7.95
C HIS F 89 -30.98 -27.04 9.08
N PHE F 90 -32.08 -26.33 9.37
CA PHE F 90 -32.03 -25.26 10.36
C PHE F 90 -32.44 -25.70 11.76
N GLY F 91 -32.52 -27.01 11.98
CA GLY F 91 -32.65 -27.60 13.32
C GLY F 91 -34.02 -27.55 14.00
N HIS F 92 -35.09 -27.27 13.25
CA HIS F 92 -36.45 -27.14 13.81
C HIS F 92 -37.19 -28.49 13.89
N LEU F 93 -36.89 -29.25 14.94
CA LEU F 93 -37.31 -30.65 15.12
C LEU F 93 -38.83 -30.90 15.18
N GLU F 94 -39.55 -30.02 15.87
CA GLU F 94 -40.99 -30.23 16.09
C GLU F 94 -41.70 -30.17 14.74
N ILE F 95 -41.26 -29.23 13.92
CA ILE F 95 -41.67 -29.06 12.52
C ILE F 95 -41.25 -30.24 11.63
N VAL F 96 -40.11 -30.86 11.89
CA VAL F 96 -39.66 -32.05 11.11
C VAL F 96 -40.60 -33.27 11.32
N GLU F 97 -41.09 -33.41 12.56
CA GLU F 97 -42.13 -34.42 12.88
C GLU F 97 -43.44 -34.15 12.14
N VAL F 98 -43.91 -32.90 12.23
CA VAL F 98 -45.18 -32.51 11.61
C VAL F 98 -45.17 -32.70 10.07
N LEU F 99 -44.08 -32.37 9.40
CA LEU F 99 -44.00 -32.56 7.95
C LEU F 99 -43.99 -34.03 7.52
N LEU F 100 -43.34 -34.88 8.30
CA LEU F 100 -43.22 -36.29 7.97
C LEU F 100 -44.51 -37.09 8.23
N LYS F 101 -45.25 -36.75 9.30
CA LYS F 101 -46.61 -37.28 9.53
C LYS F 101 -47.46 -37.05 8.29
N ASN F 102 -47.48 -35.78 7.88
CA ASN F 102 -48.26 -35.30 6.73
C ASN F 102 -47.69 -35.67 5.38
N GLY F 103 -46.69 -36.54 5.36
CA GLY F 103 -46.27 -37.20 4.13
C GLY F 103 -45.11 -36.57 3.40
N ALA F 104 -44.25 -35.85 4.12
CA ALA F 104 -43.05 -35.27 3.51
C ALA F 104 -42.15 -36.38 2.97
N ASP F 105 -41.63 -36.16 1.76
CA ASP F 105 -40.77 -37.12 1.10
C ASP F 105 -39.43 -37.10 1.85
N VAL F 106 -39.29 -38.04 2.77
CA VAL F 106 -38.10 -38.22 3.62
C VAL F 106 -36.78 -38.40 2.82
N ASN F 107 -36.86 -38.92 1.59
CA ASN F 107 -35.66 -39.08 0.72
C ASN F 107 -35.63 -38.15 -0.50
N ALA F 108 -36.26 -36.98 -0.35
CA ALA F 108 -36.31 -36.00 -1.43
C ALA F 108 -34.91 -35.43 -1.66
N LYS F 109 -34.54 -35.29 -2.91
CA LYS F 109 -33.28 -34.74 -3.35
C LYS F 109 -33.52 -33.35 -3.94
N ASP F 110 -32.69 -32.35 -3.56
CA ASP F 110 -32.70 -31.05 -4.25
C ASP F 110 -31.95 -31.19 -5.60
N ASP F 111 -31.79 -30.11 -6.36
CA ASP F 111 -31.13 -30.21 -7.70
C ASP F 111 -29.70 -30.77 -7.59
N ASN F 112 -29.10 -30.71 -6.40
CA ASN F 112 -27.73 -31.14 -6.16
C ASN F 112 -27.61 -32.57 -5.62
N GLY F 113 -28.76 -33.21 -5.40
CA GLY F 113 -28.82 -34.56 -4.86
C GLY F 113 -28.62 -34.55 -3.38
N ILE F 114 -28.84 -33.40 -2.75
CA ILE F 114 -28.74 -33.27 -1.29
C ILE F 114 -30.12 -33.61 -0.72
N THR F 115 -30.11 -34.48 0.31
CA THR F 115 -31.30 -34.87 1.07
C THR F 115 -31.34 -34.22 2.44
N PRO F 116 -32.54 -34.17 3.07
CA PRO F 116 -32.64 -33.63 4.45
C PRO F 116 -31.77 -34.35 5.48
N LEU F 117 -31.43 -35.62 5.25
CA LEU F 117 -30.49 -36.35 6.09
C LEU F 117 -29.10 -35.71 6.07
N HIS F 118 -28.59 -35.38 4.88
CA HIS F 118 -27.28 -34.71 4.72
C HIS F 118 -27.28 -33.40 5.44
N LEU F 119 -28.34 -32.63 5.25
CA LEU F 119 -28.42 -31.32 5.85
C LEU F 119 -28.45 -31.39 7.37
N ALA F 120 -29.16 -32.36 7.93
CA ALA F 120 -29.22 -32.50 9.38
C ALA F 120 -27.89 -33.01 9.93
N ALA F 121 -27.37 -34.05 9.28
CA ALA F 121 -26.04 -34.58 9.62
C ALA F 121 -24.98 -33.48 9.65
N ASN F 122 -25.03 -32.62 8.65
CA ASN F 122 -24.04 -31.62 8.46
C ASN F 122 -24.05 -30.55 9.55
N ARG F 123 -25.23 -30.09 9.96
CA ARG F 123 -25.33 -29.12 11.06
C ARG F 123 -25.34 -29.79 12.45
N GLY F 124 -25.11 -31.10 12.50
CA GLY F 124 -24.98 -31.80 13.76
C GLY F 124 -26.24 -31.91 14.58
N HIS F 125 -27.42 -31.77 13.95
CA HIS F 125 -28.71 -31.87 14.65
C HIS F 125 -29.06 -33.33 14.85
N LEU F 126 -28.49 -33.91 15.91
CA LEU F 126 -28.53 -35.36 16.18
C LEU F 126 -29.93 -35.92 16.26
N GLU F 127 -30.79 -35.23 17.01
CA GLU F 127 -32.14 -35.72 17.30
C GLU F 127 -32.99 -35.85 16.01
N ILE F 128 -32.81 -34.89 15.11
CA ILE F 128 -33.54 -34.83 13.85
C ILE F 128 -33.14 -35.96 12.93
N VAL F 129 -31.90 -36.40 13.04
CA VAL F 129 -31.38 -37.56 12.26
C VAL F 129 -32.13 -38.83 12.67
N GLU F 130 -32.27 -39.05 13.98
CA GLU F 130 -32.99 -40.21 14.50
C GLU F 130 -34.45 -40.21 14.02
N VAL F 131 -35.10 -39.04 13.96
CA VAL F 131 -36.49 -38.93 13.46
C VAL F 131 -36.57 -39.19 11.95
N LEU F 132 -35.69 -38.55 11.18
CA LEU F 132 -35.57 -38.83 9.75
C LEU F 132 -35.39 -40.32 9.47
N LEU F 133 -34.43 -40.91 10.18
CA LEU F 133 -34.12 -42.35 10.14
C LEU F 133 -35.29 -43.24 10.55
N LYS F 134 -36.01 -42.82 11.59
CA LYS F 134 -37.25 -43.47 12.02
C LYS F 134 -38.31 -43.50 10.92
N TYR F 135 -38.32 -42.53 9.99
CA TYR F 135 -39.22 -42.58 8.81
C TYR F 135 -38.56 -43.23 7.58
N GLY F 136 -37.51 -44.02 7.79
CA GLY F 136 -36.90 -44.80 6.72
C GLY F 136 -35.91 -44.05 5.84
N ALA F 137 -35.29 -43.02 6.42
CA ALA F 137 -34.33 -42.18 5.70
C ALA F 137 -33.15 -43.03 5.19
N ASP F 138 -33.01 -43.09 3.86
CA ASP F 138 -31.96 -43.88 3.19
C ASP F 138 -30.52 -43.41 3.58
N VAL F 139 -29.87 -44.19 4.44
CA VAL F 139 -28.55 -43.88 5.00
C VAL F 139 -27.51 -43.75 3.87
N ASN F 140 -27.57 -44.67 2.90
CA ASN F 140 -26.59 -44.74 1.80
C ASN F 140 -26.77 -43.72 0.67
N ALA F 141 -27.82 -42.88 0.76
CA ALA F 141 -28.11 -41.83 -0.21
C ALA F 141 -26.91 -40.89 -0.43
N GLN F 142 -26.49 -40.77 -1.70
CA GLN F 142 -25.39 -39.93 -2.13
C GLN F 142 -25.87 -38.66 -2.81
N ASP F 143 -25.10 -37.59 -2.68
CA ASP F 143 -25.35 -36.38 -3.48
C ASP F 143 -24.57 -36.50 -4.79
N LYS F 144 -24.65 -35.47 -5.65
CA LYS F 144 -23.85 -35.44 -6.89
C LYS F 144 -22.33 -35.68 -6.73
N PHE F 145 -21.76 -35.38 -5.57
CA PHE F 145 -20.34 -35.61 -5.31
C PHE F 145 -20.11 -36.99 -4.68
N GLY F 146 -21.10 -37.87 -4.73
CA GLY F 146 -21.00 -39.19 -4.09
C GLY F 146 -21.04 -39.28 -2.56
N LYS F 147 -21.23 -38.17 -1.85
CA LYS F 147 -21.09 -38.14 -0.37
C LYS F 147 -22.38 -38.63 0.32
N THR F 148 -22.21 -39.58 1.26
CA THR F 148 -23.28 -40.07 2.16
C THR F 148 -23.24 -39.28 3.47
N ALA F 149 -24.26 -39.45 4.29
CA ALA F 149 -24.28 -38.80 5.60
C ALA F 149 -23.13 -39.27 6.48
N PHE F 150 -22.72 -40.53 6.31
CA PHE F 150 -21.57 -41.07 7.04
C PHE F 150 -20.30 -40.26 6.73
N ASP F 151 -20.04 -40.03 5.44
CA ASP F 151 -18.90 -39.21 5.02
C ASP F 151 -18.86 -37.83 5.67
N ILE F 152 -20.03 -37.17 5.72
CA ILE F 152 -20.22 -35.88 6.40
C ILE F 152 -19.95 -35.99 7.90
N SER F 153 -20.44 -37.08 8.52
CA SER F 153 -20.12 -37.37 9.92
C SER F 153 -18.61 -37.44 10.19
N ILE F 154 -17.87 -38.16 9.33
CA ILE F 154 -16.42 -38.29 9.48
C ILE F 154 -15.71 -36.97 9.24
N ASN F 155 -16.07 -36.30 8.16
CA ASN F 155 -15.42 -35.06 7.77
C ASN F 155 -15.59 -33.99 8.82
N ASN F 156 -16.80 -33.86 9.39
CA ASN F 156 -17.08 -32.90 10.49
C ASN F 156 -16.59 -33.31 11.88
N GLY F 157 -16.05 -34.53 11.99
CA GLY F 157 -15.53 -35.07 13.24
C GLY F 157 -16.57 -35.21 14.34
N ASN F 158 -17.76 -35.66 13.96
CA ASN F 158 -18.88 -35.81 14.89
C ASN F 158 -19.02 -37.31 15.14
N GLU F 159 -18.54 -37.78 16.29
CA GLU F 159 -18.53 -39.22 16.64
C GLU F 159 -19.86 -39.72 17.20
N ASP F 160 -20.57 -38.86 17.92
CA ASP F 160 -21.94 -39.16 18.36
C ASP F 160 -22.79 -39.52 17.13
N LEU F 161 -22.65 -38.72 16.07
CA LEU F 161 -23.35 -38.98 14.80
C LEU F 161 -22.85 -40.23 14.07
N ALA F 162 -21.53 -40.40 14.02
CA ALA F 162 -20.89 -41.51 13.27
C ALA F 162 -21.34 -42.88 13.74
N GLU F 163 -21.63 -42.99 15.04
CA GLU F 163 -22.22 -44.21 15.61
C GLU F 163 -23.71 -44.38 15.26
N ILE F 164 -24.49 -43.30 15.37
CA ILE F 164 -25.92 -43.31 14.98
C ILE F 164 -26.11 -43.76 13.51
N LEU F 165 -25.20 -43.34 12.64
CA LEU F 165 -25.16 -43.80 11.25
C LEU F 165 -24.36 -45.11 11.01
N GLN F 166 -23.82 -45.71 12.08
CA GLN F 166 -22.96 -46.93 12.05
C GLN F 166 -21.74 -46.82 11.13
#